data_2COK
#
_entry.id   2COK
#
_entity_poly.entity_id   1
_entity_poly.type   'polypeptide(L)'
_entity_poly.pdbx_seq_one_letter_code
;GSSGSSGDKPLSNMKILTLGKLSRNKDEVKAMIEKLGGKLTGTANKASLCISTKKEVEKMNKKMEEVKEANIRVVSEDFL
QDVSASTKSLQELFLAHILSSWGAEVKSGPSSG
;
_entity_poly.pdbx_strand_id   A
#
# COMPACT_ATOMS: atom_id res chain seq x y z
N GLY A 1 30.05 -5.53 -6.70
CA GLY A 1 29.68 -5.36 -8.09
C GLY A 1 28.83 -4.11 -8.28
N SER A 2 28.09 -4.08 -9.39
CA SER A 2 27.24 -2.95 -9.70
C SER A 2 26.48 -3.21 -11.00
N SER A 3 25.29 -3.79 -10.85
CA SER A 3 24.46 -4.10 -11.99
C SER A 3 23.09 -4.59 -11.52
N GLY A 4 22.08 -4.27 -12.32
CA GLY A 4 20.71 -4.67 -12.00
C GLY A 4 19.93 -3.49 -11.41
N SER A 5 19.32 -2.73 -12.30
CA SER A 5 18.53 -1.59 -11.90
C SER A 5 17.58 -1.18 -13.02
N SER A 6 16.64 -0.31 -12.67
CA SER A 6 15.66 0.17 -13.63
C SER A 6 14.80 -0.99 -14.14
N GLY A 7 13.57 -1.03 -13.67
CA GLY A 7 12.65 -2.08 -14.06
C GLY A 7 11.22 -1.76 -13.61
N ASP A 8 10.38 -2.78 -13.64
CA ASP A 8 8.98 -2.61 -13.24
C ASP A 8 8.92 -2.44 -11.72
N LYS A 9 8.92 -1.17 -11.30
CA LYS A 9 8.85 -0.85 -9.88
C LYS A 9 7.79 0.21 -9.66
N PRO A 10 6.54 -0.27 -9.35
CA PRO A 10 5.43 0.63 -9.11
C PRO A 10 5.55 1.30 -7.74
N LEU A 11 5.65 0.46 -6.72
CA LEU A 11 5.77 0.95 -5.35
C LEU A 11 7.12 1.64 -5.18
N SER A 12 7.97 1.48 -6.19
CA SER A 12 9.28 2.08 -6.17
C SER A 12 9.22 3.46 -5.53
N ASN A 13 9.72 3.54 -4.30
CA ASN A 13 9.72 4.80 -3.57
C ASN A 13 8.35 5.01 -2.92
N MET A 14 7.93 4.02 -2.15
CA MET A 14 6.65 4.08 -1.47
C MET A 14 6.64 3.18 -0.23
N LYS A 15 6.25 3.78 0.89
CA LYS A 15 6.20 3.05 2.14
C LYS A 15 4.80 2.44 2.31
N ILE A 16 4.73 1.13 2.17
CA ILE A 16 3.47 0.42 2.31
C ILE A 16 3.34 -0.11 3.73
N LEU A 17 2.14 -0.01 4.27
CA LEU A 17 1.87 -0.48 5.62
C LEU A 17 0.90 -1.67 5.56
N THR A 18 1.03 -2.54 6.55
CA THR A 18 0.19 -3.72 6.61
C THR A 18 -0.44 -3.84 8.01
N LEU A 19 -1.65 -4.39 8.04
CA LEU A 19 -2.36 -4.57 9.29
C LEU A 19 -3.10 -5.91 9.27
N GLY A 20 -3.66 -6.26 10.42
CA GLY A 20 -4.38 -7.51 10.54
C GLY A 20 -3.59 -8.67 9.93
N LYS A 21 -4.32 -9.63 9.40
CA LYS A 21 -3.70 -10.79 8.78
C LYS A 21 -4.08 -10.85 7.31
N LEU A 22 -3.07 -11.03 6.47
CA LEU A 22 -3.28 -11.10 5.04
C LEU A 22 -3.01 -12.54 4.57
N SER A 23 -3.32 -12.77 3.31
CA SER A 23 -3.12 -14.08 2.72
C SER A 23 -1.67 -14.53 2.91
N ARG A 24 -0.76 -13.61 2.64
CA ARG A 24 0.66 -13.89 2.78
C ARG A 24 1.16 -13.47 4.16
N ASN A 25 2.43 -13.72 4.41
CA ASN A 25 3.03 -13.38 5.68
C ASN A 25 3.66 -11.98 5.58
N LYS A 26 3.91 -11.39 6.74
CA LYS A 26 4.49 -10.06 6.80
C LYS A 26 5.76 -10.04 5.93
N ASP A 27 6.54 -11.10 6.05
CA ASP A 27 7.77 -11.21 5.30
C ASP A 27 7.45 -11.31 3.80
N GLU A 28 6.75 -12.37 3.45
CA GLU A 28 6.36 -12.60 2.07
C GLU A 28 5.87 -11.29 1.44
N VAL A 29 5.19 -10.50 2.25
CA VAL A 29 4.67 -9.22 1.79
C VAL A 29 5.79 -8.19 1.80
N LYS A 30 6.44 -8.07 2.95
CA LYS A 30 7.52 -7.11 3.10
C LYS A 30 8.49 -7.26 1.94
N ALA A 31 8.61 -8.49 1.46
CA ALA A 31 9.50 -8.77 0.34
C ALA A 31 8.93 -8.15 -0.93
N MET A 32 7.67 -8.47 -1.18
CA MET A 32 6.98 -7.95 -2.36
C MET A 32 7.07 -6.43 -2.42
N ILE A 33 6.51 -5.79 -1.41
CA ILE A 33 6.51 -4.34 -1.34
C ILE A 33 7.92 -3.83 -1.66
N GLU A 34 8.90 -4.66 -1.36
CA GLU A 34 10.29 -4.31 -1.61
C GLU A 34 10.68 -4.70 -3.03
N LYS A 35 10.10 -5.79 -3.50
CA LYS A 35 10.38 -6.27 -4.84
C LYS A 35 9.79 -5.30 -5.86
N LEU A 36 8.65 -4.72 -5.50
CA LEU A 36 7.99 -3.78 -6.37
C LEU A 36 8.74 -2.44 -6.35
N GLY A 37 9.63 -2.32 -5.39
CA GLY A 37 10.42 -1.11 -5.25
C GLY A 37 10.04 -0.34 -3.98
N GLY A 38 8.88 -0.70 -3.44
CA GLY A 38 8.39 -0.06 -2.23
C GLY A 38 9.16 -0.53 -1.00
N LYS A 39 8.55 -0.31 0.15
CA LYS A 39 9.17 -0.72 1.41
C LYS A 39 8.10 -0.78 2.50
N LEU A 40 8.08 -1.91 3.19
CA LEU A 40 7.12 -2.11 4.26
C LEU A 40 7.54 -1.30 5.49
N THR A 41 6.55 -0.67 6.11
CA THR A 41 6.81 0.15 7.29
C THR A 41 5.87 -0.26 8.42
N GLY A 42 6.16 0.26 9.60
CA GLY A 42 5.36 -0.03 10.78
C GLY A 42 4.43 1.14 11.11
N THR A 43 4.90 2.33 10.83
CA THR A 43 4.12 3.54 11.09
C THR A 43 3.20 3.84 9.91
N ALA A 44 1.99 4.26 10.24
CA ALA A 44 1.01 4.59 9.22
C ALA A 44 1.24 6.02 8.74
N ASN A 45 1.48 6.91 9.70
CA ASN A 45 1.72 8.30 9.40
C ASN A 45 2.93 8.43 8.48
N LYS A 46 3.71 7.35 8.44
CA LYS A 46 4.91 7.32 7.62
C LYS A 46 4.75 6.24 6.54
N ALA A 47 3.58 6.22 5.93
CA ALA A 47 3.29 5.26 4.89
C ALA A 47 2.51 5.93 3.76
N SER A 48 2.57 5.31 2.59
CA SER A 48 1.86 5.85 1.43
C SER A 48 0.65 4.98 1.11
N LEU A 49 0.76 3.72 1.47
CA LEU A 49 -0.33 2.77 1.22
C LEU A 49 -0.57 1.94 2.48
N CYS A 50 -1.65 1.19 2.47
CA CYS A 50 -2.01 0.34 3.59
C CYS A 50 -2.66 -0.93 3.06
N ILE A 51 -2.05 -2.05 3.39
CA ILE A 51 -2.55 -3.34 2.96
C ILE A 51 -3.14 -4.09 4.14
N SER A 52 -4.45 -3.96 4.30
CA SER A 52 -5.15 -4.62 5.39
C SER A 52 -6.35 -5.41 4.85
N THR A 53 -7.15 -5.91 5.78
CA THR A 53 -8.33 -6.68 5.41
C THR A 53 -9.60 -5.92 5.81
N LYS A 54 -10.68 -6.25 5.13
CA LYS A 54 -11.96 -5.61 5.39
C LYS A 54 -12.23 -5.63 6.91
N LYS A 55 -11.97 -6.78 7.50
CA LYS A 55 -12.17 -6.95 8.94
C LYS A 55 -11.42 -5.85 9.69
N GLU A 56 -10.15 -5.71 9.34
CA GLU A 56 -9.31 -4.70 9.97
C GLU A 56 -9.96 -3.31 9.86
N VAL A 57 -10.07 -2.85 8.62
CA VAL A 57 -10.67 -1.55 8.36
C VAL A 57 -11.97 -1.43 9.16
N GLU A 58 -12.58 -2.58 9.42
CA GLU A 58 -13.82 -2.62 10.16
C GLU A 58 -13.55 -2.42 11.66
N LYS A 59 -12.46 -3.02 12.12
CA LYS A 59 -12.08 -2.93 13.52
C LYS A 59 -11.86 -1.46 13.88
N MET A 60 -11.09 -0.79 13.04
CA MET A 60 -10.78 0.62 13.27
C MET A 60 -10.03 0.81 14.58
N ASN A 61 -9.12 -0.11 14.85
CA ASN A 61 -8.33 -0.04 16.07
C ASN A 61 -7.37 1.14 15.98
N LYS A 62 -6.49 1.22 16.98
CA LYS A 62 -5.51 2.30 17.03
C LYS A 62 -4.64 2.23 15.78
N LYS A 63 -4.28 1.01 15.40
CA LYS A 63 -3.45 0.80 14.24
C LYS A 63 -4.14 1.39 13.01
N MET A 64 -5.32 0.87 12.72
CA MET A 64 -6.09 1.35 11.58
C MET A 64 -6.38 2.84 11.69
N GLU A 65 -6.44 3.30 12.93
CA GLU A 65 -6.72 4.71 13.19
C GLU A 65 -5.62 5.58 12.58
N GLU A 66 -4.38 5.17 12.81
CA GLU A 66 -3.24 5.90 12.29
C GLU A 66 -3.36 6.08 10.77
N VAL A 67 -3.87 5.04 10.12
CA VAL A 67 -4.05 5.07 8.68
C VAL A 67 -5.16 6.06 8.34
N LYS A 68 -6.21 6.04 9.16
CA LYS A 68 -7.34 6.93 8.95
C LYS A 68 -6.91 8.37 9.21
N GLU A 69 -5.98 8.51 10.15
CA GLU A 69 -5.48 9.84 10.51
C GLU A 69 -4.64 10.41 9.36
N ALA A 70 -3.79 9.56 8.81
CA ALA A 70 -2.93 9.97 7.71
C ALA A 70 -3.70 9.82 6.39
N ASN A 71 -4.98 9.54 6.51
CA ASN A 71 -5.83 9.36 5.34
C ASN A 71 -5.08 8.54 4.30
N ILE A 72 -4.82 7.29 4.66
CA ILE A 72 -4.11 6.38 3.76
C ILE A 72 -5.08 5.30 3.28
N ARG A 73 -5.32 5.31 1.97
CA ARG A 73 -6.21 4.33 1.38
C ARG A 73 -5.74 2.91 1.69
N VAL A 74 -6.65 2.11 2.21
CA VAL A 74 -6.33 0.73 2.55
C VAL A 74 -6.82 -0.20 1.44
N VAL A 75 -5.90 -1.02 0.95
CA VAL A 75 -6.22 -1.95 -0.11
C VAL A 75 -5.98 -3.38 0.37
N SER A 76 -6.36 -4.33 -0.47
CA SER A 76 -6.19 -5.73 -0.14
C SER A 76 -4.79 -6.21 -0.59
N GLU A 77 -4.53 -7.48 -0.32
CA GLU A 77 -3.25 -8.06 -0.68
C GLU A 77 -3.19 -8.32 -2.19
N ASP A 78 -4.36 -8.65 -2.75
CA ASP A 78 -4.45 -8.93 -4.17
C ASP A 78 -3.79 -7.79 -4.95
N PHE A 79 -3.75 -6.62 -4.33
CA PHE A 79 -3.14 -5.46 -4.95
C PHE A 79 -1.70 -5.74 -5.34
N LEU A 80 -0.98 -6.36 -4.41
CA LEU A 80 0.42 -6.68 -4.64
C LEU A 80 0.52 -7.69 -5.79
N GLN A 81 -0.43 -8.62 -5.79
CA GLN A 81 -0.47 -9.65 -6.82
C GLN A 81 -0.82 -9.04 -8.17
N ASP A 82 -1.46 -7.87 -8.11
CA ASP A 82 -1.87 -7.18 -9.32
C ASP A 82 -0.78 -6.19 -9.72
N VAL A 83 -0.44 -5.32 -8.79
CA VAL A 83 0.59 -4.32 -9.03
C VAL A 83 1.77 -4.97 -9.74
N SER A 84 1.97 -6.25 -9.46
CA SER A 84 3.06 -6.99 -10.05
C SER A 84 2.59 -7.62 -11.37
N ALA A 85 1.34 -8.05 -11.37
CA ALA A 85 0.76 -8.67 -12.56
C ALA A 85 -0.49 -7.89 -12.97
N SER A 86 -0.29 -6.63 -13.31
CA SER A 86 -1.38 -5.78 -13.72
C SER A 86 -0.83 -4.47 -14.31
N THR A 87 -1.26 -4.19 -15.54
CA THR A 87 -0.83 -2.98 -16.22
C THR A 87 -1.83 -1.85 -15.99
N LYS A 88 -2.32 -1.77 -14.77
CA LYS A 88 -3.29 -0.74 -14.41
C LYS A 88 -2.58 0.34 -13.57
N SER A 89 -3.16 1.52 -13.62
CA SER A 89 -2.60 2.65 -12.87
C SER A 89 -2.86 2.46 -11.37
N LEU A 90 -1.86 2.83 -10.59
CA LEU A 90 -1.97 2.71 -9.14
C LEU A 90 -3.34 3.19 -8.69
N GLN A 91 -3.61 4.46 -8.98
CA GLN A 91 -4.89 5.06 -8.60
C GLN A 91 -6.02 4.08 -8.86
N GLU A 92 -6.02 3.51 -10.06
CA GLU A 92 -7.04 2.55 -10.43
C GLU A 92 -6.92 1.28 -9.58
N LEU A 93 -5.72 0.71 -9.60
CA LEU A 93 -5.45 -0.49 -8.85
C LEU A 93 -6.01 -0.35 -7.43
N PHE A 94 -5.67 0.78 -6.81
CA PHE A 94 -6.13 1.05 -5.46
C PHE A 94 -7.66 0.94 -5.37
N LEU A 95 -8.33 1.68 -6.24
CA LEU A 95 -9.78 1.68 -6.27
C LEU A 95 -10.27 0.29 -6.68
N ALA A 96 -9.44 -0.40 -7.44
CA ALA A 96 -9.78 -1.74 -7.91
C ALA A 96 -9.59 -2.74 -6.76
N HIS A 97 -8.98 -2.25 -5.70
CA HIS A 97 -8.73 -3.09 -4.53
C HIS A 97 -8.74 -2.22 -3.27
N ILE A 98 -9.67 -1.28 -3.25
CA ILE A 98 -9.80 -0.38 -2.11
C ILE A 98 -10.69 -1.04 -1.05
N LEU A 99 -10.11 -1.20 0.14
CA LEU A 99 -10.83 -1.82 1.24
C LEU A 99 -11.45 -0.72 2.11
N SER A 100 -10.81 0.44 2.09
CA SER A 100 -11.29 1.57 2.87
C SER A 100 -12.04 2.54 1.97
N SER A 101 -12.73 3.48 2.61
CA SER A 101 -13.50 4.47 1.88
C SER A 101 -12.73 5.79 1.84
N TRP A 102 -11.72 5.88 2.68
CA TRP A 102 -10.89 7.08 2.73
C TRP A 102 -9.61 6.82 1.93
N GLY A 103 -8.64 7.69 2.15
CA GLY A 103 -7.36 7.56 1.45
C GLY A 103 -7.36 8.40 0.17
N ALA A 104 -7.48 9.69 0.35
CA ALA A 104 -7.49 10.61 -0.78
C ALA A 104 -6.61 11.82 -0.46
N GLU A 105 -6.63 12.78 -1.37
CA GLU A 105 -5.85 14.00 -1.19
C GLU A 105 -6.10 14.60 0.19
N VAL A 106 -5.03 14.67 0.97
CA VAL A 106 -5.13 15.21 2.32
C VAL A 106 -3.74 15.64 2.79
N LYS A 107 -3.73 16.54 3.76
CA LYS A 107 -2.47 17.02 4.31
C LYS A 107 -1.49 15.86 4.46
N SER A 108 -0.53 15.82 3.54
CA SER A 108 0.47 14.77 3.56
C SER A 108 1.85 15.37 3.80
N GLY A 109 2.83 14.48 3.95
CA GLY A 109 4.20 14.91 4.19
C GLY A 109 4.97 15.03 2.87
N PRO A 110 6.29 14.71 2.94
CA PRO A 110 7.14 14.78 1.76
C PRO A 110 6.87 13.60 0.83
N SER A 111 7.63 13.56 -0.25
CA SER A 111 7.49 12.49 -1.23
C SER A 111 6.14 12.59 -1.93
N SER A 112 6.17 12.49 -3.24
CA SER A 112 4.95 12.57 -4.04
C SER A 112 5.10 11.75 -5.32
N GLY A 113 3.97 11.48 -5.95
CA GLY A 113 3.97 10.72 -7.18
C GLY A 113 2.86 11.20 -8.13
N GLY A 1 23.34 12.00 -7.17
CA GLY A 1 24.42 11.17 -7.67
C GLY A 1 23.86 9.99 -8.48
N SER A 2 23.06 9.17 -7.80
CA SER A 2 22.46 8.01 -8.44
C SER A 2 21.38 8.46 -9.43
N SER A 3 21.56 8.06 -10.68
CA SER A 3 20.62 8.41 -11.72
C SER A 3 20.30 7.18 -12.58
N GLY A 4 19.01 6.93 -12.71
CA GLY A 4 18.55 5.79 -13.50
C GLY A 4 17.03 5.65 -13.43
N SER A 5 16.37 6.32 -14.36
CA SER A 5 14.91 6.28 -14.42
C SER A 5 14.46 5.59 -15.70
N SER A 6 13.35 4.87 -15.60
CA SER A 6 12.80 4.18 -16.74
C SER A 6 11.30 3.94 -16.55
N GLY A 7 10.97 3.23 -15.49
CA GLY A 7 9.58 2.94 -15.18
C GLY A 7 9.47 1.71 -14.27
N ASP A 8 8.31 1.07 -14.34
CA ASP A 8 8.07 -0.12 -13.53
C ASP A 8 8.09 0.27 -12.05
N LYS A 9 7.96 -0.74 -11.20
CA LYS A 9 7.95 -0.52 -9.77
C LYS A 9 6.82 0.44 -9.41
N PRO A 10 5.65 -0.16 -9.05
CA PRO A 10 4.49 0.63 -8.69
C PRO A 10 4.65 1.22 -7.28
N LEU A 11 5.62 0.68 -6.55
CA LEU A 11 5.89 1.15 -5.21
C LEU A 11 7.25 1.83 -5.17
N SER A 12 7.95 1.75 -6.29
CA SER A 12 9.27 2.35 -6.40
C SER A 12 9.28 3.72 -5.73
N ASN A 13 9.72 3.73 -4.47
CA ASN A 13 9.78 4.96 -3.71
C ASN A 13 8.43 5.20 -3.02
N MET A 14 7.98 4.17 -2.31
CA MET A 14 6.72 4.25 -1.60
C MET A 14 6.69 3.29 -0.42
N LYS A 15 6.28 3.81 0.73
CA LYS A 15 6.20 3.00 1.93
C LYS A 15 4.81 2.39 2.04
N ILE A 16 4.79 1.09 2.30
CA ILE A 16 3.54 0.36 2.42
C ILE A 16 3.41 -0.17 3.85
N LEU A 17 2.18 -0.15 4.35
CA LEU A 17 1.92 -0.64 5.69
C LEU A 17 0.93 -1.80 5.62
N THR A 18 1.03 -2.68 6.61
CA THR A 18 0.16 -3.85 6.67
C THR A 18 -0.54 -3.91 8.03
N LEU A 19 -1.79 -4.39 8.00
CA LEU A 19 -2.57 -4.50 9.21
C LEU A 19 -3.27 -5.86 9.23
N GLY A 20 -3.58 -6.32 10.43
CA GLY A 20 -4.26 -7.60 10.60
C GLY A 20 -3.47 -8.72 9.91
N LYS A 21 -4.16 -9.84 9.71
CA LYS A 21 -3.54 -10.98 9.06
C LYS A 21 -3.90 -10.99 7.58
N LEU A 22 -2.95 -11.42 6.77
CA LEU A 22 -3.17 -11.49 5.33
C LEU A 22 -2.96 -12.92 4.85
N SER A 23 -3.23 -13.13 3.57
CA SER A 23 -3.08 -14.44 2.97
C SER A 23 -1.61 -14.87 3.00
N ARG A 24 -0.76 -13.92 2.63
CA ARG A 24 0.68 -14.18 2.60
C ARG A 24 1.30 -13.82 3.95
N ASN A 25 2.61 -14.04 4.03
CA ASN A 25 3.33 -13.75 5.25
C ASN A 25 3.95 -12.35 5.15
N LYS A 26 3.97 -11.66 6.28
CA LYS A 26 4.53 -10.32 6.32
C LYS A 26 5.81 -10.27 5.48
N ASP A 27 6.61 -11.33 5.62
CA ASP A 27 7.86 -11.41 4.89
C ASP A 27 7.57 -11.40 3.38
N GLU A 28 6.86 -12.43 2.94
CA GLU A 28 6.51 -12.53 1.54
C GLU A 28 6.10 -11.17 0.98
N VAL A 29 5.32 -10.45 1.78
CA VAL A 29 4.85 -9.13 1.38
C VAL A 29 6.02 -8.14 1.48
N LYS A 30 6.62 -8.10 2.66
CA LYS A 30 7.74 -7.20 2.89
C LYS A 30 8.70 -7.27 1.70
N ALA A 31 8.91 -8.48 1.22
CA ALA A 31 9.80 -8.69 0.09
C ALA A 31 9.15 -8.16 -1.18
N MET A 32 7.85 -8.41 -1.29
CA MET A 32 7.09 -7.96 -2.44
C MET A 32 7.11 -6.43 -2.55
N ILE A 33 6.72 -5.79 -1.45
CA ILE A 33 6.69 -4.34 -1.41
C ILE A 33 8.07 -3.79 -1.72
N GLU A 34 9.09 -4.59 -1.41
CA GLU A 34 10.46 -4.20 -1.66
C GLU A 34 10.84 -4.49 -3.11
N LYS A 35 10.60 -5.72 -3.53
CA LYS A 35 10.91 -6.13 -4.88
C LYS A 35 10.25 -5.17 -5.87
N LEU A 36 8.98 -4.89 -5.62
CA LEU A 36 8.23 -3.99 -6.47
C LEU A 36 8.96 -2.66 -6.57
N GLY A 37 9.50 -2.22 -5.44
CA GLY A 37 10.22 -0.97 -5.40
C GLY A 37 9.84 -0.15 -4.16
N GLY A 38 8.80 -0.63 -3.48
CA GLY A 38 8.33 0.04 -2.28
C GLY A 38 9.15 -0.37 -1.05
N LYS A 39 8.54 -0.20 0.10
CA LYS A 39 9.20 -0.55 1.36
C LYS A 39 8.16 -0.67 2.46
N LEU A 40 8.20 -1.81 3.14
CA LEU A 40 7.26 -2.07 4.22
C LEU A 40 7.67 -1.25 5.45
N THR A 41 6.67 -0.66 6.09
CA THR A 41 6.91 0.16 7.27
C THR A 41 5.98 -0.27 8.41
N GLY A 42 6.27 0.25 9.59
CA GLY A 42 5.46 -0.05 10.76
C GLY A 42 4.54 1.11 11.11
N THR A 43 5.02 2.31 10.81
CA THR A 43 4.24 3.51 11.10
C THR A 43 3.33 3.85 9.91
N ALA A 44 2.15 4.36 10.24
CA ALA A 44 1.18 4.72 9.23
C ALA A 44 1.50 6.12 8.70
N ASN A 45 1.60 7.05 9.62
CA ASN A 45 1.90 8.43 9.26
C ASN A 45 3.12 8.46 8.33
N LYS A 46 3.93 7.41 8.43
CA LYS A 46 5.12 7.29 7.62
C LYS A 46 4.93 6.17 6.59
N ALA A 47 3.76 6.20 5.94
CA ALA A 47 3.45 5.19 4.95
C ALA A 47 2.67 5.85 3.80
N SER A 48 2.67 5.15 2.66
CA SER A 48 1.97 5.66 1.49
C SER A 48 0.79 4.76 1.16
N LEU A 49 0.92 3.49 1.53
CA LEU A 49 -0.13 2.52 1.28
C LEU A 49 -0.39 1.71 2.55
N CYS A 50 -1.53 1.04 2.56
CA CYS A 50 -1.91 0.23 3.71
C CYS A 50 -2.62 -1.03 3.19
N ILE A 51 -2.04 -2.17 3.52
CA ILE A 51 -2.60 -3.44 3.11
C ILE A 51 -3.23 -4.14 4.32
N SER A 52 -4.53 -3.95 4.46
CA SER A 52 -5.25 -4.56 5.57
C SER A 52 -6.43 -5.38 5.04
N THR A 53 -7.25 -5.85 5.98
CA THR A 53 -8.41 -6.65 5.62
C THR A 53 -9.70 -5.88 5.91
N LYS A 54 -10.74 -6.21 5.16
CA LYS A 54 -12.02 -5.56 5.33
C LYS A 54 -12.37 -5.51 6.82
N LYS A 55 -12.28 -6.65 7.46
CA LYS A 55 -12.58 -6.75 8.88
C LYS A 55 -11.80 -5.66 9.63
N GLU A 56 -10.51 -5.64 9.40
CA GLU A 56 -9.64 -4.66 10.04
C GLU A 56 -10.23 -3.26 9.89
N VAL A 57 -10.25 -2.79 8.65
CA VAL A 57 -10.78 -1.46 8.35
C VAL A 57 -12.08 -1.26 9.12
N GLU A 58 -12.88 -2.31 9.16
CA GLU A 58 -14.16 -2.26 9.86
C GLU A 58 -13.93 -2.04 11.36
N LYS A 59 -12.91 -2.71 11.88
CA LYS A 59 -12.57 -2.61 13.29
C LYS A 59 -12.30 -1.15 13.62
N MET A 60 -11.50 -0.51 12.78
CA MET A 60 -11.16 0.89 12.98
C MET A 60 -10.37 1.08 14.28
N ASN A 61 -9.55 0.07 14.59
CA ASN A 61 -8.74 0.11 15.79
C ASN A 61 -7.68 1.21 15.65
N LYS A 62 -7.00 1.48 16.76
CA LYS A 62 -5.97 2.49 16.77
C LYS A 62 -5.05 2.30 15.56
N LYS A 63 -4.54 1.08 15.44
CA LYS A 63 -3.65 0.75 14.34
C LYS A 63 -4.31 1.16 13.02
N MET A 64 -5.63 1.20 13.05
CA MET A 64 -6.38 1.57 11.86
C MET A 64 -6.65 3.08 11.83
N GLU A 65 -6.85 3.63 13.02
CA GLU A 65 -7.13 5.05 13.14
C GLU A 65 -5.92 5.86 12.66
N GLU A 66 -4.75 5.41 13.03
CA GLU A 66 -3.52 6.08 12.66
C GLU A 66 -3.43 6.19 11.13
N VAL A 67 -3.86 5.13 10.46
CA VAL A 67 -3.83 5.09 9.01
C VAL A 67 -4.90 6.06 8.47
N LYS A 68 -6.01 6.11 9.18
CA LYS A 68 -7.10 6.98 8.78
C LYS A 68 -6.68 8.45 8.93
N GLU A 69 -5.93 8.70 10.00
CA GLU A 69 -5.45 10.05 10.26
C GLU A 69 -4.58 10.54 9.11
N ALA A 70 -3.68 9.67 8.67
CA ALA A 70 -2.78 10.00 7.58
C ALA A 70 -3.51 9.81 6.25
N ASN A 71 -4.78 9.45 6.36
CA ASN A 71 -5.61 9.23 5.18
C ASN A 71 -4.83 8.38 4.18
N ILE A 72 -4.54 7.15 4.60
CA ILE A 72 -3.81 6.22 3.76
C ILE A 72 -4.77 5.15 3.24
N ARG A 73 -5.07 5.24 1.95
CA ARG A 73 -5.97 4.29 1.31
C ARG A 73 -5.56 2.85 1.67
N VAL A 74 -6.52 2.11 2.18
CA VAL A 74 -6.28 0.73 2.55
C VAL A 74 -6.75 -0.20 1.44
N VAL A 75 -5.88 -1.14 1.09
CA VAL A 75 -6.19 -2.09 0.03
C VAL A 75 -5.94 -3.51 0.54
N SER A 76 -6.34 -4.47 -0.27
CA SER A 76 -6.17 -5.87 0.08
C SER A 76 -4.80 -6.37 -0.37
N GLU A 77 -4.55 -7.64 -0.13
CA GLU A 77 -3.29 -8.25 -0.50
C GLU A 77 -3.25 -8.51 -2.01
N ASP A 78 -4.40 -8.89 -2.54
CA ASP A 78 -4.50 -9.17 -3.96
C ASP A 78 -3.89 -8.01 -4.75
N PHE A 79 -3.92 -6.84 -4.15
CA PHE A 79 -3.37 -5.65 -4.79
C PHE A 79 -1.96 -5.92 -5.32
N LEU A 80 -1.13 -6.48 -4.44
CA LEU A 80 0.24 -6.79 -4.81
C LEU A 80 0.25 -7.75 -5.99
N GLN A 81 -0.71 -8.69 -5.96
CA GLN A 81 -0.82 -9.67 -7.02
C GLN A 81 -1.16 -8.98 -8.34
N ASP A 82 -1.79 -7.82 -8.23
CA ASP A 82 -2.17 -7.06 -9.41
C ASP A 82 -1.07 -6.04 -9.73
N VAL A 83 -0.74 -5.23 -8.74
CA VAL A 83 0.29 -4.22 -8.91
C VAL A 83 1.56 -4.88 -9.46
N SER A 84 1.79 -6.10 -9.00
CA SER A 84 2.97 -6.84 -9.44
C SER A 84 2.70 -7.49 -10.79
N ALA A 85 1.44 -7.82 -11.02
CA ALA A 85 1.03 -8.44 -12.27
C ALA A 85 -0.19 -7.73 -12.83
N SER A 86 0.03 -6.48 -13.24
CA SER A 86 -1.04 -5.67 -13.80
C SER A 86 -0.51 -4.30 -14.20
N THR A 87 -0.70 -3.96 -15.46
CA THR A 87 -0.25 -2.69 -15.98
C THR A 87 -1.34 -1.62 -15.83
N LYS A 88 -1.92 -1.59 -14.64
CA LYS A 88 -2.98 -0.65 -14.35
C LYS A 88 -2.42 0.47 -13.47
N SER A 89 -3.06 1.64 -13.56
CA SER A 89 -2.65 2.78 -12.77
C SER A 89 -2.91 2.52 -11.28
N LEU A 90 -1.92 2.86 -10.47
CA LEU A 90 -2.03 2.67 -9.03
C LEU A 90 -3.41 3.11 -8.57
N GLN A 91 -3.69 4.39 -8.76
CA GLN A 91 -4.97 4.95 -8.36
C GLN A 91 -6.10 3.97 -8.70
N GLU A 92 -6.02 3.40 -9.89
CA GLU A 92 -7.02 2.46 -10.33
C GLU A 92 -6.95 1.18 -9.50
N LEU A 93 -5.78 0.55 -9.53
CA LEU A 93 -5.56 -0.68 -8.80
C LEU A 93 -6.14 -0.53 -7.39
N PHE A 94 -5.78 0.58 -6.76
CA PHE A 94 -6.25 0.87 -5.41
C PHE A 94 -7.77 0.77 -5.33
N LEU A 95 -8.44 1.55 -6.17
CA LEU A 95 -9.89 1.56 -6.21
C LEU A 95 -10.39 0.16 -6.58
N ALA A 96 -9.55 -0.56 -7.31
CA ALA A 96 -9.90 -1.91 -7.73
C ALA A 96 -9.68 -2.88 -6.57
N HIS A 97 -9.01 -2.37 -5.54
CA HIS A 97 -8.72 -3.18 -4.37
C HIS A 97 -8.70 -2.29 -3.12
N ILE A 98 -9.69 -1.41 -3.05
CA ILE A 98 -9.79 -0.50 -1.92
C ILE A 98 -10.69 -1.11 -0.85
N LEU A 99 -10.12 -1.27 0.33
CA LEU A 99 -10.87 -1.85 1.45
C LEU A 99 -11.45 -0.72 2.30
N SER A 100 -10.78 0.41 2.26
CA SER A 100 -11.23 1.57 3.02
C SER A 100 -11.94 2.56 2.09
N SER A 101 -12.65 3.50 2.71
CA SER A 101 -13.38 4.51 1.96
C SER A 101 -12.55 5.79 1.87
N TRP A 102 -11.54 5.86 2.72
CA TRP A 102 -10.67 7.03 2.76
C TRP A 102 -9.44 6.73 1.89
N GLY A 103 -8.47 7.62 1.98
CA GLY A 103 -7.24 7.46 1.22
C GLY A 103 -7.28 8.28 -0.07
N ALA A 104 -7.52 9.57 0.10
CA ALA A 104 -7.60 10.47 -1.05
C ALA A 104 -8.99 10.40 -1.66
N GLU A 105 -9.51 11.56 -2.02
CA GLU A 105 -10.83 11.64 -2.61
C GLU A 105 -10.77 11.27 -4.10
N VAL A 106 -11.93 10.98 -4.65
CA VAL A 106 -12.03 10.61 -6.06
C VAL A 106 -13.49 10.51 -6.45
N LYS A 107 -14.13 11.67 -6.57
CA LYS A 107 -15.53 11.72 -6.95
C LYS A 107 -15.65 11.57 -8.46
N SER A 108 -16.70 10.87 -8.87
CA SER A 108 -16.94 10.64 -10.29
C SER A 108 -17.89 11.71 -10.83
N GLY A 109 -17.60 12.15 -12.04
CA GLY A 109 -18.42 13.16 -12.69
C GLY A 109 -18.03 13.33 -14.16
N PRO A 110 -18.15 14.60 -14.66
CA PRO A 110 -17.81 14.90 -16.03
C PRO A 110 -16.30 14.92 -16.24
N SER A 111 -15.91 14.97 -17.50
CA SER A 111 -14.50 14.98 -17.85
C SER A 111 -14.19 16.22 -18.71
N SER A 112 -13.86 17.30 -18.01
CA SER A 112 -13.54 18.55 -18.70
C SER A 112 -12.14 19.02 -18.30
N GLY A 113 -11.97 19.22 -17.00
CA GLY A 113 -10.67 19.66 -16.48
C GLY A 113 -10.13 18.68 -15.46
N GLY A 1 21.33 2.47 1.54
CA GLY A 1 21.30 2.46 0.09
C GLY A 1 20.99 1.05 -0.44
N SER A 2 20.94 0.95 -1.76
CA SER A 2 20.65 -0.33 -2.40
C SER A 2 20.61 -0.16 -3.92
N SER A 3 21.07 -1.18 -4.61
CA SER A 3 21.08 -1.16 -6.07
C SER A 3 19.91 -1.99 -6.61
N GLY A 4 19.71 -1.87 -7.92
CA GLY A 4 18.63 -2.59 -8.58
C GLY A 4 18.58 -2.27 -10.07
N SER A 5 17.62 -2.87 -10.75
CA SER A 5 17.46 -2.66 -12.17
C SER A 5 16.15 -3.29 -12.65
N SER A 6 15.22 -2.42 -13.02
CA SER A 6 13.93 -2.87 -13.50
C SER A 6 13.07 -1.67 -13.91
N GLY A 7 12.06 -1.96 -14.73
CA GLY A 7 11.17 -0.91 -15.21
C GLY A 7 9.71 -1.25 -14.89
N ASP A 8 9.43 -1.33 -13.60
CA ASP A 8 8.08 -1.64 -13.14
C ASP A 8 8.04 -1.60 -11.62
N LYS A 9 8.20 -0.41 -11.08
CA LYS A 9 8.19 -0.23 -9.63
C LYS A 9 7.08 0.75 -9.26
N PRO A 10 5.87 0.17 -8.95
CA PRO A 10 4.73 0.98 -8.57
C PRO A 10 4.89 1.52 -7.15
N LEU A 11 5.72 0.84 -6.37
CA LEU A 11 5.95 1.23 -4.99
C LEU A 11 7.34 1.87 -4.89
N SER A 12 8.06 1.83 -6.00
CA SER A 12 9.40 2.39 -6.04
C SER A 12 9.44 3.71 -5.26
N ASN A 13 9.83 3.60 -4.01
CA ASN A 13 9.91 4.77 -3.15
C ASN A 13 8.55 5.01 -2.49
N MET A 14 8.01 3.94 -1.93
CA MET A 14 6.71 4.03 -1.27
C MET A 14 6.66 3.13 -0.04
N LYS A 15 6.33 3.73 1.09
CA LYS A 15 6.25 2.99 2.34
C LYS A 15 4.84 2.42 2.49
N ILE A 16 4.74 1.11 2.33
CA ILE A 16 3.46 0.43 2.44
C ILE A 16 3.29 -0.11 3.87
N LEU A 17 2.08 0.01 4.38
CA LEU A 17 1.78 -0.46 5.72
C LEU A 17 0.86 -1.68 5.64
N THR A 18 0.82 -2.43 6.72
CA THR A 18 -0.02 -3.61 6.79
C THR A 18 -0.71 -3.71 8.15
N LEU A 19 -1.86 -4.36 8.15
CA LEU A 19 -2.63 -4.52 9.37
C LEU A 19 -3.33 -5.88 9.35
N GLY A 20 -3.73 -6.33 10.54
CA GLY A 20 -4.41 -7.61 10.66
C GLY A 20 -3.54 -8.74 10.12
N LYS A 21 -4.21 -9.74 9.55
CA LYS A 21 -3.51 -10.88 9.00
C LYS A 21 -3.91 -11.05 7.53
N LEU A 22 -2.91 -11.40 6.72
CA LEU A 22 -3.14 -11.59 5.30
C LEU A 22 -2.90 -13.05 4.95
N SER A 23 -3.11 -13.36 3.67
CA SER A 23 -2.91 -14.71 3.18
C SER A 23 -1.43 -15.09 3.24
N ARG A 24 -0.61 -14.13 2.85
CA ARG A 24 0.83 -14.35 2.85
C ARG A 24 1.44 -13.92 4.20
N ASN A 25 2.75 -14.05 4.28
CA ASN A 25 3.46 -13.68 5.49
C ASN A 25 4.05 -12.27 5.33
N LYS A 26 4.13 -11.57 6.46
CA LYS A 26 4.66 -10.21 6.45
C LYS A 26 5.94 -10.19 5.60
N ASP A 27 6.66 -11.30 5.63
CA ASP A 27 7.90 -11.40 4.87
C ASP A 27 7.57 -11.45 3.38
N GLU A 28 6.88 -12.50 2.99
CA GLU A 28 6.50 -12.67 1.60
C GLU A 28 6.00 -11.35 1.01
N VAL A 29 5.34 -10.58 1.86
CA VAL A 29 4.80 -9.29 1.45
C VAL A 29 5.91 -8.24 1.53
N LYS A 30 6.56 -8.20 2.69
CA LYS A 30 7.63 -7.25 2.91
C LYS A 30 8.63 -7.34 1.76
N ALA A 31 8.73 -8.53 1.18
CA ALA A 31 9.64 -8.75 0.07
C ALA A 31 9.03 -8.17 -1.21
N MET A 32 7.74 -8.41 -1.38
CA MET A 32 7.03 -7.91 -2.54
C MET A 32 7.09 -6.39 -2.61
N ILE A 33 6.62 -5.77 -1.54
CA ILE A 33 6.60 -4.32 -1.46
C ILE A 33 8.01 -3.78 -1.74
N GLU A 34 9.00 -4.61 -1.43
CA GLU A 34 10.39 -4.24 -1.64
C GLU A 34 10.79 -4.50 -3.10
N LYS A 35 10.54 -5.74 -3.53
CA LYS A 35 10.87 -6.13 -4.88
C LYS A 35 10.26 -5.13 -5.87
N LEU A 36 9.00 -4.80 -5.62
CA LEU A 36 8.29 -3.86 -6.47
C LEU A 36 9.07 -2.54 -6.52
N GLY A 37 9.59 -2.16 -5.36
CA GLY A 37 10.35 -0.92 -5.25
C GLY A 37 9.98 -0.16 -3.98
N GLY A 38 8.89 -0.59 -3.36
CA GLY A 38 8.42 0.03 -2.14
C GLY A 38 9.22 -0.45 -0.93
N LYS A 39 8.62 -0.30 0.24
CA LYS A 39 9.27 -0.71 1.48
C LYS A 39 8.23 -0.82 2.58
N LEU A 40 8.23 -1.97 3.24
CA LEU A 40 7.28 -2.21 4.32
C LEU A 40 7.73 -1.43 5.56
N THR A 41 6.75 -0.79 6.19
CA THR A 41 7.01 0.00 7.38
C THR A 41 6.12 -0.46 8.53
N GLY A 42 6.43 0.05 9.72
CA GLY A 42 5.67 -0.29 10.90
C GLY A 42 4.60 0.77 11.20
N THR A 43 4.97 2.02 10.94
CA THR A 43 4.06 3.13 11.17
C THR A 43 3.06 3.25 10.01
N ALA A 44 2.04 4.06 10.24
CA ALA A 44 1.02 4.29 9.23
C ALA A 44 1.19 5.68 8.63
N ASN A 45 1.37 6.65 9.51
CA ASN A 45 1.55 8.03 9.08
C ASN A 45 2.78 8.12 8.20
N LYS A 46 3.64 7.11 8.31
CA LYS A 46 4.86 7.08 7.52
C LYS A 46 4.73 6.02 6.43
N ALA A 47 3.54 5.97 5.85
CA ALA A 47 3.27 5.01 4.79
C ALA A 47 2.38 5.67 3.72
N SER A 48 2.52 5.19 2.50
CA SER A 48 1.74 5.72 1.40
C SER A 48 0.52 4.83 1.14
N LEU A 49 0.70 3.55 1.43
CA LEU A 49 -0.37 2.58 1.24
C LEU A 49 -0.56 1.78 2.52
N CYS A 50 -1.74 1.17 2.63
CA CYS A 50 -2.06 0.38 3.80
C CYS A 50 -2.74 -0.92 3.34
N ILE A 51 -2.00 -2.02 3.50
CA ILE A 51 -2.52 -3.32 3.11
C ILE A 51 -3.14 -4.01 4.32
N SER A 52 -4.45 -3.88 4.42
CA SER A 52 -5.19 -4.48 5.52
C SER A 52 -6.37 -5.29 4.98
N THR A 53 -7.20 -5.75 5.90
CA THR A 53 -8.37 -6.54 5.54
C THR A 53 -9.65 -5.77 5.88
N LYS A 54 -10.72 -6.14 5.21
CA LYS A 54 -12.00 -5.51 5.43
C LYS A 54 -12.31 -5.48 6.92
N LYS A 55 -12.19 -6.64 7.55
CA LYS A 55 -12.44 -6.77 8.97
C LYS A 55 -11.73 -5.64 9.71
N GLU A 56 -10.41 -5.61 9.55
CA GLU A 56 -9.60 -4.59 10.20
C GLU A 56 -10.23 -3.22 10.02
N VAL A 57 -10.34 -2.81 8.77
CA VAL A 57 -10.93 -1.52 8.45
C VAL A 57 -12.26 -1.37 9.19
N GLU A 58 -12.95 -2.48 9.33
CA GLU A 58 -14.23 -2.49 10.02
C GLU A 58 -14.02 -2.35 11.53
N LYS A 59 -12.87 -2.84 11.99
CA LYS A 59 -12.55 -2.78 13.40
C LYS A 59 -12.11 -1.36 13.76
N MET A 60 -11.38 -0.75 12.83
CA MET A 60 -10.90 0.61 13.04
C MET A 60 -10.06 0.70 14.31
N ASN A 61 -9.05 -0.15 14.40
CA ASN A 61 -8.17 -0.18 15.54
C ASN A 61 -7.24 1.04 15.49
N LYS A 62 -6.46 1.19 16.55
CA LYS A 62 -5.52 2.30 16.64
C LYS A 62 -4.65 2.31 15.39
N LYS A 63 -4.19 1.13 15.00
CA LYS A 63 -3.34 1.00 13.83
C LYS A 63 -4.06 1.59 12.62
N MET A 64 -5.25 1.07 12.36
CA MET A 64 -6.04 1.54 11.24
C MET A 64 -6.41 3.02 11.41
N GLU A 65 -6.31 3.49 12.65
CA GLU A 65 -6.63 4.86 12.95
C GLU A 65 -5.48 5.78 12.54
N GLU A 66 -4.27 5.22 12.59
CA GLU A 66 -3.09 5.97 12.22
C GLU A 66 -3.07 6.25 10.72
N VAL A 67 -3.76 5.39 9.99
CA VAL A 67 -3.84 5.52 8.54
C VAL A 67 -5.07 6.36 8.18
N LYS A 68 -6.06 6.32 9.06
CA LYS A 68 -7.29 7.06 8.85
C LYS A 68 -7.01 8.55 9.03
N GLU A 69 -5.92 8.85 9.74
CA GLU A 69 -5.54 10.22 9.98
C GLU A 69 -4.72 10.77 8.82
N ALA A 70 -3.82 9.92 8.33
CA ALA A 70 -2.97 10.31 7.22
C ALA A 70 -3.70 10.04 5.90
N ASN A 71 -4.98 9.73 6.03
CA ASN A 71 -5.80 9.44 4.86
C ASN A 71 -5.02 8.54 3.89
N ILE A 72 -4.67 7.36 4.39
CA ILE A 72 -3.93 6.41 3.59
C ILE A 72 -4.86 5.29 3.13
N ARG A 73 -5.23 5.36 1.86
CA ARG A 73 -6.13 4.37 1.28
C ARG A 73 -5.69 2.96 1.69
N VAL A 74 -6.66 2.19 2.15
CA VAL A 74 -6.39 0.82 2.58
C VAL A 74 -6.81 -0.15 1.47
N VAL A 75 -5.88 -1.02 1.12
CA VAL A 75 -6.14 -2.00 0.08
C VAL A 75 -5.88 -3.40 0.62
N SER A 76 -6.23 -4.40 -0.18
CA SER A 76 -6.04 -5.78 0.22
C SER A 76 -4.71 -6.31 -0.33
N GLU A 77 -4.42 -7.55 0.01
CA GLU A 77 -3.19 -8.17 -0.44
C GLU A 77 -3.27 -8.50 -1.94
N ASP A 78 -4.49 -8.44 -2.45
CA ASP A 78 -4.72 -8.72 -3.86
C ASP A 78 -4.15 -7.58 -4.70
N PHE A 79 -3.91 -6.46 -4.04
CA PHE A 79 -3.37 -5.29 -4.72
C PHE A 79 -1.95 -5.56 -5.22
N LEU A 80 -1.17 -6.23 -4.38
CA LEU A 80 0.20 -6.56 -4.73
C LEU A 80 0.20 -7.52 -5.92
N GLN A 81 -0.73 -8.47 -5.88
CA GLN A 81 -0.83 -9.46 -6.93
C GLN A 81 -1.16 -8.77 -8.27
N ASP A 82 -1.89 -7.66 -8.15
CA ASP A 82 -2.28 -6.91 -9.33
C ASP A 82 -1.18 -5.91 -9.68
N VAL A 83 -0.83 -5.08 -8.69
CA VAL A 83 0.20 -4.08 -8.88
C VAL A 83 1.45 -4.75 -9.45
N SER A 84 1.61 -6.03 -9.12
CA SER A 84 2.75 -6.78 -9.59
C SER A 84 2.42 -7.47 -10.91
N ALA A 85 1.15 -7.83 -11.05
CA ALA A 85 0.69 -8.48 -12.26
C ALA A 85 -0.52 -7.73 -12.82
N SER A 86 -0.27 -6.48 -13.19
CA SER A 86 -1.34 -5.65 -13.74
C SER A 86 -0.74 -4.33 -14.25
N THR A 87 -1.00 -4.06 -15.52
CA THR A 87 -0.50 -2.84 -16.14
C THR A 87 -1.52 -1.72 -15.99
N LYS A 88 -2.07 -1.61 -14.78
CA LYS A 88 -3.05 -0.58 -14.51
C LYS A 88 -2.42 0.51 -13.64
N SER A 89 -3.09 1.65 -13.60
CA SER A 89 -2.60 2.78 -12.82
C SER A 89 -2.89 2.55 -11.33
N LEU A 90 -1.94 2.95 -10.51
CA LEU A 90 -2.07 2.80 -9.08
C LEU A 90 -3.48 3.24 -8.64
N GLN A 91 -3.77 4.50 -8.93
CA GLN A 91 -5.07 5.05 -8.58
C GLN A 91 -6.18 4.03 -8.84
N GLU A 92 -6.12 3.44 -10.03
CA GLU A 92 -7.11 2.44 -10.40
C GLU A 92 -6.95 1.18 -9.55
N LEU A 93 -5.75 0.62 -9.60
CA LEU A 93 -5.44 -0.58 -8.84
C LEU A 93 -6.01 -0.44 -7.43
N PHE A 94 -5.69 0.68 -6.80
CA PHE A 94 -6.16 0.95 -5.45
C PHE A 94 -7.68 0.78 -5.36
N LEU A 95 -8.39 1.49 -6.22
CA LEU A 95 -9.84 1.43 -6.24
C LEU A 95 -10.27 0.00 -6.60
N ALA A 96 -9.41 -0.67 -7.34
CA ALA A 96 -9.69 -2.03 -7.77
C ALA A 96 -9.42 -2.98 -6.60
N HIS A 97 -8.80 -2.45 -5.57
CA HIS A 97 -8.48 -3.23 -4.39
C HIS A 97 -8.54 -2.34 -3.14
N ILE A 98 -9.55 -1.48 -3.12
CA ILE A 98 -9.74 -0.58 -2.00
C ILE A 98 -10.63 -1.24 -0.96
N LEU A 99 -10.10 -1.36 0.25
CA LEU A 99 -10.83 -1.98 1.34
C LEU A 99 -11.53 -0.89 2.16
N SER A 100 -10.92 0.30 2.15
CA SER A 100 -11.47 1.42 2.87
C SER A 100 -12.17 2.38 1.91
N SER A 101 -12.76 3.42 2.48
CA SER A 101 -13.47 4.41 1.68
C SER A 101 -12.67 5.71 1.64
N TRP A 102 -11.71 5.81 2.55
CA TRP A 102 -10.87 6.99 2.62
C TRP A 102 -9.60 6.73 1.80
N GLY A 103 -8.64 7.63 1.96
CA GLY A 103 -7.38 7.50 1.25
C GLY A 103 -7.35 8.43 0.04
N ALA A 104 -7.40 9.73 0.33
CA ALA A 104 -7.38 10.72 -0.74
C ALA A 104 -6.62 11.96 -0.25
N GLU A 105 -6.70 13.02 -1.03
CA GLU A 105 -6.03 14.26 -0.70
C GLU A 105 -6.30 14.63 0.76
N VAL A 106 -5.30 15.24 1.39
CA VAL A 106 -5.42 15.65 2.77
C VAL A 106 -4.20 16.48 3.17
N LYS A 107 -4.20 16.92 4.41
CA LYS A 107 -3.10 17.72 4.93
C LYS A 107 -2.06 16.79 5.57
N SER A 108 -1.31 16.12 4.71
CA SER A 108 -0.29 15.20 5.17
C SER A 108 1.08 15.66 4.68
N GLY A 109 1.21 15.76 3.37
CA GLY A 109 2.45 16.18 2.76
C GLY A 109 2.37 16.13 1.23
N PRO A 110 3.34 16.81 0.58
CA PRO A 110 3.38 16.85 -0.88
C PRO A 110 3.89 15.53 -1.44
N SER A 111 4.98 15.04 -0.83
CA SER A 111 5.57 13.79 -1.26
C SER A 111 4.48 12.77 -1.61
N SER A 112 4.65 12.12 -2.74
CA SER A 112 3.69 11.12 -3.19
C SER A 112 4.31 10.25 -4.28
N GLY A 113 3.65 9.15 -4.57
CA GLY A 113 4.12 8.23 -5.59
C GLY A 113 3.85 8.78 -7.00
N GLY A 1 16.40 16.40 -21.94
CA GLY A 1 17.63 15.97 -21.29
C GLY A 1 17.76 14.45 -21.34
N SER A 2 18.90 13.97 -20.86
CA SER A 2 19.17 12.55 -20.85
C SER A 2 18.07 11.82 -20.06
N SER A 3 17.61 10.72 -20.63
CA SER A 3 16.57 9.92 -20.01
C SER A 3 16.50 8.54 -20.66
N GLY A 4 16.37 7.54 -19.81
CA GLY A 4 16.29 6.17 -20.29
C GLY A 4 15.99 5.20 -19.14
N SER A 5 16.72 4.09 -19.13
CA SER A 5 16.56 3.08 -18.10
C SER A 5 15.10 2.60 -18.09
N SER A 6 14.88 1.53 -17.33
CA SER A 6 13.55 0.95 -17.22
C SER A 6 13.46 0.10 -15.95
N GLY A 7 12.22 -0.22 -15.59
CA GLY A 7 11.98 -1.03 -14.41
C GLY A 7 10.51 -0.94 -13.98
N ASP A 8 9.96 -2.10 -13.63
CA ASP A 8 8.57 -2.17 -13.22
C ASP A 8 8.50 -2.07 -11.69
N LYS A 9 8.57 -0.83 -11.20
CA LYS A 9 8.52 -0.58 -9.77
C LYS A 9 7.42 0.44 -9.47
N PRO A 10 6.20 -0.10 -9.21
CA PRO A 10 5.06 0.75 -8.90
C PRO A 10 5.16 1.32 -7.49
N LEU A 11 5.60 0.47 -6.57
CA LEU A 11 5.75 0.88 -5.18
C LEU A 11 7.06 1.65 -5.02
N SER A 12 7.97 1.41 -5.95
CA SER A 12 9.25 2.08 -5.92
C SER A 12 9.11 3.49 -5.34
N ASN A 13 9.60 3.65 -4.12
CA ASN A 13 9.53 4.93 -3.44
C ASN A 13 8.15 5.08 -2.81
N MET A 14 7.79 4.11 -1.99
CA MET A 14 6.50 4.13 -1.32
C MET A 14 6.51 3.24 -0.08
N LYS A 15 6.14 3.83 1.04
CA LYS A 15 6.10 3.09 2.30
C LYS A 15 4.72 2.46 2.47
N ILE A 16 4.67 1.15 2.27
CA ILE A 16 3.43 0.42 2.41
C ILE A 16 3.35 -0.20 3.80
N LEU A 17 2.19 -0.05 4.43
CA LEU A 17 1.97 -0.58 5.76
C LEU A 17 0.97 -1.73 5.69
N THR A 18 1.12 -2.67 6.61
CA THR A 18 0.24 -3.82 6.67
C THR A 18 -0.40 -3.95 8.05
N LEU A 19 -1.59 -4.51 8.07
CA LEU A 19 -2.32 -4.69 9.32
C LEU A 19 -2.94 -6.09 9.33
N GLY A 20 -3.55 -6.42 10.47
CA GLY A 20 -4.18 -7.71 10.63
C GLY A 20 -3.30 -8.84 10.08
N LYS A 21 -3.95 -9.88 9.59
CA LYS A 21 -3.24 -11.02 9.03
C LYS A 21 -3.69 -11.23 7.58
N LEU A 22 -2.72 -11.28 6.69
CA LEU A 22 -2.99 -11.48 5.28
C LEU A 22 -2.74 -12.94 4.91
N SER A 23 -3.12 -13.28 3.69
CA SER A 23 -2.94 -14.64 3.20
C SER A 23 -1.47 -15.05 3.34
N ARG A 24 -0.60 -14.13 2.98
CA ARG A 24 0.84 -14.38 3.06
C ARG A 24 1.39 -13.91 4.41
N ASN A 25 2.66 -14.21 4.63
CA ASN A 25 3.32 -13.82 5.86
C ASN A 25 3.91 -12.42 5.71
N LYS A 26 3.99 -11.72 6.83
CA LYS A 26 4.53 -10.37 6.84
C LYS A 26 5.75 -10.32 5.92
N ASP A 27 6.74 -11.13 6.25
CA ASP A 27 7.96 -11.19 5.46
C ASP A 27 7.61 -11.28 3.98
N GLU A 28 6.98 -12.40 3.62
CA GLU A 28 6.58 -12.62 2.25
C GLU A 28 6.06 -11.33 1.62
N VAL A 29 5.31 -10.59 2.42
CA VAL A 29 4.75 -9.33 1.96
C VAL A 29 5.85 -8.26 1.93
N LYS A 30 6.53 -8.14 3.05
CA LYS A 30 7.61 -7.16 3.17
C LYS A 30 8.55 -7.30 1.97
N ALA A 31 8.71 -8.54 1.53
CA ALA A 31 9.57 -8.83 0.39
C ALA A 31 8.93 -8.28 -0.88
N MET A 32 7.64 -8.56 -1.03
CA MET A 32 6.90 -8.10 -2.19
C MET A 32 7.03 -6.58 -2.35
N ILE A 33 6.52 -5.88 -1.35
CA ILE A 33 6.56 -4.42 -1.38
C ILE A 33 7.97 -3.96 -1.72
N GLU A 34 8.94 -4.69 -1.19
CA GLU A 34 10.34 -4.37 -1.43
C GLU A 34 10.74 -4.76 -2.85
N LYS A 35 10.08 -5.81 -3.36
CA LYS A 35 10.36 -6.29 -4.70
C LYS A 35 9.84 -5.27 -5.72
N LEU A 36 8.63 -4.81 -5.48
CA LEU A 36 8.02 -3.82 -6.37
C LEU A 36 8.83 -2.53 -6.33
N GLY A 37 9.74 -2.46 -5.37
CA GLY A 37 10.59 -1.29 -5.21
C GLY A 37 10.19 -0.49 -3.97
N GLY A 38 9.04 -0.85 -3.42
CA GLY A 38 8.54 -0.18 -2.23
C GLY A 38 9.31 -0.61 -0.98
N LYS A 39 8.68 -0.41 0.17
CA LYS A 39 9.29 -0.77 1.44
C LYS A 39 8.21 -0.83 2.52
N LEU A 40 8.18 -1.96 3.22
CA LEU A 40 7.21 -2.15 4.28
C LEU A 40 7.62 -1.31 5.50
N THR A 41 6.62 -0.69 6.10
CA THR A 41 6.86 0.15 7.27
C THR A 41 6.00 -0.33 8.44
N GLY A 42 6.30 0.23 9.61
CA GLY A 42 5.56 -0.13 10.81
C GLY A 42 4.59 1.00 11.21
N THR A 43 5.05 2.22 11.01
CA THR A 43 4.25 3.38 11.35
C THR A 43 3.32 3.74 10.18
N ALA A 44 2.09 4.04 10.52
CA ALA A 44 1.10 4.41 9.51
C ALA A 44 1.38 5.84 9.03
N ASN A 45 1.40 6.76 9.99
CA ASN A 45 1.65 8.16 9.68
C ASN A 45 2.84 8.26 8.73
N LYS A 46 3.81 7.39 8.95
CA LYS A 46 5.01 7.38 8.12
C LYS A 46 4.86 6.30 7.04
N ALA A 47 3.68 6.29 6.43
CA ALA A 47 3.39 5.32 5.38
C ALA A 47 2.67 6.03 4.24
N SER A 48 2.76 5.42 3.06
CA SER A 48 2.12 5.98 1.87
C SER A 48 0.89 5.15 1.52
N LEU A 49 0.97 3.86 1.82
CA LEU A 49 -0.12 2.95 1.52
C LEU A 49 -0.35 2.03 2.73
N CYS A 50 -1.46 1.31 2.69
CA CYS A 50 -1.80 0.40 3.76
C CYS A 50 -2.48 -0.83 3.15
N ILE A 51 -1.94 -1.99 3.50
CA ILE A 51 -2.47 -3.24 2.99
C ILE A 51 -3.06 -4.05 4.14
N SER A 52 -4.36 -3.89 4.33
CA SER A 52 -5.06 -4.60 5.40
C SER A 52 -6.25 -5.37 4.83
N THR A 53 -7.05 -5.91 5.74
CA THR A 53 -8.22 -6.67 5.34
C THR A 53 -9.51 -5.92 5.72
N LYS A 54 -10.59 -6.27 5.05
CA LYS A 54 -11.87 -5.64 5.30
C LYS A 54 -12.10 -5.57 6.81
N LYS A 55 -12.04 -6.74 7.45
CA LYS A 55 -12.24 -6.81 8.88
C LYS A 55 -11.52 -5.65 9.56
N GLU A 56 -10.20 -5.71 9.51
CA GLU A 56 -9.37 -4.68 10.12
C GLU A 56 -10.02 -3.30 9.91
N VAL A 57 -10.10 -2.91 8.65
CA VAL A 57 -10.68 -1.62 8.30
C VAL A 57 -12.04 -1.48 9.02
N GLU A 58 -12.78 -2.57 9.05
CA GLU A 58 -14.08 -2.57 9.70
C GLU A 58 -13.91 -2.44 11.21
N LYS A 59 -12.75 -2.85 11.69
CA LYS A 59 -12.46 -2.79 13.11
C LYS A 59 -12.08 -1.36 13.48
N MET A 60 -11.44 -0.68 12.53
CA MET A 60 -11.01 0.68 12.75
C MET A 60 -10.13 0.80 13.99
N ASN A 61 -9.35 -0.24 14.22
CA ASN A 61 -8.46 -0.27 15.37
C ASN A 61 -7.54 0.95 15.34
N LYS A 62 -6.77 1.10 16.39
CA LYS A 62 -5.84 2.23 16.49
C LYS A 62 -4.93 2.24 15.26
N LYS A 63 -4.44 1.05 14.92
CA LYS A 63 -3.56 0.91 13.78
C LYS A 63 -4.24 1.50 12.54
N MET A 64 -5.45 1.03 12.29
CA MET A 64 -6.22 1.50 11.15
C MET A 64 -6.57 2.98 11.30
N GLU A 65 -6.49 3.45 12.53
CA GLU A 65 -6.80 4.84 12.82
C GLU A 65 -5.61 5.74 12.45
N GLU A 66 -4.42 5.17 12.56
CA GLU A 66 -3.21 5.90 12.24
C GLU A 66 -3.13 6.16 10.73
N VAL A 67 -3.83 5.32 9.98
CA VAL A 67 -3.84 5.45 8.53
C VAL A 67 -5.04 6.31 8.12
N LYS A 68 -6.05 6.29 8.97
CA LYS A 68 -7.27 7.06 8.71
C LYS A 68 -6.97 8.55 8.89
N GLU A 69 -5.90 8.82 9.61
CA GLU A 69 -5.49 10.19 9.87
C GLU A 69 -4.62 10.72 8.73
N ALA A 70 -3.68 9.88 8.31
CA ALA A 70 -2.78 10.24 7.23
C ALA A 70 -3.45 9.95 5.89
N ASN A 71 -4.72 9.58 5.97
CA ASN A 71 -5.49 9.28 4.77
C ASN A 71 -4.68 8.33 3.88
N ILE A 72 -4.38 7.16 4.43
CA ILE A 72 -3.62 6.16 3.70
C ILE A 72 -4.55 5.06 3.21
N ARG A 73 -5.09 5.25 2.01
CA ARG A 73 -5.99 4.28 1.43
C ARG A 73 -5.55 2.86 1.78
N VAL A 74 -6.51 2.09 2.28
CA VAL A 74 -6.23 0.72 2.67
C VAL A 74 -6.73 -0.23 1.56
N VAL A 75 -5.79 -0.97 0.99
CA VAL A 75 -6.12 -1.90 -0.06
C VAL A 75 -5.84 -3.33 0.42
N SER A 76 -6.26 -4.29 -0.40
CA SER A 76 -6.06 -5.68 -0.07
C SER A 76 -4.70 -6.16 -0.58
N GLU A 77 -4.44 -7.44 -0.39
CA GLU A 77 -3.19 -8.03 -0.82
C GLU A 77 -3.20 -8.23 -2.34
N ASP A 78 -4.37 -8.53 -2.87
CA ASP A 78 -4.53 -8.74 -4.29
C ASP A 78 -3.85 -7.60 -5.05
N PHE A 79 -3.85 -6.43 -4.41
CA PHE A 79 -3.24 -5.25 -5.02
C PHE A 79 -1.78 -5.53 -5.40
N LEU A 80 -1.06 -6.13 -4.47
CA LEU A 80 0.33 -6.45 -4.70
C LEU A 80 0.46 -7.38 -5.90
N GLN A 81 -0.50 -8.29 -6.01
CA GLN A 81 -0.51 -9.25 -7.10
C GLN A 81 -0.76 -8.52 -8.43
N ASP A 82 -1.63 -7.53 -8.37
CA ASP A 82 -1.96 -6.75 -9.55
C ASP A 82 -0.83 -5.76 -9.84
N VAL A 83 -0.52 -4.94 -8.85
CA VAL A 83 0.53 -3.96 -8.98
C VAL A 83 1.79 -4.63 -9.53
N SER A 84 1.88 -5.93 -9.28
CA SER A 84 3.03 -6.71 -9.74
C SER A 84 2.76 -7.23 -11.15
N ALA A 85 1.49 -7.50 -11.42
CA ALA A 85 1.09 -8.01 -12.72
C ALA A 85 -0.31 -7.51 -13.05
N SER A 86 -0.38 -6.24 -13.41
CA SER A 86 -1.65 -5.63 -13.76
C SER A 86 -1.43 -4.50 -14.76
N THR A 87 -2.41 -4.33 -15.65
CA THR A 87 -2.33 -3.30 -16.65
C THR A 87 -3.28 -2.15 -16.31
N LYS A 88 -3.29 -1.78 -15.04
CA LYS A 88 -4.14 -0.71 -14.57
C LYS A 88 -3.28 0.32 -13.82
N SER A 89 -3.79 1.55 -13.78
CA SER A 89 -3.09 2.62 -13.10
C SER A 89 -3.11 2.39 -11.60
N LEU A 90 -2.07 2.89 -10.94
CA LEU A 90 -1.96 2.75 -9.50
C LEU A 90 -3.28 3.18 -8.84
N GLN A 91 -3.69 4.40 -9.15
CA GLN A 91 -4.93 4.93 -8.61
C GLN A 91 -6.07 3.94 -8.81
N GLU A 92 -6.22 3.50 -10.05
CA GLU A 92 -7.26 2.55 -10.40
C GLU A 92 -7.10 1.27 -9.59
N LEU A 93 -5.86 0.80 -9.52
CA LEU A 93 -5.56 -0.42 -8.79
C LEU A 93 -6.09 -0.29 -7.36
N PHE A 94 -5.77 0.84 -6.74
CA PHE A 94 -6.20 1.10 -5.38
C PHE A 94 -7.71 0.95 -5.26
N LEU A 95 -8.43 1.68 -6.10
CA LEU A 95 -9.88 1.64 -6.09
C LEU A 95 -10.34 0.23 -6.50
N ALA A 96 -9.52 -0.42 -7.30
CA ALA A 96 -9.84 -1.77 -7.76
C ALA A 96 -9.57 -2.76 -6.63
N HIS A 97 -8.99 -2.26 -5.56
CA HIS A 97 -8.68 -3.09 -4.41
C HIS A 97 -8.70 -2.24 -3.13
N ILE A 98 -9.65 -1.32 -3.09
CA ILE A 98 -9.80 -0.44 -1.95
C ILE A 98 -10.70 -1.11 -0.91
N LEU A 99 -10.15 -1.28 0.28
CA LEU A 99 -10.88 -1.91 1.37
C LEU A 99 -11.49 -0.82 2.25
N SER A 100 -10.89 0.36 2.19
CA SER A 100 -11.37 1.48 2.97
C SER A 100 -12.14 2.45 2.08
N SER A 101 -12.79 3.42 2.72
CA SER A 101 -13.57 4.41 2.00
C SER A 101 -12.81 5.74 1.99
N TRP A 102 -11.68 5.75 2.67
CA TRP A 102 -10.86 6.95 2.74
C TRP A 102 -9.61 6.72 1.88
N GLY A 103 -8.61 7.56 2.10
CA GLY A 103 -7.37 7.46 1.36
C GLY A 103 -7.39 8.36 0.12
N ALA A 104 -7.50 9.66 0.37
CA ALA A 104 -7.54 10.62 -0.71
C ALA A 104 -6.68 11.83 -0.33
N GLU A 105 -6.80 12.87 -1.13
CA GLU A 105 -6.04 14.10 -0.89
C GLU A 105 -6.05 14.44 0.60
N VAL A 106 -4.88 14.33 1.20
CA VAL A 106 -4.72 14.63 2.62
C VAL A 106 -4.94 16.12 2.85
N LYS A 107 -5.18 16.46 4.10
CA LYS A 107 -5.41 17.85 4.47
C LYS A 107 -4.32 18.29 5.45
N SER A 108 -3.13 18.52 4.89
CA SER A 108 -2.00 18.95 5.70
C SER A 108 -0.75 19.10 4.83
N GLY A 109 -0.43 18.02 4.14
CA GLY A 109 0.74 18.01 3.26
C GLY A 109 1.01 16.61 2.72
N PRO A 110 1.72 16.57 1.56
CA PRO A 110 2.06 15.30 0.94
C PRO A 110 3.20 14.61 1.68
N SER A 111 3.60 13.46 1.16
CA SER A 111 4.67 12.69 1.76
C SER A 111 6.02 13.10 1.17
N SER A 112 6.12 12.93 -0.14
CA SER A 112 7.35 13.29 -0.83
C SER A 112 8.48 12.35 -0.40
N GLY A 113 9.55 12.35 -1.20
CA GLY A 113 10.70 11.51 -0.92
C GLY A 113 11.72 11.59 -2.05
N GLY A 1 27.12 4.88 -7.79
CA GLY A 1 25.82 5.02 -8.43
C GLY A 1 25.28 6.44 -8.25
N SER A 2 24.34 6.79 -9.12
CA SER A 2 23.73 8.11 -9.07
C SER A 2 22.21 7.98 -9.18
N SER A 3 21.77 7.41 -10.29
CA SER A 3 20.34 7.22 -10.51
C SER A 3 20.12 6.48 -11.83
N GLY A 4 18.92 5.94 -11.97
CA GLY A 4 18.56 5.20 -13.17
C GLY A 4 17.54 4.11 -12.87
N SER A 5 16.29 4.39 -13.25
CA SER A 5 15.21 3.46 -13.02
C SER A 5 13.90 4.02 -13.57
N SER A 6 13.11 3.14 -14.14
CA SER A 6 11.83 3.54 -14.71
C SER A 6 11.07 2.32 -15.23
N GLY A 7 9.75 2.40 -15.16
CA GLY A 7 8.91 1.30 -15.62
C GLY A 7 8.46 0.43 -14.45
N ASP A 8 8.98 -0.79 -14.42
CA ASP A 8 8.64 -1.72 -13.36
C ASP A 8 8.76 -1.02 -12.01
N LYS A 9 8.34 -1.74 -10.97
CA LYS A 9 8.39 -1.20 -9.63
C LYS A 9 7.31 -0.13 -9.46
N PRO A 10 6.06 -0.62 -9.21
CA PRO A 10 4.93 0.28 -9.03
C PRO A 10 4.98 0.97 -7.66
N LEU A 11 5.77 0.38 -6.77
CA LEU A 11 5.92 0.91 -5.43
C LEU A 11 7.30 1.57 -5.30
N SER A 12 8.04 1.53 -6.39
CA SER A 12 9.38 2.11 -6.40
C SER A 12 9.34 3.51 -5.79
N ASN A 13 9.75 3.58 -4.53
CA ASN A 13 9.77 4.84 -3.81
C ASN A 13 8.42 5.07 -3.16
N MET A 14 7.96 4.07 -2.43
CA MET A 14 6.68 4.15 -1.74
C MET A 14 6.65 3.22 -0.53
N LYS A 15 6.20 3.77 0.58
CA LYS A 15 6.10 3.01 1.82
C LYS A 15 4.70 2.41 1.94
N ILE A 16 4.66 1.11 2.17
CA ILE A 16 3.40 0.41 2.31
C ILE A 16 3.30 -0.18 3.72
N LEU A 17 2.12 -0.05 4.30
CA LEU A 17 1.87 -0.56 5.64
C LEU A 17 0.86 -1.71 5.57
N THR A 18 1.00 -2.63 6.51
CA THR A 18 0.11 -3.78 6.56
C THR A 18 -0.49 -3.93 7.97
N LEU A 19 -1.68 -4.50 8.00
CA LEU A 19 -2.38 -4.70 9.27
C LEU A 19 -3.08 -6.06 9.25
N GLY A 20 -3.66 -6.41 10.39
CA GLY A 20 -4.36 -7.68 10.51
C GLY A 20 -3.52 -8.82 9.98
N LYS A 21 -4.21 -9.84 9.49
CA LYS A 21 -3.53 -11.01 8.94
C LYS A 21 -3.88 -11.15 7.46
N LEU A 22 -2.84 -11.34 6.66
CA LEU A 22 -3.03 -11.49 5.22
C LEU A 22 -2.74 -12.94 4.83
N SER A 23 -3.13 -13.28 3.60
CA SER A 23 -2.93 -14.62 3.09
C SER A 23 -1.47 -15.03 3.27
N ARG A 24 -0.58 -14.11 2.89
CA ARG A 24 0.84 -14.37 3.00
C ARG A 24 1.37 -13.86 4.35
N ASN A 25 2.66 -14.09 4.56
CA ASN A 25 3.29 -13.67 5.80
C ASN A 25 3.89 -12.27 5.62
N LYS A 26 3.99 -11.56 6.73
CA LYS A 26 4.54 -10.22 6.72
C LYS A 26 5.79 -10.20 5.83
N ASP A 27 6.77 -11.00 6.23
CA ASP A 27 8.02 -11.08 5.48
C ASP A 27 7.71 -11.21 3.99
N GLU A 28 7.08 -12.33 3.65
CA GLU A 28 6.73 -12.60 2.27
C GLU A 28 6.26 -11.32 1.59
N VAL A 29 5.46 -10.56 2.32
CA VAL A 29 4.93 -9.31 1.79
C VAL A 29 6.04 -8.26 1.77
N LYS A 30 6.64 -8.06 2.94
CA LYS A 30 7.71 -7.09 3.08
C LYS A 30 8.68 -7.25 1.92
N ALA A 31 8.80 -8.48 1.45
CA ALA A 31 9.70 -8.78 0.35
C ALA A 31 9.06 -8.31 -0.96
N MET A 32 7.79 -8.65 -1.12
CA MET A 32 7.06 -8.27 -2.32
C MET A 32 7.00 -6.75 -2.46
N ILE A 33 6.67 -6.09 -1.36
CA ILE A 33 6.58 -4.64 -1.35
C ILE A 33 7.93 -4.05 -1.73
N GLU A 34 8.99 -4.73 -1.28
CA GLU A 34 10.34 -4.27 -1.56
C GLU A 34 10.74 -4.65 -2.99
N LYS A 35 10.35 -5.85 -3.37
CA LYS A 35 10.66 -6.34 -4.71
C LYS A 35 9.91 -5.49 -5.75
N LEU A 36 8.77 -4.96 -5.32
CA LEU A 36 7.97 -4.13 -6.20
C LEU A 36 8.49 -2.70 -6.17
N GLY A 37 9.63 -2.53 -5.51
CA GLY A 37 10.24 -1.22 -5.39
C GLY A 37 9.75 -0.49 -4.14
N GLY A 38 8.64 -0.98 -3.61
CA GLY A 38 8.05 -0.38 -2.43
C GLY A 38 8.92 -0.65 -1.19
N LYS A 39 8.33 -0.44 -0.03
CA LYS A 39 9.03 -0.65 1.22
C LYS A 39 8.01 -0.74 2.36
N LEU A 40 8.07 -1.86 3.08
CA LEU A 40 7.16 -2.08 4.19
C LEU A 40 7.60 -1.21 5.38
N THR A 41 6.62 -0.60 6.01
CA THR A 41 6.87 0.26 7.15
C THR A 41 6.01 -0.16 8.34
N GLY A 42 6.33 0.40 9.50
CA GLY A 42 5.58 0.10 10.71
C GLY A 42 4.59 1.21 11.03
N THR A 43 5.04 2.44 10.85
CA THR A 43 4.20 3.60 11.12
C THR A 43 3.25 3.85 9.94
N ALA A 44 2.06 4.32 10.28
CA ALA A 44 1.06 4.62 9.26
C ALA A 44 1.24 6.05 8.77
N ASN A 45 1.36 6.96 9.71
CA ASN A 45 1.55 8.37 9.39
C ASN A 45 2.80 8.52 8.53
N LYS A 46 3.63 7.50 8.56
CA LYS A 46 4.86 7.51 7.78
C LYS A 46 4.81 6.42 6.71
N ALA A 47 3.65 6.33 6.06
CA ALA A 47 3.45 5.34 5.02
C ALA A 47 2.83 6.02 3.79
N SER A 48 2.92 5.33 2.67
CA SER A 48 2.39 5.84 1.42
C SER A 48 1.10 5.11 1.06
N LEU A 49 1.01 3.87 1.54
CA LEU A 49 -0.15 3.04 1.27
C LEU A 49 -0.33 2.04 2.41
N CYS A 50 -1.54 1.51 2.51
CA CYS A 50 -1.86 0.54 3.54
C CYS A 50 -2.47 -0.69 2.87
N ILE A 51 -2.07 -1.85 3.37
CA ILE A 51 -2.57 -3.11 2.83
C ILE A 51 -3.14 -3.96 3.97
N SER A 52 -4.46 -3.84 4.14
CA SER A 52 -5.13 -4.59 5.18
C SER A 52 -6.36 -5.30 4.61
N THR A 53 -7.14 -5.88 5.50
CA THR A 53 -8.34 -6.61 5.09
C THR A 53 -9.59 -5.86 5.55
N LYS A 54 -10.69 -6.14 4.87
CA LYS A 54 -11.96 -5.51 5.18
C LYS A 54 -12.14 -5.46 6.70
N LYS A 55 -12.10 -6.65 7.30
CA LYS A 55 -12.25 -6.76 8.74
C LYS A 55 -11.44 -5.65 9.42
N GLU A 56 -10.13 -5.72 9.25
CA GLU A 56 -9.24 -4.74 9.84
C GLU A 56 -9.83 -3.33 9.69
N VAL A 57 -9.87 -2.87 8.45
CA VAL A 57 -10.41 -1.55 8.17
C VAL A 57 -11.74 -1.37 8.91
N GLU A 58 -12.45 -2.48 9.06
CA GLU A 58 -13.73 -2.45 9.74
C GLU A 58 -13.51 -2.26 11.24
N LYS A 59 -12.47 -2.89 11.74
CA LYS A 59 -12.15 -2.81 13.17
C LYS A 59 -11.91 -1.34 13.54
N MET A 60 -11.09 -0.69 12.73
CA MET A 60 -10.78 0.72 12.97
C MET A 60 -10.04 0.90 14.29
N ASN A 61 -9.17 -0.06 14.59
CA ASN A 61 -8.40 -0.01 15.81
C ASN A 61 -7.38 1.12 15.73
N LYS A 62 -6.47 1.13 16.70
CA LYS A 62 -5.44 2.15 16.75
C LYS A 62 -4.64 2.11 15.45
N LYS A 63 -4.01 0.97 15.20
CA LYS A 63 -3.21 0.80 14.00
C LYS A 63 -3.98 1.35 12.80
N MET A 64 -5.19 0.86 12.63
CA MET A 64 -6.04 1.29 11.54
C MET A 64 -6.36 2.78 11.65
N GLU A 65 -6.55 3.23 12.88
CA GLU A 65 -6.87 4.62 13.13
C GLU A 65 -5.79 5.52 12.51
N GLU A 66 -4.55 5.16 12.76
CA GLU A 66 -3.43 5.93 12.24
C GLU A 66 -3.59 6.14 10.74
N VAL A 67 -4.07 5.10 10.07
CA VAL A 67 -4.28 5.15 8.64
C VAL A 67 -5.40 6.13 8.32
N LYS A 68 -6.43 6.09 9.17
CA LYS A 68 -7.58 6.97 8.99
C LYS A 68 -7.14 8.42 9.20
N GLU A 69 -6.30 8.62 10.20
CA GLU A 69 -5.81 9.94 10.52
C GLU A 69 -4.96 10.47 9.36
N ALA A 70 -4.15 9.59 8.80
CA ALA A 70 -3.29 9.96 7.70
C ALA A 70 -4.05 9.77 6.38
N ASN A 71 -5.33 9.50 6.51
CA ASN A 71 -6.17 9.29 5.34
C ASN A 71 -5.40 8.47 4.30
N ILE A 72 -4.92 7.32 4.75
CA ILE A 72 -4.17 6.43 3.87
C ILE A 72 -5.09 5.33 3.35
N ARG A 73 -5.23 5.29 2.03
CA ARG A 73 -6.08 4.30 1.40
C ARG A 73 -5.66 2.89 1.85
N VAL A 74 -6.67 2.09 2.17
CA VAL A 74 -6.41 0.72 2.60
C VAL A 74 -6.88 -0.26 1.52
N VAL A 75 -5.92 -0.96 0.95
CA VAL A 75 -6.21 -1.93 -0.09
C VAL A 75 -5.95 -3.34 0.43
N SER A 76 -6.40 -4.31 -0.34
CA SER A 76 -6.22 -5.71 0.03
C SER A 76 -4.91 -6.25 -0.54
N GLU A 77 -4.56 -7.44 -0.11
CA GLU A 77 -3.33 -8.08 -0.56
C GLU A 77 -3.43 -8.42 -2.05
N ASP A 78 -4.66 -8.42 -2.54
CA ASP A 78 -4.91 -8.73 -3.94
C ASP A 78 -4.22 -7.68 -4.82
N PHE A 79 -4.08 -6.50 -4.26
CA PHE A 79 -3.44 -5.40 -4.98
C PHE A 79 -2.00 -5.77 -5.36
N LEU A 80 -1.28 -6.32 -4.39
CA LEU A 80 0.09 -6.71 -4.61
C LEU A 80 0.16 -7.65 -5.80
N GLN A 81 -0.68 -8.68 -5.76
CA GLN A 81 -0.73 -9.66 -6.83
C GLN A 81 -1.03 -8.97 -8.17
N ASP A 82 -1.73 -7.85 -8.08
CA ASP A 82 -2.08 -7.10 -9.26
C ASP A 82 -0.91 -6.19 -9.66
N VAL A 83 -0.52 -5.35 -8.72
CA VAL A 83 0.59 -4.43 -8.95
C VAL A 83 1.76 -5.19 -9.56
N SER A 84 1.84 -6.47 -9.22
CA SER A 84 2.91 -7.32 -9.72
C SER A 84 2.51 -7.92 -11.07
N ALA A 85 1.22 -8.11 -11.23
CA ALA A 85 0.69 -8.68 -12.47
C ALA A 85 -0.44 -7.78 -13.00
N SER A 86 -0.08 -6.54 -13.30
CA SER A 86 -1.04 -5.58 -13.81
C SER A 86 -0.31 -4.39 -14.43
N THR A 87 -0.96 -3.77 -15.41
CA THR A 87 -0.39 -2.62 -16.09
C THR A 87 -1.34 -1.42 -15.99
N LYS A 88 -2.06 -1.36 -14.88
CA LYS A 88 -3.00 -0.28 -14.65
C LYS A 88 -2.36 0.77 -13.75
N SER A 89 -3.08 1.87 -13.56
CA SER A 89 -2.59 2.95 -12.72
C SER A 89 -2.80 2.60 -11.25
N LEU A 90 -1.85 3.05 -10.43
CA LEU A 90 -1.91 2.80 -9.01
C LEU A 90 -3.28 3.22 -8.48
N GLN A 91 -3.58 4.50 -8.67
CA GLN A 91 -4.85 5.05 -8.21
C GLN A 91 -5.98 4.06 -8.49
N GLU A 92 -6.09 3.67 -9.75
CA GLU A 92 -7.13 2.74 -10.15
C GLU A 92 -7.03 1.45 -9.33
N LEU A 93 -5.83 0.88 -9.34
CA LEU A 93 -5.58 -0.36 -8.61
C LEU A 93 -6.14 -0.22 -7.18
N PHE A 94 -5.62 0.78 -6.48
CA PHE A 94 -6.06 1.03 -5.12
C PHE A 94 -7.58 1.02 -5.02
N LEU A 95 -8.21 1.74 -5.93
CA LEU A 95 -9.66 1.83 -5.97
C LEU A 95 -10.25 0.43 -6.18
N ALA A 96 -9.87 -0.16 -7.31
CA ALA A 96 -10.35 -1.49 -7.64
C ALA A 96 -10.01 -2.46 -6.51
N HIS A 97 -9.06 -2.03 -5.68
CA HIS A 97 -8.64 -2.84 -4.55
C HIS A 97 -8.67 -2.01 -3.27
N ILE A 98 -9.73 -1.21 -3.15
CA ILE A 98 -9.88 -0.36 -1.99
C ILE A 98 -10.76 -1.07 -0.94
N LEU A 99 -10.19 -1.22 0.24
CA LEU A 99 -10.91 -1.88 1.32
C LEU A 99 -11.57 -0.82 2.21
N SER A 100 -11.09 0.40 2.08
CA SER A 100 -11.62 1.52 2.86
C SER A 100 -12.41 2.46 1.96
N SER A 101 -12.88 3.54 2.56
CA SER A 101 -13.65 4.53 1.83
C SER A 101 -12.89 5.85 1.75
N TRP A 102 -11.75 5.87 2.44
CA TRP A 102 -10.91 7.05 2.45
C TRP A 102 -9.65 6.75 1.64
N GLY A 103 -8.65 7.59 1.83
CA GLY A 103 -7.38 7.42 1.12
C GLY A 103 -7.39 8.17 -0.20
N ALA A 104 -7.62 9.48 -0.11
CA ALA A 104 -7.66 10.32 -1.30
C ALA A 104 -6.43 11.23 -1.31
N GLU A 105 -5.60 11.03 -2.33
CA GLU A 105 -4.38 11.81 -2.47
C GLU A 105 -3.72 11.50 -3.81
N VAL A 106 -2.86 12.42 -4.24
CA VAL A 106 -2.15 12.27 -5.49
C VAL A 106 -0.64 12.35 -5.24
N LYS A 107 -0.05 11.20 -4.93
CA LYS A 107 1.37 11.14 -4.66
C LYS A 107 2.14 11.89 -5.75
N SER A 108 3.42 12.06 -5.52
CA SER A 108 4.27 12.76 -6.48
C SER A 108 5.74 12.45 -6.19
N GLY A 109 6.20 11.33 -6.73
CA GLY A 109 7.58 10.91 -6.55
C GLY A 109 8.39 11.12 -7.83
N PRO A 110 9.73 11.24 -7.64
CA PRO A 110 10.62 11.43 -8.77
C PRO A 110 10.81 10.14 -9.57
N SER A 111 10.66 10.26 -10.88
CA SER A 111 10.79 9.12 -11.76
C SER A 111 11.77 9.44 -12.89
N SER A 112 12.97 8.90 -12.77
CA SER A 112 14.00 9.13 -13.78
C SER A 112 13.38 9.09 -15.17
N GLY A 113 13.91 9.93 -16.04
CA GLY A 113 13.42 10.00 -17.40
C GLY A 113 13.70 8.70 -18.16
N GLY A 1 21.83 13.65 -12.17
CA GLY A 1 22.75 14.44 -12.96
C GLY A 1 22.95 13.82 -14.35
N SER A 2 23.67 12.71 -14.37
CA SER A 2 23.94 12.01 -15.61
C SER A 2 23.28 10.64 -15.60
N SER A 3 22.64 10.31 -16.71
CA SER A 3 21.96 9.03 -16.84
C SER A 3 20.81 8.95 -15.84
N GLY A 4 19.85 8.09 -16.15
CA GLY A 4 18.70 7.91 -15.28
C GLY A 4 17.41 7.80 -16.10
N SER A 5 16.92 6.57 -16.20
CA SER A 5 15.69 6.32 -16.95
C SER A 5 15.41 4.82 -16.98
N SER A 6 14.35 4.43 -16.28
CA SER A 6 13.96 3.04 -16.22
C SER A 6 12.51 2.92 -15.73
N GLY A 7 11.92 1.75 -15.97
CA GLY A 7 10.56 1.50 -15.57
C GLY A 7 10.51 0.51 -14.39
N ASP A 8 9.39 -0.21 -14.32
CA ASP A 8 9.21 -1.18 -13.26
C ASP A 8 9.18 -0.46 -11.91
N LYS A 9 8.89 -1.23 -10.87
CA LYS A 9 8.83 -0.68 -9.52
C LYS A 9 7.62 0.24 -9.40
N PRO A 10 6.43 -0.39 -9.21
CA PRO A 10 5.19 0.36 -9.08
C PRO A 10 5.10 1.03 -7.71
N LEU A 11 5.95 0.57 -6.81
CA LEU A 11 5.97 1.10 -5.45
C LEU A 11 7.26 1.92 -5.26
N SER A 12 8.20 1.70 -6.16
CA SER A 12 9.47 2.40 -6.09
C SER A 12 9.27 3.80 -5.51
N ASN A 13 9.65 3.94 -4.24
CA ASN A 13 9.52 5.21 -3.56
C ASN A 13 8.13 5.30 -2.93
N MET A 14 7.81 4.29 -2.13
CA MET A 14 6.52 4.25 -1.46
C MET A 14 6.55 3.32 -0.25
N LYS A 15 6.14 3.86 0.89
CA LYS A 15 6.12 3.09 2.12
C LYS A 15 4.75 2.43 2.28
N ILE A 16 4.75 1.11 2.16
CA ILE A 16 3.53 0.34 2.30
C ILE A 16 3.40 -0.17 3.73
N LEU A 17 2.19 -0.05 4.26
CA LEU A 17 1.93 -0.50 5.62
C LEU A 17 0.96 -1.68 5.59
N THR A 18 0.93 -2.41 6.69
CA THR A 18 0.06 -3.57 6.80
C THR A 18 -0.64 -3.58 8.16
N LEU A 19 -1.89 -4.04 8.15
CA LEU A 19 -2.68 -4.11 9.36
C LEU A 19 -3.43 -5.44 9.41
N GLY A 20 -3.20 -6.17 10.50
CA GLY A 20 -3.84 -7.46 10.67
C GLY A 20 -3.03 -8.57 10.00
N LYS A 21 -3.69 -9.71 9.83
CA LYS A 21 -3.05 -10.86 9.20
C LYS A 21 -3.52 -10.95 7.75
N LEU A 22 -2.55 -11.17 6.87
CA LEU A 22 -2.85 -11.29 5.45
C LEU A 22 -2.63 -12.73 5.01
N SER A 23 -3.14 -13.04 3.82
CA SER A 23 -2.99 -14.38 3.27
C SER A 23 -1.54 -14.83 3.35
N ARG A 24 -0.65 -13.94 2.96
CA ARG A 24 0.77 -14.24 2.99
C ARG A 24 1.37 -13.83 4.33
N ASN A 25 2.67 -14.08 4.46
CA ASN A 25 3.37 -13.74 5.68
C ASN A 25 3.98 -12.34 5.56
N LYS A 26 4.14 -11.69 6.70
CA LYS A 26 4.71 -10.35 6.73
C LYS A 26 5.94 -10.31 5.83
N ASP A 27 6.75 -11.35 5.94
CA ASP A 27 7.97 -11.43 5.15
C ASP A 27 7.60 -11.46 3.66
N GLU A 28 6.89 -12.51 3.28
CA GLU A 28 6.47 -12.66 1.89
C GLU A 28 5.99 -11.33 1.34
N VAL A 29 5.35 -10.55 2.21
CA VAL A 29 4.84 -9.25 1.80
C VAL A 29 5.98 -8.24 1.82
N LYS A 30 6.69 -8.19 2.94
CA LYS A 30 7.80 -7.28 3.09
C LYS A 30 8.75 -7.43 1.90
N ALA A 31 8.75 -8.62 1.33
CA ALA A 31 9.59 -8.91 0.19
C ALA A 31 8.98 -8.30 -1.07
N MET A 32 7.70 -8.61 -1.27
CA MET A 32 6.98 -8.10 -2.43
C MET A 32 7.09 -6.58 -2.52
N ILE A 33 6.67 -5.92 -1.45
CA ILE A 33 6.72 -4.47 -1.38
C ILE A 33 8.11 -3.99 -1.79
N GLU A 34 9.11 -4.79 -1.42
CA GLU A 34 10.49 -4.46 -1.74
C GLU A 34 10.79 -4.82 -3.20
N LYS A 35 10.34 -5.99 -3.60
CA LYS A 35 10.56 -6.45 -4.96
C LYS A 35 9.87 -5.51 -5.94
N LEU A 36 8.80 -4.89 -5.46
CA LEU A 36 8.05 -3.95 -6.28
C LEU A 36 8.71 -2.58 -6.21
N GLY A 37 9.88 -2.55 -5.60
CA GLY A 37 10.62 -1.32 -5.46
C GLY A 37 10.14 -0.51 -4.25
N GLY A 38 9.02 -0.95 -3.69
CA GLY A 38 8.44 -0.29 -2.54
C GLY A 38 9.24 -0.60 -1.28
N LYS A 39 8.66 -0.22 -0.15
CA LYS A 39 9.31 -0.44 1.14
C LYS A 39 8.24 -0.60 2.22
N LEU A 40 8.43 -1.61 3.06
CA LEU A 40 7.50 -1.88 4.13
C LEU A 40 7.87 -1.03 5.36
N THR A 41 6.84 -0.50 6.00
CA THR A 41 7.05 0.33 7.18
C THR A 41 6.25 -0.22 8.36
N GLY A 42 6.58 0.30 9.54
CA GLY A 42 5.91 -0.14 10.75
C GLY A 42 4.78 0.84 11.14
N THR A 43 5.10 2.12 11.02
CA THR A 43 4.13 3.15 11.35
C THR A 43 3.16 3.37 10.19
N ALA A 44 2.00 3.93 10.52
CA ALA A 44 0.99 4.20 9.51
C ALA A 44 1.12 5.64 9.02
N ASN A 45 1.31 6.54 9.98
CA ASN A 45 1.46 7.95 9.65
C ASN A 45 2.68 8.14 8.75
N LYS A 46 3.68 7.31 9.00
CA LYS A 46 4.91 7.38 8.22
C LYS A 46 4.86 6.34 7.09
N ALA A 47 3.67 6.22 6.52
CA ALA A 47 3.47 5.27 5.43
C ALA A 47 2.81 5.99 4.25
N SER A 48 2.96 5.40 3.07
CA SER A 48 2.39 5.98 1.87
C SER A 48 1.11 5.24 1.50
N LEU A 49 1.05 3.97 1.88
CA LEU A 49 -0.11 3.15 1.61
C LEU A 49 -0.28 2.12 2.72
N CYS A 50 -1.52 1.64 2.85
CA CYS A 50 -1.83 0.65 3.87
C CYS A 50 -2.39 -0.59 3.18
N ILE A 51 -2.04 -1.74 3.72
CA ILE A 51 -2.50 -3.00 3.17
C ILE A 51 -3.13 -3.84 4.28
N SER A 52 -4.44 -3.74 4.40
CA SER A 52 -5.18 -4.48 5.41
C SER A 52 -6.36 -5.20 4.78
N THR A 53 -7.19 -5.78 5.64
CA THR A 53 -8.35 -6.51 5.18
C THR A 53 -9.63 -5.74 5.51
N LYS A 54 -10.70 -6.11 4.82
CA LYS A 54 -11.99 -5.46 5.04
C LYS A 54 -12.32 -5.47 6.53
N LYS A 55 -12.30 -6.66 7.10
CA LYS A 55 -12.59 -6.82 8.51
C LYS A 55 -11.79 -5.80 9.31
N GLU A 56 -10.50 -5.75 9.02
CA GLU A 56 -9.62 -4.82 9.71
C GLU A 56 -10.17 -3.40 9.63
N VAL A 57 -10.16 -2.86 8.42
CA VAL A 57 -10.65 -1.51 8.19
C VAL A 57 -12.00 -1.35 8.89
N GLU A 58 -12.68 -2.47 9.08
CA GLU A 58 -13.98 -2.46 9.74
C GLU A 58 -13.81 -2.33 11.25
N LYS A 59 -12.82 -3.04 11.76
CA LYS A 59 -12.54 -3.02 13.19
C LYS A 59 -12.26 -1.58 13.62
N MET A 60 -11.58 -0.85 12.76
CA MET A 60 -11.25 0.53 13.03
C MET A 60 -10.56 0.67 14.39
N ASN A 61 -9.50 -0.10 14.56
CA ASN A 61 -8.75 -0.09 15.80
C ASN A 61 -7.70 1.03 15.75
N LYS A 62 -7.01 1.21 16.86
CA LYS A 62 -5.98 2.24 16.94
C LYS A 62 -5.08 2.15 15.72
N LYS A 63 -4.76 0.92 15.35
CA LYS A 63 -3.90 0.68 14.20
C LYS A 63 -4.54 1.31 12.95
N MET A 64 -5.78 0.95 12.72
CA MET A 64 -6.51 1.47 11.58
C MET A 64 -6.72 2.99 11.70
N GLU A 65 -6.69 3.45 12.94
CA GLU A 65 -6.88 4.87 13.21
C GLU A 65 -5.71 5.68 12.60
N GLU A 66 -4.51 5.23 12.90
CA GLU A 66 -3.32 5.89 12.41
C GLU A 66 -3.40 6.06 10.89
N VAL A 67 -4.02 5.08 10.24
CA VAL A 67 -4.18 5.11 8.80
C VAL A 67 -5.29 6.11 8.43
N LYS A 68 -6.34 6.08 9.23
CA LYS A 68 -7.47 6.97 9.01
C LYS A 68 -7.02 8.42 9.22
N GLU A 69 -6.24 8.62 10.27
CA GLU A 69 -5.74 9.94 10.59
C GLU A 69 -4.86 10.47 9.46
N ALA A 70 -4.02 9.58 8.94
CA ALA A 70 -3.11 9.94 7.86
C ALA A 70 -3.85 9.79 6.52
N ASN A 71 -5.15 9.54 6.63
CA ASN A 71 -5.97 9.37 5.43
C ASN A 71 -5.21 8.52 4.42
N ILE A 72 -4.80 7.34 4.87
CA ILE A 72 -4.07 6.43 4.01
C ILE A 72 -5.02 5.35 3.49
N ARG A 73 -5.21 5.36 2.18
CA ARG A 73 -6.09 4.41 1.54
C ARG A 73 -5.69 2.97 1.91
N VAL A 74 -6.63 2.26 2.51
CA VAL A 74 -6.38 0.89 2.93
C VAL A 74 -6.84 -0.06 1.82
N VAL A 75 -5.87 -0.76 1.24
CA VAL A 75 -6.16 -1.70 0.17
C VAL A 75 -5.85 -3.12 0.65
N SER A 76 -6.22 -4.09 -0.17
CA SER A 76 -5.98 -5.48 0.16
C SER A 76 -4.61 -5.91 -0.35
N GLU A 77 -4.35 -7.21 -0.23
CA GLU A 77 -3.08 -7.76 -0.67
C GLU A 77 -3.11 -7.99 -2.19
N ASP A 78 -4.32 -8.13 -2.71
CA ASP A 78 -4.48 -8.35 -4.14
C ASP A 78 -3.73 -7.28 -4.91
N PHE A 79 -3.82 -6.06 -4.41
CA PHE A 79 -3.16 -4.93 -5.05
C PHE A 79 -1.73 -5.31 -5.48
N LEU A 80 -1.06 -6.03 -4.59
CA LEU A 80 0.30 -6.45 -4.86
C LEU A 80 0.30 -7.42 -6.05
N GLN A 81 -0.70 -8.28 -6.08
CA GLN A 81 -0.83 -9.25 -7.16
C GLN A 81 -1.16 -8.54 -8.47
N ASP A 82 -1.93 -7.47 -8.36
CA ASP A 82 -2.32 -6.70 -9.52
C ASP A 82 -1.18 -5.78 -9.94
N VAL A 83 -0.80 -4.90 -9.01
CA VAL A 83 0.27 -3.96 -9.26
C VAL A 83 1.45 -4.71 -9.89
N SER A 84 1.62 -5.95 -9.46
CA SER A 84 2.70 -6.77 -9.99
C SER A 84 2.31 -7.36 -11.34
N ALA A 85 1.04 -7.74 -11.45
CA ALA A 85 0.53 -8.31 -12.68
C ALA A 85 -0.82 -7.67 -13.02
N SER A 86 -0.75 -6.42 -13.45
CA SER A 86 -1.94 -5.68 -13.82
C SER A 86 -1.66 -4.74 -14.99
N THR A 87 -2.56 -4.77 -15.96
CA THR A 87 -2.41 -3.93 -17.14
C THR A 87 -3.00 -2.54 -16.88
N LYS A 88 -3.25 -2.27 -15.61
CA LYS A 88 -3.82 -0.99 -15.22
C LYS A 88 -2.74 -0.14 -14.55
N SER A 89 -3.19 0.92 -13.89
CA SER A 89 -2.27 1.81 -13.20
C SER A 89 -2.54 1.78 -11.69
N LEU A 90 -1.50 2.05 -10.93
CA LEU A 90 -1.60 2.07 -9.48
C LEU A 90 -2.96 2.65 -9.08
N GLN A 91 -3.20 3.87 -9.54
CA GLN A 91 -4.45 4.55 -9.24
C GLN A 91 -5.62 3.56 -9.28
N GLU A 92 -5.64 2.77 -10.34
CA GLU A 92 -6.69 1.77 -10.51
C GLU A 92 -6.69 0.79 -9.34
N LEU A 93 -5.62 0.02 -9.25
CA LEU A 93 -5.48 -0.96 -8.20
C LEU A 93 -5.98 -0.35 -6.88
N PHE A 94 -5.32 0.73 -6.49
CA PHE A 94 -5.68 1.41 -5.25
C PHE A 94 -7.19 1.50 -5.09
N LEU A 95 -7.88 1.54 -6.22
CA LEU A 95 -9.33 1.62 -6.22
C LEU A 95 -9.91 0.22 -6.45
N ALA A 96 -9.21 -0.54 -7.28
CA ALA A 96 -9.65 -1.89 -7.58
C ALA A 96 -9.28 -2.82 -6.42
N HIS A 97 -8.70 -2.22 -5.39
CA HIS A 97 -8.30 -2.98 -4.21
C HIS A 97 -8.49 -2.12 -2.96
N ILE A 98 -9.37 -1.13 -3.09
CA ILE A 98 -9.66 -0.24 -1.98
C ILE A 98 -10.52 -0.97 -0.95
N LEU A 99 -10.02 -1.02 0.27
CA LEU A 99 -10.74 -1.68 1.35
C LEU A 99 -11.42 -0.63 2.23
N SER A 100 -10.91 0.59 2.12
CA SER A 100 -11.46 1.69 2.90
C SER A 100 -12.19 2.68 1.97
N SER A 101 -12.77 3.69 2.59
CA SER A 101 -13.50 4.70 1.85
C SER A 101 -12.68 5.99 1.77
N TRP A 102 -11.68 6.07 2.65
CA TRP A 102 -10.82 7.24 2.69
C TRP A 102 -9.57 6.94 1.87
N GLY A 103 -8.57 7.77 2.03
CA GLY A 103 -7.31 7.61 1.31
C GLY A 103 -7.35 8.34 -0.03
N ALA A 104 -7.47 9.65 0.05
CA ALA A 104 -7.52 10.47 -1.16
C ALA A 104 -6.20 11.24 -1.30
N GLU A 105 -5.50 10.96 -2.38
CA GLU A 105 -4.23 11.61 -2.64
C GLU A 105 -3.83 11.43 -4.11
N VAL A 106 -2.90 12.27 -4.55
CA VAL A 106 -2.43 12.20 -5.93
C VAL A 106 -2.07 10.76 -6.27
N LYS A 107 -1.72 10.55 -7.53
CA LYS A 107 -1.35 9.23 -8.01
C LYS A 107 -0.03 9.31 -8.76
N SER A 108 0.59 8.16 -8.93
CA SER A 108 1.86 8.08 -9.64
C SER A 108 2.19 6.62 -9.97
N GLY A 109 2.15 6.32 -11.26
CA GLY A 109 2.44 4.98 -11.72
C GLY A 109 3.01 4.99 -13.14
N PRO A 110 3.44 3.79 -13.61
CA PRO A 110 4.00 3.66 -14.95
C PRO A 110 2.90 3.71 -16.00
N SER A 111 3.33 3.73 -17.26
CA SER A 111 2.40 3.78 -18.37
C SER A 111 1.37 2.66 -18.26
N SER A 112 0.38 2.71 -19.12
CA SER A 112 -0.67 1.70 -19.13
C SER A 112 -0.40 0.66 -20.21
N GLY A 113 -0.33 1.15 -21.44
CA GLY A 113 -0.07 0.29 -22.58
C GLY A 113 0.14 1.09 -23.86
N GLY A 1 22.90 7.13 -7.61
CA GLY A 1 21.96 8.03 -8.24
C GLY A 1 22.51 8.62 -9.54
N SER A 2 21.87 8.27 -10.64
CA SER A 2 22.29 8.74 -11.94
C SER A 2 21.19 8.47 -12.97
N SER A 3 20.84 7.21 -13.12
CA SER A 3 19.82 6.81 -14.07
C SER A 3 19.08 5.58 -13.54
N GLY A 4 17.94 5.30 -14.17
CA GLY A 4 17.13 4.16 -13.78
C GLY A 4 15.81 4.61 -13.14
N SER A 5 15.42 3.88 -12.11
CA SER A 5 14.18 4.19 -11.41
C SER A 5 12.98 3.96 -12.32
N SER A 6 12.82 4.86 -13.28
CA SER A 6 11.72 4.76 -14.23
C SER A 6 11.56 3.31 -14.68
N GLY A 7 10.32 2.96 -15.03
CA GLY A 7 10.02 1.62 -15.48
C GLY A 7 9.96 0.64 -14.31
N ASP A 8 8.89 -0.14 -14.28
CA ASP A 8 8.72 -1.12 -13.22
C ASP A 8 8.79 -0.41 -11.86
N LYS A 9 8.46 -1.17 -10.82
CA LYS A 9 8.49 -0.63 -9.48
C LYS A 9 7.35 0.38 -9.31
N PRO A 10 6.14 -0.17 -9.03
CA PRO A 10 4.96 0.66 -8.86
C PRO A 10 4.99 1.36 -7.49
N LEU A 11 5.78 0.78 -6.59
CA LEU A 11 5.90 1.33 -5.24
C LEU A 11 7.31 1.89 -5.06
N SER A 12 8.09 1.82 -6.13
CA SER A 12 9.45 2.32 -6.09
C SER A 12 9.52 3.63 -5.31
N ASN A 13 9.86 3.50 -4.04
CA ASN A 13 9.96 4.66 -3.17
C ASN A 13 8.60 4.93 -2.53
N MET A 14 8.03 3.89 -1.96
CA MET A 14 6.74 4.00 -1.30
C MET A 14 6.66 3.12 -0.06
N LYS A 15 6.37 3.76 1.06
CA LYS A 15 6.26 3.06 2.33
C LYS A 15 4.88 2.43 2.45
N ILE A 16 4.84 1.10 2.30
CA ILE A 16 3.60 0.37 2.39
C ILE A 16 3.42 -0.15 3.82
N LEU A 17 2.23 0.06 4.35
CA LEU A 17 1.91 -0.38 5.69
C LEU A 17 1.01 -1.62 5.62
N THR A 18 1.00 -2.37 6.72
CA THR A 18 0.19 -3.57 6.79
C THR A 18 -0.47 -3.69 8.17
N LEU A 19 -1.59 -4.38 8.19
CA LEU A 19 -2.32 -4.57 9.43
C LEU A 19 -2.97 -5.97 9.43
N GLY A 20 -3.54 -6.32 10.57
CA GLY A 20 -4.19 -7.61 10.71
C GLY A 20 -3.37 -8.72 10.04
N LYS A 21 -4.08 -9.70 9.52
CA LYS A 21 -3.43 -10.82 8.86
C LYS A 21 -3.84 -10.85 7.39
N LEU A 22 -2.86 -11.10 6.53
CA LEU A 22 -3.11 -11.15 5.10
C LEU A 22 -2.96 -12.60 4.62
N SER A 23 -3.43 -12.83 3.40
CA SER A 23 -3.35 -14.16 2.81
C SER A 23 -1.91 -14.67 2.84
N ARG A 24 -1.00 -13.81 2.40
CA ARG A 24 0.41 -14.16 2.37
C ARG A 24 1.06 -13.83 3.71
N ASN A 25 2.32 -14.22 3.83
CA ASN A 25 3.07 -13.97 5.06
C ASN A 25 3.71 -12.59 4.98
N LYS A 26 3.75 -11.94 6.14
CA LYS A 26 4.33 -10.61 6.23
C LYS A 26 5.60 -10.56 5.36
N ASP A 27 6.47 -11.53 5.58
CA ASP A 27 7.72 -11.60 4.84
C ASP A 27 7.41 -11.55 3.33
N GLU A 28 6.70 -12.57 2.88
CA GLU A 28 6.33 -12.65 1.47
C GLU A 28 5.94 -11.27 0.94
N VAL A 29 5.16 -10.57 1.74
CA VAL A 29 4.70 -9.24 1.37
C VAL A 29 5.88 -8.25 1.48
N LYS A 30 6.49 -8.23 2.65
CA LYS A 30 7.62 -7.35 2.89
C LYS A 30 8.56 -7.39 1.69
N ALA A 31 8.79 -8.61 1.21
CA ALA A 31 9.67 -8.81 0.06
C ALA A 31 8.99 -8.25 -1.20
N MET A 32 7.69 -8.52 -1.30
CA MET A 32 6.92 -8.05 -2.43
C MET A 32 6.93 -6.52 -2.51
N ILE A 33 6.65 -5.90 -1.38
CA ILE A 33 6.62 -4.46 -1.30
C ILE A 33 8.00 -3.89 -1.69
N GLU A 34 9.02 -4.63 -1.33
CA GLU A 34 10.39 -4.23 -1.64
C GLU A 34 10.72 -4.55 -3.10
N LYS A 35 10.31 -5.73 -3.53
CA LYS A 35 10.56 -6.16 -4.89
C LYS A 35 9.81 -5.24 -5.85
N LEU A 36 8.70 -4.69 -5.36
CA LEU A 36 7.90 -3.79 -6.16
C LEU A 36 8.49 -2.39 -6.11
N GLY A 37 9.64 -2.29 -5.46
CA GLY A 37 10.33 -1.01 -5.32
C GLY A 37 9.87 -0.28 -4.06
N GLY A 38 8.75 -0.75 -3.51
CA GLY A 38 8.20 -0.15 -2.32
C GLY A 38 9.04 -0.52 -1.08
N LYS A 39 8.45 -0.27 0.09
CA LYS A 39 9.13 -0.56 1.34
C LYS A 39 8.09 -0.72 2.45
N LEU A 40 8.27 -1.77 3.23
CA LEU A 40 7.36 -2.05 4.33
C LEU A 40 7.78 -1.24 5.56
N THR A 41 6.80 -0.63 6.20
CA THR A 41 7.05 0.18 7.39
C THR A 41 6.16 -0.27 8.55
N GLY A 42 6.47 0.25 9.72
CA GLY A 42 5.70 -0.10 10.92
C GLY A 42 4.63 0.95 11.19
N THR A 43 4.99 2.20 10.94
CA THR A 43 4.06 3.31 11.15
C THR A 43 3.06 3.40 9.99
N ALA A 44 2.02 4.20 10.22
CA ALA A 44 0.99 4.39 9.21
C ALA A 44 1.14 5.78 8.59
N ASN A 45 1.24 6.77 9.46
CA ASN A 45 1.39 8.15 9.01
C ASN A 45 2.65 8.27 8.16
N LYS A 46 3.51 7.27 8.30
CA LYS A 46 4.76 7.26 7.55
C LYS A 46 4.69 6.19 6.46
N ALA A 47 3.51 6.09 5.86
CA ALA A 47 3.30 5.11 4.80
C ALA A 47 2.42 5.73 3.71
N SER A 48 2.60 5.24 2.50
CA SER A 48 1.85 5.73 1.36
C SER A 48 0.63 4.85 1.12
N LEU A 49 0.80 3.57 1.43
CA LEU A 49 -0.27 2.61 1.24
C LEU A 49 -0.49 1.84 2.55
N CYS A 50 -1.64 1.18 2.64
CA CYS A 50 -1.97 0.41 3.82
C CYS A 50 -2.64 -0.89 3.37
N ILE A 51 -1.91 -1.99 3.56
CA ILE A 51 -2.41 -3.29 3.19
C ILE A 51 -2.98 -3.99 4.42
N SER A 52 -4.29 -3.85 4.59
CA SER A 52 -4.97 -4.46 5.72
C SER A 52 -6.18 -5.27 5.24
N THR A 53 -6.96 -5.74 6.19
CA THR A 53 -8.14 -6.53 5.88
C THR A 53 -9.41 -5.73 6.19
N LYS A 54 -10.48 -6.09 5.49
CA LYS A 54 -11.75 -5.42 5.68
C LYS A 54 -12.07 -5.32 7.17
N LYS A 55 -12.06 -6.48 7.81
CA LYS A 55 -12.33 -6.55 9.24
C LYS A 55 -11.68 -5.34 9.93
N GLU A 56 -10.35 -5.34 9.91
CA GLU A 56 -9.59 -4.27 10.54
C GLU A 56 -10.27 -2.93 10.28
N VAL A 57 -10.39 -2.59 9.01
CA VAL A 57 -11.01 -1.33 8.61
C VAL A 57 -12.36 -1.20 9.32
N GLU A 58 -13.06 -2.33 9.42
CA GLU A 58 -14.36 -2.35 10.06
C GLU A 58 -14.20 -2.26 11.58
N LYS A 59 -13.02 -2.65 12.05
CA LYS A 59 -12.72 -2.61 13.47
C LYS A 59 -12.28 -1.20 13.86
N MET A 60 -11.51 -0.59 12.97
CA MET A 60 -11.02 0.76 13.22
C MET A 60 -10.21 0.82 14.52
N ASN A 61 -9.16 0.02 14.57
CA ASN A 61 -8.30 -0.03 15.74
C ASN A 61 -7.27 1.10 15.65
N LYS A 62 -6.65 1.38 16.79
CA LYS A 62 -5.64 2.43 16.85
C LYS A 62 -4.76 2.36 15.60
N LYS A 63 -4.30 1.15 15.31
CA LYS A 63 -3.45 0.94 14.14
C LYS A 63 -4.12 1.54 12.91
N MET A 64 -5.32 1.05 12.63
CA MET A 64 -6.07 1.54 11.48
C MET A 64 -6.33 3.04 11.58
N GLU A 65 -6.56 3.48 12.81
CA GLU A 65 -6.81 4.89 13.05
C GLU A 65 -5.70 5.75 12.45
N GLU A 66 -4.47 5.32 12.70
CA GLU A 66 -3.31 6.05 12.19
C GLU A 66 -3.42 6.20 10.67
N VAL A 67 -3.86 5.14 10.02
CA VAL A 67 -4.01 5.14 8.58
C VAL A 67 -5.13 6.12 8.19
N LYS A 68 -6.16 6.13 9.02
CA LYS A 68 -7.30 7.00 8.78
C LYS A 68 -6.88 8.46 8.99
N GLU A 69 -5.98 8.65 9.95
CA GLU A 69 -5.48 9.98 10.26
C GLU A 69 -4.69 10.54 9.07
N ALA A 70 -3.82 9.69 8.53
CA ALA A 70 -2.99 10.09 7.40
C ALA A 70 -3.78 9.87 6.10
N ASN A 71 -5.05 9.56 6.26
CA ASN A 71 -5.92 9.32 5.12
C ASN A 71 -5.17 8.47 4.09
N ILE A 72 -4.75 7.29 4.52
CA ILE A 72 -4.04 6.38 3.66
C ILE A 72 -4.97 5.27 3.18
N ARG A 73 -5.27 5.30 1.90
CA ARG A 73 -6.17 4.31 1.31
C ARG A 73 -5.70 2.90 1.70
N VAL A 74 -6.64 2.14 2.25
CA VAL A 74 -6.34 0.78 2.67
C VAL A 74 -6.79 -0.19 1.57
N VAL A 75 -5.85 -1.04 1.17
CA VAL A 75 -6.13 -2.02 0.13
C VAL A 75 -5.81 -3.41 0.65
N SER A 76 -6.20 -4.41 -0.13
CA SER A 76 -5.97 -5.79 0.24
C SER A 76 -4.61 -6.26 -0.30
N GLU A 77 -4.32 -7.53 -0.05
CA GLU A 77 -3.07 -8.11 -0.51
C GLU A 77 -3.10 -8.34 -2.02
N ASP A 78 -4.29 -8.66 -2.50
CA ASP A 78 -4.48 -8.91 -3.92
C ASP A 78 -3.84 -7.77 -4.73
N PHE A 79 -3.94 -6.57 -4.17
CA PHE A 79 -3.40 -5.40 -4.82
C PHE A 79 -1.99 -5.67 -5.35
N LEU A 80 -1.15 -6.20 -4.46
CA LEU A 80 0.22 -6.51 -4.82
C LEU A 80 0.22 -7.46 -6.02
N GLN A 81 -0.63 -8.46 -5.95
CA GLN A 81 -0.74 -9.44 -7.02
C GLN A 81 -1.07 -8.74 -8.35
N ASP A 82 -1.64 -7.55 -8.22
CA ASP A 82 -2.01 -6.77 -9.39
C ASP A 82 -0.88 -5.78 -9.72
N VAL A 83 -0.51 -5.00 -8.71
CA VAL A 83 0.54 -4.03 -8.88
C VAL A 83 1.82 -4.72 -9.36
N SER A 84 1.90 -6.02 -9.05
CA SER A 84 3.05 -6.81 -9.44
C SER A 84 2.80 -7.46 -10.81
N ALA A 85 1.53 -7.52 -11.18
CA ALA A 85 1.15 -8.11 -12.44
C ALA A 85 -0.05 -7.35 -13.01
N SER A 86 0.18 -6.08 -13.32
CA SER A 86 -0.87 -5.25 -13.87
C SER A 86 -0.25 -4.14 -14.73
N THR A 87 -0.93 -3.84 -15.83
CA THR A 87 -0.47 -2.81 -16.74
C THR A 87 -1.39 -1.59 -16.70
N LYS A 88 -1.74 -1.21 -15.48
CA LYS A 88 -2.63 -0.06 -15.28
C LYS A 88 -2.00 0.90 -14.28
N SER A 89 -2.83 1.80 -13.76
CA SER A 89 -2.37 2.77 -12.79
C SER A 89 -2.66 2.28 -11.37
N LEU A 90 -1.96 2.88 -10.42
CA LEU A 90 -2.13 2.52 -9.03
C LEU A 90 -3.59 2.78 -8.61
N GLN A 91 -4.06 3.96 -8.97
CA GLN A 91 -5.42 4.35 -8.64
C GLN A 91 -6.38 3.20 -8.93
N GLU A 92 -6.42 2.79 -10.19
CA GLU A 92 -7.28 1.71 -10.61
C GLU A 92 -7.04 0.47 -9.74
N LEU A 93 -5.78 0.23 -9.44
CA LEU A 93 -5.41 -0.90 -8.62
C LEU A 93 -5.93 -0.69 -7.19
N PHE A 94 -5.78 0.53 -6.72
CA PHE A 94 -6.22 0.87 -5.38
C PHE A 94 -7.74 0.68 -5.25
N LEU A 95 -8.47 1.31 -6.16
CA LEU A 95 -9.91 1.22 -6.16
C LEU A 95 -10.33 -0.22 -6.49
N ALA A 96 -9.49 -0.87 -7.26
CA ALA A 96 -9.76 -2.25 -7.66
C ALA A 96 -9.42 -3.19 -6.50
N HIS A 97 -8.98 -2.58 -5.41
CA HIS A 97 -8.62 -3.35 -4.22
C HIS A 97 -8.67 -2.45 -2.99
N ILE A 98 -9.62 -1.53 -3.01
CA ILE A 98 -9.79 -0.61 -1.90
C ILE A 98 -10.64 -1.25 -0.82
N LEU A 99 -10.08 -1.34 0.37
CA LEU A 99 -10.78 -1.93 1.50
C LEU A 99 -11.44 -0.83 2.33
N SER A 100 -10.84 0.35 2.26
CA SER A 100 -11.36 1.49 2.99
C SER A 100 -12.09 2.44 2.04
N SER A 101 -12.81 3.38 2.64
CA SER A 101 -13.55 4.36 1.85
C SER A 101 -12.78 5.67 1.78
N TRP A 102 -11.76 5.78 2.61
CA TRP A 102 -10.93 6.97 2.64
C TRP A 102 -9.66 6.69 1.85
N GLY A 103 -8.70 7.58 1.98
CA GLY A 103 -7.43 7.44 1.29
C GLY A 103 -7.37 8.38 0.08
N ALA A 104 -7.49 9.67 0.36
CA ALA A 104 -7.45 10.67 -0.69
C ALA A 104 -6.77 11.94 -0.17
N GLU A 105 -6.82 12.98 -0.98
CA GLU A 105 -6.22 14.24 -0.60
C GLU A 105 -6.63 14.63 0.82
N VAL A 106 -5.62 14.89 1.64
CA VAL A 106 -5.85 15.25 3.03
C VAL A 106 -6.25 16.73 3.09
N LYS A 107 -6.74 17.14 4.26
CA LYS A 107 -7.16 18.51 4.46
C LYS A 107 -5.92 19.42 4.43
N SER A 108 -5.97 20.38 3.53
CA SER A 108 -4.86 21.33 3.38
C SER A 108 -3.54 20.57 3.23
N GLY A 109 -3.27 20.16 2.01
CA GLY A 109 -2.05 19.43 1.71
C GLY A 109 -0.86 20.04 2.45
N PRO A 110 -0.29 19.23 3.39
CA PRO A 110 0.86 19.68 4.16
C PRO A 110 2.13 19.67 3.33
N SER A 111 3.24 19.96 3.98
CA SER A 111 4.53 19.98 3.31
C SER A 111 4.99 18.56 3.01
N SER A 112 6.00 18.46 2.17
CA SER A 112 6.55 17.17 1.79
C SER A 112 5.48 16.36 1.05
N GLY A 113 5.89 15.82 -0.10
CA GLY A 113 4.99 15.02 -0.91
C GLY A 113 4.92 13.58 -0.39
N GLY A 1 28.92 5.86 -2.79
CA GLY A 1 27.50 6.03 -3.10
C GLY A 1 27.14 5.28 -4.39
N SER A 2 25.97 4.66 -4.36
CA SER A 2 25.50 3.92 -5.51
C SER A 2 24.02 4.22 -5.75
N SER A 3 23.71 4.56 -6.99
CA SER A 3 22.34 4.88 -7.37
C SER A 3 22.00 4.21 -8.70
N GLY A 4 20.74 3.82 -8.82
CA GLY A 4 20.27 3.17 -10.03
C GLY A 4 18.86 2.61 -9.85
N SER A 5 18.05 2.76 -10.88
CA SER A 5 16.68 2.27 -10.84
C SER A 5 16.13 2.13 -12.26
N SER A 6 15.25 1.16 -12.42
CA SER A 6 14.64 0.91 -13.72
C SER A 6 13.78 -0.35 -13.66
N GLY A 7 12.80 -0.40 -14.54
CA GLY A 7 11.90 -1.54 -14.60
C GLY A 7 10.50 -1.16 -14.12
N ASP A 8 9.64 -2.17 -14.03
CA ASP A 8 8.28 -1.96 -13.58
C ASP A 8 8.25 -1.94 -12.04
N LYS A 9 8.57 -0.78 -11.49
CA LYS A 9 8.59 -0.61 -10.05
C LYS A 9 7.60 0.49 -9.66
N PRO A 10 6.36 0.04 -9.30
CA PRO A 10 5.31 0.96 -8.89
C PRO A 10 5.57 1.50 -7.49
N LEU A 11 5.79 0.58 -6.57
CA LEU A 11 6.04 0.94 -5.18
C LEU A 11 7.38 1.68 -5.10
N SER A 12 8.15 1.58 -6.17
CA SER A 12 9.45 2.22 -6.23
C SER A 12 9.36 3.62 -5.63
N ASN A 13 9.71 3.73 -4.36
CA ASN A 13 9.68 5.00 -3.66
C ASN A 13 8.32 5.17 -3.00
N MET A 14 7.86 4.11 -2.37
CA MET A 14 6.57 4.13 -1.69
C MET A 14 6.54 3.15 -0.52
N LYS A 15 6.29 3.69 0.66
CA LYS A 15 6.23 2.87 1.86
C LYS A 15 4.84 2.25 1.98
N ILE A 16 4.83 0.92 2.12
CA ILE A 16 3.59 0.19 2.25
C ILE A 16 3.44 -0.31 3.68
N LEU A 17 2.23 -0.16 4.20
CA LEU A 17 1.94 -0.58 5.56
C LEU A 17 0.97 -1.77 5.52
N THR A 18 0.92 -2.49 6.63
CA THR A 18 0.05 -3.64 6.74
C THR A 18 -0.63 -3.67 8.10
N LEU A 19 -1.87 -4.15 8.09
CA LEU A 19 -2.64 -4.23 9.32
C LEU A 19 -3.26 -5.63 9.44
N GLY A 20 -3.68 -5.96 10.65
CA GLY A 20 -4.28 -7.26 10.91
C GLY A 20 -3.34 -8.39 10.50
N LYS A 21 -3.93 -9.43 9.93
CA LYS A 21 -3.16 -10.58 9.49
C LYS A 21 -3.56 -10.93 8.05
N LEU A 22 -2.56 -10.94 7.18
CA LEU A 22 -2.79 -11.25 5.78
C LEU A 22 -2.54 -12.74 5.55
N SER A 23 -2.90 -13.19 4.36
CA SER A 23 -2.73 -14.58 4.00
C SER A 23 -1.24 -14.96 4.04
N ARG A 24 -0.43 -14.08 3.47
CA ARG A 24 1.00 -14.31 3.43
C ARG A 24 1.65 -13.82 4.73
N ASN A 25 2.94 -14.09 4.85
CA ASN A 25 3.68 -13.68 6.02
C ASN A 25 4.27 -12.29 5.81
N LYS A 26 4.34 -11.53 6.90
CA LYS A 26 4.86 -10.19 6.84
C LYS A 26 6.08 -10.15 5.90
N ASP A 27 6.98 -11.10 6.13
CA ASP A 27 8.18 -11.19 5.31
C ASP A 27 7.79 -11.29 3.84
N GLU A 28 7.14 -12.40 3.51
CA GLU A 28 6.71 -12.63 2.14
C GLU A 28 6.19 -11.32 1.52
N VAL A 29 5.53 -10.53 2.35
CA VAL A 29 4.99 -9.26 1.89
C VAL A 29 6.11 -8.22 1.83
N LYS A 30 6.81 -8.08 2.96
CA LYS A 30 7.90 -7.14 3.03
C LYS A 30 8.80 -7.30 1.81
N ALA A 31 8.89 -8.53 1.34
CA ALA A 31 9.72 -8.83 0.18
C ALA A 31 9.02 -8.32 -1.08
N MET A 32 7.74 -8.65 -1.20
CA MET A 32 6.96 -8.23 -2.34
C MET A 32 7.02 -6.72 -2.51
N ILE A 33 6.72 -6.02 -1.43
CA ILE A 33 6.73 -4.57 -1.45
C ILE A 33 8.13 -4.07 -1.83
N GLU A 34 9.12 -4.83 -1.37
CA GLU A 34 10.50 -4.48 -1.64
C GLU A 34 10.87 -4.83 -3.08
N LYS A 35 10.17 -5.83 -3.60
CA LYS A 35 10.41 -6.28 -4.97
C LYS A 35 9.86 -5.23 -5.94
N LEU A 36 8.62 -4.85 -5.71
CA LEU A 36 7.96 -3.86 -6.55
C LEU A 36 8.80 -2.59 -6.58
N GLY A 37 9.63 -2.44 -5.56
CA GLY A 37 10.49 -1.28 -5.45
C GLY A 37 10.15 -0.45 -4.21
N GLY A 38 9.08 -0.86 -3.54
CA GLY A 38 8.64 -0.17 -2.35
C GLY A 38 9.41 -0.65 -1.12
N LYS A 39 8.85 -0.37 0.05
CA LYS A 39 9.47 -0.76 1.30
C LYS A 39 8.41 -0.83 2.39
N LEU A 40 8.40 -1.97 3.08
CA LEU A 40 7.44 -2.19 4.15
C LEU A 40 7.86 -1.37 5.38
N THR A 41 6.87 -0.77 6.02
CA THR A 41 7.12 0.04 7.20
C THR A 41 6.27 -0.44 8.37
N GLY A 42 6.58 0.09 9.54
CA GLY A 42 5.85 -0.29 10.74
C GLY A 42 4.76 0.74 11.07
N THR A 43 5.13 2.01 10.95
CA THR A 43 4.21 3.09 11.22
C THR A 43 3.26 3.29 10.04
N ALA A 44 2.13 3.94 10.33
CA ALA A 44 1.14 4.20 9.30
C ALA A 44 1.33 5.62 8.76
N ASN A 45 1.61 6.53 9.68
CA ASN A 45 1.82 7.92 9.31
C ASN A 45 3.06 8.03 8.43
N LYS A 46 4.03 7.16 8.69
CA LYS A 46 5.26 7.14 7.93
C LYS A 46 5.15 6.10 6.81
N ALA A 47 3.96 6.01 6.25
CA ALA A 47 3.71 5.06 5.18
C ALA A 47 3.04 5.78 4.01
N SER A 48 3.12 5.16 2.84
CA SER A 48 2.52 5.74 1.65
C SER A 48 1.22 5.02 1.31
N LEU A 49 1.14 3.76 1.73
CA LEU A 49 -0.05 2.96 1.49
C LEU A 49 -0.24 1.97 2.63
N CYS A 50 -1.45 1.46 2.73
CA CYS A 50 -1.78 0.50 3.78
C CYS A 50 -2.39 -0.73 3.13
N ILE A 51 -2.05 -1.88 3.67
CA ILE A 51 -2.56 -3.15 3.16
C ILE A 51 -3.20 -3.94 4.30
N SER A 52 -4.51 -3.79 4.42
CA SER A 52 -5.25 -4.49 5.45
C SER A 52 -6.43 -5.25 4.83
N THR A 53 -7.27 -5.78 5.70
CA THR A 53 -8.43 -6.53 5.26
C THR A 53 -9.71 -5.82 5.66
N LYS A 54 -10.80 -6.19 4.99
CA LYS A 54 -12.09 -5.59 5.27
C LYS A 54 -12.34 -5.59 6.79
N LYS A 55 -12.21 -6.78 7.37
CA LYS A 55 -12.42 -6.93 8.79
C LYS A 55 -11.72 -5.78 9.54
N GLU A 56 -10.41 -5.78 9.44
CA GLU A 56 -9.61 -4.75 10.09
C GLU A 56 -10.30 -3.40 9.97
N VAL A 57 -10.37 -2.91 8.73
CA VAL A 57 -11.00 -1.63 8.47
C VAL A 57 -12.33 -1.56 9.21
N GLU A 58 -13.18 -2.54 8.93
CA GLU A 58 -14.49 -2.60 9.57
C GLU A 58 -14.35 -2.50 11.09
N LYS A 59 -13.18 -2.89 11.56
CA LYS A 59 -12.89 -2.86 12.99
C LYS A 59 -12.58 -1.42 13.41
N MET A 60 -11.83 -0.74 12.55
CA MET A 60 -11.45 0.64 12.81
C MET A 60 -10.69 0.74 14.14
N ASN A 61 -9.64 -0.06 14.26
CA ASN A 61 -8.83 -0.07 15.46
C ASN A 61 -7.76 1.02 15.35
N LYS A 62 -7.02 1.18 16.43
CA LYS A 62 -5.95 2.18 16.46
C LYS A 62 -5.10 2.04 15.19
N LYS A 63 -4.58 0.83 15.00
CA LYS A 63 -3.75 0.57 13.83
C LYS A 63 -4.41 1.17 12.59
N MET A 64 -5.71 0.97 12.49
CA MET A 64 -6.47 1.49 11.37
C MET A 64 -6.68 3.00 11.49
N GLU A 65 -6.61 3.47 12.73
CA GLU A 65 -6.79 4.89 12.99
C GLU A 65 -5.61 5.69 12.43
N GLU A 66 -4.42 5.15 12.64
CA GLU A 66 -3.21 5.81 12.16
C GLU A 66 -3.26 5.96 10.65
N VAL A 67 -3.95 5.03 10.01
CA VAL A 67 -4.08 5.06 8.56
C VAL A 67 -5.21 6.01 8.17
N LYS A 68 -6.23 6.06 9.02
CA LYS A 68 -7.36 6.93 8.77
C LYS A 68 -6.95 8.38 8.99
N GLU A 69 -6.25 8.61 10.09
CA GLU A 69 -5.79 9.95 10.42
C GLU A 69 -4.94 10.51 9.28
N ALA A 70 -4.07 9.66 8.75
CA ALA A 70 -3.20 10.05 7.65
C ALA A 70 -3.93 9.85 6.32
N ASN A 71 -5.21 9.51 6.44
CA ASN A 71 -6.02 9.29 5.25
C ASN A 71 -5.23 8.44 4.24
N ILE A 72 -4.75 7.31 4.73
CA ILE A 72 -3.98 6.40 3.89
C ILE A 72 -4.92 5.32 3.34
N ARG A 73 -5.03 5.30 2.02
CA ARG A 73 -5.88 4.33 1.35
C ARG A 73 -5.53 2.91 1.80
N VAL A 74 -6.55 2.19 2.24
CA VAL A 74 -6.37 0.82 2.70
C VAL A 74 -6.83 -0.15 1.61
N VAL A 75 -5.87 -0.90 1.10
CA VAL A 75 -6.16 -1.87 0.06
C VAL A 75 -5.90 -3.28 0.59
N SER A 76 -6.27 -4.26 -0.22
CA SER A 76 -6.08 -5.65 0.16
C SER A 76 -4.74 -6.17 -0.38
N GLU A 77 -4.44 -7.41 -0.04
CA GLU A 77 -3.21 -8.04 -0.49
C GLU A 77 -3.31 -8.41 -1.97
N ASP A 78 -4.52 -8.27 -2.50
CA ASP A 78 -4.76 -8.60 -3.90
C ASP A 78 -4.23 -7.45 -4.77
N PHE A 79 -3.86 -6.37 -4.11
CA PHE A 79 -3.34 -5.21 -4.82
C PHE A 79 -1.90 -5.45 -5.29
N LEU A 80 -1.17 -6.19 -4.47
CA LEU A 80 0.22 -6.51 -4.80
C LEU A 80 0.26 -7.42 -6.02
N GLN A 81 -0.48 -8.51 -5.93
CA GLN A 81 -0.55 -9.47 -7.03
C GLN A 81 -1.08 -8.80 -8.29
N ASP A 82 -1.72 -7.65 -8.09
CA ASP A 82 -2.29 -6.90 -9.20
C ASP A 82 -1.27 -5.88 -9.69
N VAL A 83 -0.64 -5.21 -8.73
CA VAL A 83 0.36 -4.21 -9.05
C VAL A 83 1.55 -4.87 -9.75
N SER A 84 1.59 -6.19 -9.65
CA SER A 84 2.65 -6.96 -10.27
C SER A 84 2.10 -7.78 -11.45
N ALA A 85 0.78 -7.74 -11.58
CA ALA A 85 0.12 -8.47 -12.64
C ALA A 85 -0.99 -7.60 -13.24
N SER A 86 -0.71 -6.31 -13.31
CA SER A 86 -1.66 -5.36 -13.86
C SER A 86 -0.93 -4.17 -14.47
N THR A 87 -1.44 -3.71 -15.61
CA THR A 87 -0.84 -2.59 -16.31
C THR A 87 -1.79 -1.38 -16.27
N LYS A 88 -2.56 -1.31 -15.19
CA LYS A 88 -3.50 -0.22 -15.02
C LYS A 88 -2.85 0.90 -14.20
N SER A 89 -3.63 1.94 -13.94
CA SER A 89 -3.13 3.07 -13.18
C SER A 89 -3.20 2.77 -11.68
N LEU A 90 -2.11 3.03 -11.00
CA LEU A 90 -2.03 2.80 -9.57
C LEU A 90 -3.35 3.20 -8.92
N GLN A 91 -3.77 4.42 -9.22
CA GLN A 91 -5.01 4.95 -8.67
C GLN A 91 -6.14 3.94 -8.88
N GLU A 92 -6.21 3.41 -10.10
CA GLU A 92 -7.23 2.45 -10.45
C GLU A 92 -7.04 1.16 -9.65
N LEU A 93 -5.78 0.75 -9.53
CA LEU A 93 -5.45 -0.45 -8.79
C LEU A 93 -5.97 -0.33 -7.36
N PHE A 94 -5.63 0.79 -6.74
CA PHE A 94 -6.05 1.03 -5.37
C PHE A 94 -7.56 0.89 -5.22
N LEU A 95 -8.28 1.62 -6.06
CA LEU A 95 -9.73 1.58 -6.04
C LEU A 95 -10.20 0.18 -6.44
N ALA A 96 -9.38 -0.48 -7.24
CA ALA A 96 -9.70 -1.82 -7.70
C ALA A 96 -9.44 -2.83 -6.58
N HIS A 97 -8.90 -2.31 -5.48
CA HIS A 97 -8.60 -3.14 -4.33
C HIS A 97 -8.63 -2.29 -3.06
N ILE A 98 -9.54 -1.32 -3.05
CA ILE A 98 -9.68 -0.44 -1.91
C ILE A 98 -10.64 -1.08 -0.90
N LEU A 99 -10.13 -1.27 0.31
CA LEU A 99 -10.92 -1.86 1.38
C LEU A 99 -11.55 -0.75 2.22
N SER A 100 -10.97 0.43 2.11
CA SER A 100 -11.47 1.58 2.85
C SER A 100 -12.26 2.49 1.92
N SER A 101 -12.76 3.58 2.49
CA SER A 101 -13.54 4.55 1.72
C SER A 101 -12.79 5.88 1.65
N TRP A 102 -11.57 5.87 2.16
CA TRP A 102 -10.74 7.06 2.16
C TRP A 102 -9.43 6.75 1.43
N GLY A 103 -8.47 7.64 1.60
CA GLY A 103 -7.17 7.46 0.96
C GLY A 103 -7.08 8.26 -0.34
N ALA A 104 -7.41 9.54 -0.24
CA ALA A 104 -7.37 10.42 -1.40
C ALA A 104 -8.42 9.97 -2.40
N GLU A 105 -8.87 10.92 -3.21
CA GLU A 105 -9.88 10.64 -4.22
C GLU A 105 -9.23 10.53 -5.60
N VAL A 106 -10.03 10.06 -6.55
CA VAL A 106 -9.55 9.91 -7.91
C VAL A 106 -9.48 11.28 -8.59
N LYS A 107 -8.41 11.49 -9.34
CA LYS A 107 -8.22 12.75 -10.04
C LYS A 107 -7.32 12.52 -11.25
N SER A 108 -7.11 13.59 -12.00
CA SER A 108 -6.27 13.52 -13.19
C SER A 108 -5.20 14.60 -13.14
N GLY A 109 -4.10 14.34 -13.83
CA GLY A 109 -2.99 15.29 -13.87
C GLY A 109 -3.36 16.54 -14.68
N PRO A 110 -2.72 17.67 -14.31
CA PRO A 110 -2.97 18.93 -14.99
C PRO A 110 -2.31 18.96 -16.36
N SER A 111 -3.15 19.05 -17.38
CA SER A 111 -2.66 19.09 -18.75
C SER A 111 -1.89 17.80 -19.06
N SER A 112 -2.37 17.09 -20.07
CA SER A 112 -1.74 15.85 -20.48
C SER A 112 -1.77 14.84 -19.32
N GLY A 113 -1.96 13.58 -19.69
CA GLY A 113 -2.02 12.52 -18.69
C GLY A 113 -2.77 12.97 -17.44
N GLY A 1 20.76 16.29 -5.95
CA GLY A 1 20.83 15.04 -5.21
C GLY A 1 21.35 13.90 -6.11
N SER A 2 20.69 12.76 -5.99
CA SER A 2 21.07 11.60 -6.79
C SER A 2 19.91 11.21 -7.70
N SER A 3 18.78 10.89 -7.08
CA SER A 3 17.60 10.48 -7.83
C SER A 3 17.96 9.38 -8.83
N GLY A 4 17.69 8.15 -8.44
CA GLY A 4 17.98 7.00 -9.28
C GLY A 4 16.93 5.91 -9.10
N SER A 5 16.26 5.59 -10.19
CA SER A 5 15.23 4.55 -10.17
C SER A 5 14.64 4.37 -11.56
N SER A 6 14.33 3.11 -11.89
CA SER A 6 13.77 2.79 -13.18
C SER A 6 13.37 1.31 -13.22
N GLY A 7 12.37 1.02 -14.03
CA GLY A 7 11.89 -0.34 -14.17
C GLY A 7 10.46 -0.47 -13.61
N ASP A 8 9.89 -1.65 -13.82
CA ASP A 8 8.55 -1.92 -13.35
C ASP A 8 8.52 -1.83 -11.82
N LYS A 9 8.25 -0.63 -11.35
CA LYS A 9 8.19 -0.39 -9.91
C LYS A 9 7.04 0.58 -9.61
N PRO A 10 5.87 -0.02 -9.27
CA PRO A 10 4.68 0.77 -8.96
C PRO A 10 4.80 1.39 -7.57
N LEU A 11 5.61 0.76 -6.73
CA LEU A 11 5.81 1.23 -5.38
C LEU A 11 7.21 1.86 -5.27
N SER A 12 7.85 2.01 -6.42
CA SER A 12 9.18 2.59 -6.46
C SER A 12 9.21 3.89 -5.66
N ASN A 13 9.70 3.78 -4.44
CA ASN A 13 9.78 4.94 -3.56
C ASN A 13 8.45 5.14 -2.86
N MET A 14 7.94 4.05 -2.29
CA MET A 14 6.68 4.10 -1.59
C MET A 14 6.63 3.07 -0.45
N LYS A 15 6.38 3.58 0.75
CA LYS A 15 6.32 2.71 1.92
C LYS A 15 4.90 2.16 2.06
N ILE A 16 4.82 0.84 2.16
CA ILE A 16 3.54 0.17 2.30
C ILE A 16 3.38 -0.32 3.74
N LEU A 17 2.14 -0.25 4.22
CA LEU A 17 1.85 -0.68 5.57
C LEU A 17 0.87 -1.87 5.52
N THR A 18 0.87 -2.64 6.61
CA THR A 18 0.01 -3.80 6.70
C THR A 18 -0.64 -3.87 8.08
N LEU A 19 -1.91 -4.29 8.08
CA LEU A 19 -2.65 -4.40 9.33
C LEU A 19 -3.46 -5.70 9.32
N GLY A 20 -3.26 -6.49 10.36
CA GLY A 20 -3.95 -7.76 10.47
C GLY A 20 -3.12 -8.90 9.90
N LYS A 21 -3.82 -9.84 9.26
CA LYS A 21 -3.15 -10.98 8.66
C LYS A 21 -3.59 -11.10 7.19
N LEU A 22 -2.66 -11.59 6.38
CA LEU A 22 -2.93 -11.76 4.96
C LEU A 22 -2.65 -13.21 4.56
N SER A 23 -2.85 -13.50 3.28
CA SER A 23 -2.62 -14.83 2.77
C SER A 23 -1.13 -15.17 2.83
N ARG A 24 -0.32 -14.19 2.47
CA ARG A 24 1.12 -14.38 2.49
C ARG A 24 1.69 -13.99 3.85
N ASN A 25 3.00 -14.15 3.97
CA ASN A 25 3.69 -13.82 5.22
C ASN A 25 4.27 -12.41 5.11
N LYS A 26 4.22 -11.69 6.22
CA LYS A 26 4.75 -10.34 6.27
C LYS A 26 6.06 -10.27 5.48
N ASP A 27 6.84 -11.34 5.60
CA ASP A 27 8.11 -11.41 4.90
C ASP A 27 7.85 -11.38 3.38
N GLU A 28 7.19 -12.42 2.91
CA GLU A 28 6.88 -12.53 1.50
C GLU A 28 6.45 -11.18 0.94
N VAL A 29 5.67 -10.47 1.76
CA VAL A 29 5.17 -9.16 1.36
C VAL A 29 6.30 -8.13 1.50
N LYS A 30 6.87 -8.08 2.69
CA LYS A 30 7.95 -7.16 2.98
C LYS A 30 8.97 -7.21 1.84
N ALA A 31 8.98 -8.34 1.15
CA ALA A 31 9.90 -8.54 0.04
C ALA A 31 9.29 -7.95 -1.23
N MET A 32 8.17 -8.54 -1.64
CA MET A 32 7.48 -8.09 -2.83
C MET A 32 7.35 -6.57 -2.85
N ILE A 33 7.01 -6.03 -1.68
CA ILE A 33 6.84 -4.59 -1.55
C ILE A 33 8.18 -3.90 -1.85
N GLU A 34 9.25 -4.58 -1.47
CA GLU A 34 10.59 -4.04 -1.70
C GLU A 34 11.01 -4.26 -3.15
N LYS A 35 10.56 -5.38 -3.70
CA LYS A 35 10.89 -5.72 -5.08
C LYS A 35 10.06 -4.85 -6.02
N LEU A 36 8.85 -4.54 -5.58
CA LEU A 36 7.95 -3.73 -6.37
C LEU A 36 8.48 -2.30 -6.43
N GLY A 37 9.42 -2.01 -5.54
CA GLY A 37 10.01 -0.69 -5.49
C GLY A 37 9.59 0.05 -4.21
N GLY A 38 8.64 -0.55 -3.50
CA GLY A 38 8.14 0.03 -2.27
C GLY A 38 8.97 -0.43 -1.07
N LYS A 39 8.36 -0.34 0.10
CA LYS A 39 9.02 -0.75 1.32
C LYS A 39 7.98 -0.93 2.43
N LEU A 40 8.19 -1.97 3.23
CA LEU A 40 7.27 -2.27 4.32
C LEU A 40 7.65 -1.42 5.54
N THR A 41 6.64 -0.85 6.17
CA THR A 41 6.85 -0.02 7.35
C THR A 41 6.01 -0.53 8.52
N GLY A 42 6.30 0.01 9.70
CA GLY A 42 5.59 -0.38 10.89
C GLY A 42 4.49 0.64 11.24
N THR A 43 4.88 1.90 11.21
CA THR A 43 3.94 2.97 11.52
C THR A 43 3.09 3.30 10.28
N ALA A 44 1.87 3.74 10.55
CA ALA A 44 0.94 4.08 9.48
C ALA A 44 1.19 5.53 9.07
N ASN A 45 1.49 6.36 10.06
CA ASN A 45 1.73 7.77 9.82
C ASN A 45 3.01 7.92 8.99
N LYS A 46 3.83 6.88 9.03
CA LYS A 46 5.09 6.88 8.29
C LYS A 46 5.00 5.85 7.16
N ALA A 47 3.86 5.83 6.50
CA ALA A 47 3.64 4.90 5.40
C ALA A 47 3.01 5.66 4.23
N SER A 48 3.15 5.06 3.05
CA SER A 48 2.60 5.66 1.84
C SER A 48 1.28 4.98 1.47
N LEU A 49 1.16 3.72 1.87
CA LEU A 49 -0.03 2.95 1.59
C LEU A 49 -0.25 1.92 2.71
N CYS A 50 -1.47 1.42 2.77
CA CYS A 50 -1.82 0.43 3.79
C CYS A 50 -2.42 -0.78 3.08
N ILE A 51 -2.13 -1.95 3.64
CA ILE A 51 -2.64 -3.18 3.08
C ILE A 51 -3.29 -4.02 4.19
N SER A 52 -4.59 -3.85 4.33
CA SER A 52 -5.34 -4.57 5.34
C SER A 52 -6.56 -5.25 4.72
N THR A 53 -7.40 -5.79 5.57
CA THR A 53 -8.61 -6.47 5.11
C THR A 53 -9.85 -5.67 5.50
N LYS A 54 -11.00 -6.14 5.04
CA LYS A 54 -12.26 -5.48 5.33
C LYS A 54 -12.50 -5.50 6.84
N LYS A 55 -12.21 -6.64 7.44
CA LYS A 55 -12.39 -6.79 8.87
C LYS A 55 -11.63 -5.69 9.60
N GLU A 56 -10.34 -5.60 9.32
CA GLU A 56 -9.51 -4.58 9.93
C GLU A 56 -10.14 -3.20 9.77
N VAL A 57 -10.20 -2.75 8.52
CA VAL A 57 -10.76 -1.46 8.22
C VAL A 57 -12.10 -1.31 8.95
N GLU A 58 -12.78 -2.43 9.11
CA GLU A 58 -14.07 -2.45 9.78
C GLU A 58 -13.88 -2.18 11.27
N LYS A 59 -12.79 -2.70 11.81
CA LYS A 59 -12.49 -2.53 13.21
C LYS A 59 -12.24 -1.05 13.50
N MET A 60 -11.42 -0.44 12.66
CA MET A 60 -11.10 0.97 12.81
C MET A 60 -10.36 1.22 14.13
N ASN A 61 -9.53 0.26 14.50
CA ASN A 61 -8.76 0.36 15.72
C ASN A 61 -7.73 1.48 15.58
N LYS A 62 -6.80 1.51 16.52
CA LYS A 62 -5.75 2.52 16.51
C LYS A 62 -4.89 2.34 15.26
N LYS A 63 -4.33 1.15 15.13
CA LYS A 63 -3.48 0.85 13.99
C LYS A 63 -4.19 1.27 12.71
N MET A 64 -5.51 1.27 12.78
CA MET A 64 -6.32 1.64 11.62
C MET A 64 -6.72 3.12 11.70
N GLU A 65 -6.66 3.66 12.91
CA GLU A 65 -7.01 5.05 13.13
C GLU A 65 -5.93 5.97 12.57
N GLU A 66 -4.69 5.52 12.71
CA GLU A 66 -3.56 6.30 12.22
C GLU A 66 -3.63 6.43 10.70
N VAL A 67 -4.05 5.35 10.06
CA VAL A 67 -4.17 5.34 8.61
C VAL A 67 -5.29 6.30 8.18
N LYS A 68 -6.31 6.36 9.01
CA LYS A 68 -7.45 7.23 8.73
C LYS A 68 -7.02 8.68 8.90
N GLU A 69 -6.06 8.89 9.79
CA GLU A 69 -5.56 10.22 10.07
C GLU A 69 -4.68 10.70 8.91
N ALA A 70 -3.85 9.78 8.42
CA ALA A 70 -2.96 10.09 7.32
C ALA A 70 -3.68 9.83 5.99
N ASN A 71 -4.99 9.67 6.09
CA ASN A 71 -5.80 9.41 4.90
C ASN A 71 -5.05 8.46 3.98
N ILE A 72 -4.56 7.38 4.55
CA ILE A 72 -3.83 6.38 3.79
C ILE A 72 -4.80 5.30 3.30
N ARG A 73 -5.07 5.35 2.01
CA ARG A 73 -5.98 4.37 1.41
C ARG A 73 -5.61 2.96 1.85
N VAL A 74 -6.62 2.24 2.31
CA VAL A 74 -6.43 0.87 2.77
C VAL A 74 -6.90 -0.09 1.68
N VAL A 75 -5.95 -0.85 1.17
CA VAL A 75 -6.26 -1.83 0.13
C VAL A 75 -6.08 -3.24 0.68
N SER A 76 -6.46 -4.22 -0.13
CA SER A 76 -6.34 -5.61 0.27
C SER A 76 -5.07 -6.21 -0.31
N GLU A 77 -4.84 -7.47 0.03
CA GLU A 77 -3.66 -8.17 -0.44
C GLU A 77 -3.79 -8.49 -1.93
N ASP A 78 -4.99 -8.29 -2.44
CA ASP A 78 -5.26 -8.55 -3.85
C ASP A 78 -4.61 -7.45 -4.69
N PHE A 79 -4.23 -6.38 -4.02
CA PHE A 79 -3.60 -5.25 -4.69
C PHE A 79 -2.17 -5.60 -5.12
N LEU A 80 -1.45 -6.23 -4.21
CA LEU A 80 -0.08 -6.62 -4.47
C LEU A 80 -0.06 -7.63 -5.62
N GLN A 81 -0.87 -8.67 -5.47
CA GLN A 81 -0.94 -9.71 -6.49
C GLN A 81 -1.26 -9.10 -7.85
N ASP A 82 -1.78 -7.87 -7.81
CA ASP A 82 -2.13 -7.17 -9.03
C ASP A 82 -0.98 -6.22 -9.41
N VAL A 83 -0.67 -5.34 -8.47
CA VAL A 83 0.40 -4.37 -8.69
C VAL A 83 1.65 -5.10 -9.20
N SER A 84 1.83 -6.30 -8.67
CA SER A 84 2.99 -7.11 -9.06
C SER A 84 2.72 -7.79 -10.40
N ALA A 85 1.44 -8.06 -10.65
CA ALA A 85 1.04 -8.71 -11.90
C ALA A 85 -0.20 -8.00 -12.44
N SER A 86 0.02 -6.78 -12.93
CA SER A 86 -1.06 -6.00 -13.49
C SER A 86 -0.51 -4.76 -14.20
N THR A 87 -1.15 -4.42 -15.30
CA THR A 87 -0.73 -3.26 -16.07
C THR A 87 -1.74 -2.11 -15.92
N LYS A 88 -2.22 -1.96 -14.70
CA LYS A 88 -3.19 -0.91 -14.39
C LYS A 88 -2.49 0.19 -13.59
N SER A 89 -3.16 1.35 -13.55
CA SER A 89 -2.61 2.49 -12.83
C SER A 89 -2.84 2.30 -11.33
N LEU A 90 -1.88 2.80 -10.55
CA LEU A 90 -1.97 2.69 -9.11
C LEU A 90 -3.37 3.10 -8.65
N GLN A 91 -3.74 4.32 -8.99
CA GLN A 91 -5.05 4.84 -8.62
C GLN A 91 -6.12 3.77 -8.80
N GLU A 92 -6.28 3.33 -10.04
CA GLU A 92 -7.25 2.30 -10.36
C GLU A 92 -7.03 1.07 -9.49
N LEU A 93 -5.78 0.59 -9.50
CA LEU A 93 -5.42 -0.58 -8.72
C LEU A 93 -5.97 -0.43 -7.30
N PHE A 94 -5.64 0.70 -6.69
CA PHE A 94 -6.08 0.98 -5.34
C PHE A 94 -7.60 0.88 -5.23
N LEU A 95 -8.27 1.61 -6.11
CA LEU A 95 -9.73 1.61 -6.12
C LEU A 95 -10.24 0.19 -6.36
N ALA A 96 -9.62 -0.48 -7.32
CA ALA A 96 -10.00 -1.85 -7.65
C ALA A 96 -9.69 -2.75 -6.46
N HIS A 97 -8.93 -2.21 -5.52
CA HIS A 97 -8.56 -2.96 -4.33
C HIS A 97 -8.60 -2.04 -3.11
N ILE A 98 -9.64 -1.21 -3.06
CA ILE A 98 -9.80 -0.27 -1.96
C ILE A 98 -10.76 -0.86 -0.93
N LEU A 99 -10.26 -1.00 0.29
CA LEU A 99 -11.06 -1.55 1.36
C LEU A 99 -11.69 -0.41 2.17
N SER A 100 -11.01 0.72 2.15
CA SER A 100 -11.48 1.89 2.86
C SER A 100 -12.22 2.84 1.90
N SER A 101 -12.88 3.82 2.48
CA SER A 101 -13.61 4.79 1.69
C SER A 101 -12.81 6.08 1.54
N TRP A 102 -11.71 6.15 2.29
CA TRP A 102 -10.85 7.31 2.26
C TRP A 102 -9.60 6.94 1.45
N GLY A 103 -8.58 7.77 1.60
CA GLY A 103 -7.33 7.55 0.89
C GLY A 103 -7.41 8.06 -0.55
N ALA A 104 -7.67 9.35 -0.67
CA ALA A 104 -7.79 9.97 -1.98
C ALA A 104 -6.40 10.36 -2.49
N GLU A 105 -5.90 9.56 -3.42
CA GLU A 105 -4.58 9.80 -3.99
C GLU A 105 -3.64 10.38 -2.93
N VAL A 106 -2.69 11.18 -3.40
CA VAL A 106 -1.73 11.80 -2.50
C VAL A 106 -0.91 12.83 -3.28
N LYS A 107 -0.18 13.64 -2.53
CA LYS A 107 0.64 14.67 -3.14
C LYS A 107 2.08 14.55 -2.60
N SER A 108 2.97 14.11 -3.47
CA SER A 108 4.36 13.95 -3.10
C SER A 108 5.27 14.51 -4.21
N GLY A 109 6.03 15.53 -3.83
CA GLY A 109 6.95 16.16 -4.77
C GLY A 109 8.40 15.82 -4.44
N PRO A 110 9.21 16.88 -4.23
CA PRO A 110 10.61 16.70 -3.92
C PRO A 110 10.80 16.22 -2.47
N SER A 111 11.78 15.35 -2.29
CA SER A 111 12.07 14.82 -0.97
C SER A 111 12.47 15.95 -0.02
N SER A 112 13.57 16.59 -0.34
CA SER A 112 14.07 17.69 0.48
C SER A 112 14.52 17.17 1.84
N GLY A 113 15.83 17.08 2.00
CA GLY A 113 16.40 16.59 3.24
C GLY A 113 15.84 15.21 3.60
N GLY A 1 22.55 2.88 1.18
CA GLY A 1 22.53 1.97 0.05
C GLY A 1 21.11 1.81 -0.51
N SER A 2 20.88 2.49 -1.63
CA SER A 2 19.58 2.44 -2.28
C SER A 2 19.57 1.34 -3.34
N SER A 3 20.45 1.50 -4.33
CA SER A 3 20.55 0.52 -5.40
C SER A 3 19.24 0.48 -6.19
N GLY A 4 19.31 -0.14 -7.36
CA GLY A 4 18.14 -0.26 -8.22
C GLY A 4 18.05 0.92 -9.18
N SER A 5 17.52 0.64 -10.36
CA SER A 5 17.37 1.66 -11.38
C SER A 5 16.58 1.11 -12.57
N SER A 6 15.58 1.87 -12.98
CA SER A 6 14.75 1.47 -14.11
C SER A 6 14.03 0.16 -13.77
N GLY A 7 12.95 -0.09 -14.51
CA GLY A 7 12.17 -1.29 -14.31
C GLY A 7 10.72 -0.95 -13.96
N ASP A 8 9.93 -1.99 -13.77
CA ASP A 8 8.53 -1.82 -13.42
C ASP A 8 8.38 -1.80 -11.90
N LYS A 9 8.46 -0.60 -11.34
CA LYS A 9 8.34 -0.44 -9.90
C LYS A 9 7.18 0.51 -9.60
N PRO A 10 6.01 -0.10 -9.28
CA PRO A 10 4.83 0.69 -8.97
C PRO A 10 4.92 1.30 -7.58
N LEU A 11 5.58 0.57 -6.69
CA LEU A 11 5.75 1.03 -5.31
C LEU A 11 7.11 1.70 -5.19
N SER A 12 7.83 1.75 -6.30
CA SER A 12 9.14 2.37 -6.31
C SER A 12 9.10 3.71 -5.58
N ASN A 13 9.60 3.69 -4.35
CA ASN A 13 9.62 4.89 -3.53
C ASN A 13 8.26 5.08 -2.87
N MET A 14 7.80 4.04 -2.20
CA MET A 14 6.51 4.08 -1.52
C MET A 14 6.48 3.10 -0.35
N LYS A 15 6.16 3.64 0.83
CA LYS A 15 6.09 2.83 2.03
C LYS A 15 4.71 2.18 2.13
N ILE A 16 4.71 0.87 2.20
CA ILE A 16 3.47 0.12 2.30
C ILE A 16 3.31 -0.40 3.72
N LEU A 17 2.09 -0.25 4.24
CA LEU A 17 1.79 -0.71 5.59
C LEU A 17 0.89 -1.94 5.52
N THR A 18 0.84 -2.66 6.63
CA THR A 18 0.02 -3.86 6.70
C THR A 18 -0.69 -3.94 8.05
N LEU A 19 -1.88 -4.51 8.03
CA LEU A 19 -2.68 -4.66 9.24
C LEU A 19 -3.36 -6.02 9.24
N GLY A 20 -3.60 -6.53 10.45
CA GLY A 20 -4.24 -7.82 10.60
C GLY A 20 -3.34 -8.94 10.09
N LYS A 21 -3.98 -10.06 9.75
CA LYS A 21 -3.25 -11.21 9.24
C LYS A 21 -3.68 -11.50 7.81
N LEU A 22 -2.72 -11.43 6.90
CA LEU A 22 -2.98 -11.68 5.50
C LEU A 22 -2.59 -13.13 5.16
N SER A 23 -2.93 -13.53 3.93
CA SER A 23 -2.63 -14.87 3.48
C SER A 23 -1.11 -15.10 3.53
N ARG A 24 -0.37 -14.11 3.04
CA ARG A 24 1.07 -14.21 3.02
C ARG A 24 1.66 -13.76 4.36
N ASN A 25 2.97 -13.79 4.44
CA ASN A 25 3.66 -13.39 5.66
C ASN A 25 4.31 -12.01 5.44
N LYS A 26 4.32 -11.23 6.51
CA LYS A 26 4.90 -9.90 6.46
C LYS A 26 6.18 -9.94 5.62
N ASP A 27 6.89 -11.06 5.73
CA ASP A 27 8.13 -11.23 4.99
C ASP A 27 7.83 -11.19 3.48
N GLU A 28 7.03 -12.14 3.04
CA GLU A 28 6.66 -12.22 1.64
C GLU A 28 6.25 -10.84 1.12
N VAL A 29 5.28 -10.25 1.82
CA VAL A 29 4.80 -8.94 1.45
C VAL A 29 5.93 -7.92 1.56
N LYS A 30 6.70 -8.06 2.63
CA LYS A 30 7.82 -7.17 2.87
C LYS A 30 8.79 -7.22 1.68
N ALA A 31 8.85 -8.39 1.07
CA ALA A 31 9.72 -8.60 -0.08
C ALA A 31 9.04 -8.06 -1.33
N MET A 32 7.76 -8.40 -1.46
CA MET A 32 6.98 -7.96 -2.61
C MET A 32 6.91 -6.44 -2.67
N ILE A 33 6.84 -5.83 -1.50
CA ILE A 33 6.77 -4.38 -1.41
C ILE A 33 8.15 -3.79 -1.71
N GLU A 34 9.17 -4.59 -1.48
CA GLU A 34 10.54 -4.17 -1.71
C GLU A 34 10.91 -4.39 -3.18
N LYS A 35 10.76 -5.63 -3.61
CA LYS A 35 11.08 -6.00 -4.98
C LYS A 35 10.37 -5.04 -5.94
N LEU A 36 9.08 -4.82 -5.66
CA LEU A 36 8.28 -3.93 -6.48
C LEU A 36 8.98 -2.57 -6.58
N GLY A 37 9.49 -2.12 -5.44
CA GLY A 37 10.18 -0.84 -5.37
C GLY A 37 9.80 -0.08 -4.10
N GLY A 38 8.78 -0.59 -3.44
CA GLY A 38 8.31 0.04 -2.20
C GLY A 38 9.12 -0.44 -1.00
N LYS A 39 8.53 -0.27 0.17
CA LYS A 39 9.19 -0.69 1.40
C LYS A 39 8.14 -0.83 2.51
N LEU A 40 8.18 -1.99 3.17
CA LEU A 40 7.24 -2.26 4.24
C LEU A 40 7.64 -1.47 5.48
N THR A 41 6.64 -0.90 6.13
CA THR A 41 6.86 -0.11 7.33
C THR A 41 5.99 -0.63 8.49
N GLY A 42 6.29 -0.12 9.67
CA GLY A 42 5.54 -0.51 10.86
C GLY A 42 4.46 0.52 11.19
N THR A 43 4.86 1.79 11.12
CA THR A 43 3.94 2.88 11.41
C THR A 43 2.97 3.08 10.25
N ALA A 44 1.92 3.83 10.53
CA ALA A 44 0.91 4.12 9.52
C ALA A 44 1.15 5.51 8.93
N ASN A 45 1.36 6.46 9.83
CA ASN A 45 1.61 7.83 9.42
C ASN A 45 2.85 7.88 8.55
N LYS A 46 3.82 7.03 8.88
CA LYS A 46 5.05 6.97 8.13
C LYS A 46 4.93 5.92 7.03
N ALA A 47 3.74 5.85 6.45
CA ALA A 47 3.48 4.90 5.38
C ALA A 47 2.75 5.61 4.24
N SER A 48 2.88 5.04 3.05
CA SER A 48 2.24 5.60 1.88
C SER A 48 1.01 4.78 1.50
N LEU A 49 1.10 3.48 1.79
CA LEU A 49 0.00 2.57 1.49
C LEU A 49 -0.31 1.74 2.73
N CYS A 50 -1.49 1.14 2.72
CA CYS A 50 -1.92 0.30 3.84
C CYS A 50 -2.60 -0.95 3.27
N ILE A 51 -2.07 -2.09 3.67
CA ILE A 51 -2.61 -3.37 3.21
C ILE A 51 -3.26 -4.09 4.39
N SER A 52 -4.56 -3.91 4.53
CA SER A 52 -5.30 -4.55 5.60
C SER A 52 -6.49 -5.32 5.03
N THR A 53 -7.33 -5.80 5.94
CA THR A 53 -8.51 -6.56 5.54
C THR A 53 -9.78 -5.81 5.92
N LYS A 54 -10.86 -6.16 5.23
CA LYS A 54 -12.14 -5.53 5.50
C LYS A 54 -12.38 -5.45 7.01
N LYS A 55 -12.32 -6.61 7.64
CA LYS A 55 -12.52 -6.70 9.08
C LYS A 55 -11.80 -5.53 9.76
N GLU A 56 -10.48 -5.59 9.72
CA GLU A 56 -9.66 -4.55 10.34
C GLU A 56 -10.31 -3.18 10.12
N VAL A 57 -10.38 -2.78 8.86
CA VAL A 57 -10.97 -1.50 8.52
C VAL A 57 -12.29 -1.33 9.27
N GLU A 58 -13.16 -2.31 9.11
CA GLU A 58 -14.46 -2.28 9.76
C GLU A 58 -14.28 -2.09 11.26
N LYS A 59 -13.14 -2.53 11.76
CA LYS A 59 -12.83 -2.40 13.17
C LYS A 59 -12.36 -0.97 13.48
N MET A 60 -11.76 -0.36 12.47
CA MET A 60 -11.27 1.00 12.62
C MET A 60 -10.37 1.13 13.84
N ASN A 61 -9.66 0.05 14.14
CA ASN A 61 -8.76 0.04 15.28
C ASN A 61 -7.71 1.13 15.12
N LYS A 62 -6.91 1.30 16.16
CA LYS A 62 -5.87 2.31 16.15
C LYS A 62 -4.98 2.12 14.90
N LYS A 63 -4.53 0.89 14.73
CA LYS A 63 -3.68 0.55 13.60
C LYS A 63 -4.31 1.09 12.32
N MET A 64 -5.63 1.19 12.35
CA MET A 64 -6.36 1.70 11.20
C MET A 64 -6.65 3.19 11.34
N GLU A 65 -6.59 3.66 12.58
CA GLU A 65 -6.84 5.06 12.87
C GLU A 65 -5.61 5.90 12.49
N GLU A 66 -4.44 5.30 12.68
CA GLU A 66 -3.20 5.98 12.36
C GLU A 66 -3.09 6.23 10.86
N VAL A 67 -3.77 5.38 10.10
CA VAL A 67 -3.75 5.50 8.65
C VAL A 67 -4.93 6.38 8.21
N LYS A 68 -5.96 6.38 9.03
CA LYS A 68 -7.15 7.18 8.74
C LYS A 68 -6.82 8.66 8.92
N GLU A 69 -5.77 8.91 9.68
CA GLU A 69 -5.34 10.28 9.93
C GLU A 69 -4.41 10.77 8.82
N ALA A 70 -3.57 9.85 8.36
CA ALA A 70 -2.62 10.17 7.31
C ALA A 70 -3.28 9.96 5.95
N ASN A 71 -4.60 9.77 5.99
CA ASN A 71 -5.36 9.56 4.78
C ASN A 71 -4.62 8.59 3.87
N ILE A 72 -4.42 7.39 4.40
CA ILE A 72 -3.72 6.35 3.65
C ILE A 72 -4.72 5.28 3.21
N ARG A 73 -5.00 5.27 1.92
CA ARG A 73 -5.93 4.30 1.36
C ARG A 73 -5.54 2.88 1.79
N VAL A 74 -6.54 2.14 2.25
CA VAL A 74 -6.31 0.78 2.69
C VAL A 74 -6.82 -0.19 1.61
N VAL A 75 -5.89 -0.92 1.04
CA VAL A 75 -6.24 -1.88 0.00
C VAL A 75 -5.99 -3.30 0.52
N SER A 76 -6.40 -4.27 -0.29
CA SER A 76 -6.24 -5.66 0.08
C SER A 76 -4.83 -6.14 -0.31
N GLU A 77 -4.62 -7.44 -0.13
CA GLU A 77 -3.33 -8.03 -0.45
C GLU A 77 -3.22 -8.27 -1.96
N ASP A 78 -4.28 -8.85 -2.52
CA ASP A 78 -4.32 -9.14 -3.93
C ASP A 78 -3.72 -7.96 -4.71
N PHE A 79 -3.94 -6.77 -4.17
CA PHE A 79 -3.42 -5.55 -4.79
C PHE A 79 -1.97 -5.74 -5.23
N LEU A 80 -1.24 -6.49 -4.42
CA LEU A 80 0.16 -6.75 -4.71
C LEU A 80 0.27 -7.61 -5.98
N GLN A 81 -0.38 -8.76 -5.93
CA GLN A 81 -0.37 -9.68 -7.05
C GLN A 81 -0.82 -8.96 -8.33
N ASP A 82 -1.51 -7.83 -8.12
CA ASP A 82 -2.00 -7.05 -9.25
C ASP A 82 -0.97 -5.97 -9.59
N VAL A 83 -0.48 -5.31 -8.55
CA VAL A 83 0.51 -4.25 -8.74
C VAL A 83 1.79 -4.86 -9.28
N SER A 84 1.91 -6.18 -9.13
CA SER A 84 3.08 -6.89 -9.60
C SER A 84 2.75 -7.67 -10.87
N ALA A 85 1.51 -7.52 -11.32
CA ALA A 85 1.06 -8.20 -12.52
C ALA A 85 -0.26 -7.59 -12.98
N SER A 86 -0.19 -6.31 -13.35
CA SER A 86 -1.36 -5.59 -13.81
C SER A 86 -0.94 -4.24 -14.39
N THR A 87 -1.38 -4.01 -15.63
CA THR A 87 -1.07 -2.77 -16.30
C THR A 87 -2.13 -1.71 -16.01
N LYS A 88 -2.53 -1.66 -14.74
CA LYS A 88 -3.54 -0.71 -14.32
C LYS A 88 -2.87 0.38 -13.46
N SER A 89 -3.36 1.61 -13.63
CA SER A 89 -2.83 2.73 -12.88
C SER A 89 -3.07 2.53 -11.38
N LEU A 90 -2.03 2.81 -10.61
CA LEU A 90 -2.13 2.67 -9.17
C LEU A 90 -3.49 3.16 -8.68
N GLN A 91 -3.73 4.44 -8.92
CA GLN A 91 -4.99 5.04 -8.52
C GLN A 91 -6.15 4.08 -8.76
N GLU A 92 -6.10 3.43 -9.92
CA GLU A 92 -7.14 2.48 -10.28
C GLU A 92 -7.02 1.21 -9.43
N LEU A 93 -5.83 0.63 -9.44
CA LEU A 93 -5.58 -0.57 -8.67
C LEU A 93 -6.11 -0.38 -7.25
N PHE A 94 -5.77 0.75 -6.67
CA PHE A 94 -6.21 1.07 -5.32
C PHE A 94 -7.72 0.97 -5.19
N LEU A 95 -8.41 1.70 -6.07
CA LEU A 95 -9.86 1.70 -6.07
C LEU A 95 -10.37 0.32 -6.48
N ALA A 96 -9.55 -0.37 -7.26
CA ALA A 96 -9.91 -1.70 -7.72
C ALA A 96 -9.67 -2.71 -6.59
N HIS A 97 -9.08 -2.21 -5.51
CA HIS A 97 -8.79 -3.05 -4.36
C HIS A 97 -8.81 -2.20 -3.09
N ILE A 98 -9.73 -1.25 -3.07
CA ILE A 98 -9.86 -0.36 -1.92
C ILE A 98 -10.75 -1.03 -0.86
N LEU A 99 -10.19 -1.21 0.32
CA LEU A 99 -10.92 -1.82 1.41
C LEU A 99 -11.52 -0.73 2.30
N SER A 100 -10.87 0.41 2.29
CA SER A 100 -11.33 1.54 3.09
C SER A 100 -12.16 2.50 2.22
N SER A 101 -12.74 3.48 2.87
CA SER A 101 -13.55 4.47 2.17
C SER A 101 -12.82 5.80 2.09
N TRP A 102 -11.62 5.80 2.64
CA TRP A 102 -10.79 7.01 2.62
C TRP A 102 -9.58 6.74 1.73
N GLY A 103 -8.57 7.59 1.89
CA GLY A 103 -7.35 7.45 1.11
C GLY A 103 -7.48 8.18 -0.23
N ALA A 104 -7.78 9.46 -0.15
CA ALA A 104 -7.93 10.27 -1.35
C ALA A 104 -9.20 9.86 -2.08
N GLU A 105 -9.69 10.77 -2.92
CA GLU A 105 -10.90 10.51 -3.68
C GLU A 105 -10.98 11.47 -4.88
N VAL A 106 -10.06 11.27 -5.81
CA VAL A 106 -10.03 12.10 -7.01
C VAL A 106 -9.75 11.22 -8.22
N LYS A 107 -10.12 11.74 -9.39
CA LYS A 107 -9.91 11.01 -10.63
C LYS A 107 -8.54 11.37 -11.20
N SER A 108 -7.91 10.36 -11.78
CA SER A 108 -6.59 10.54 -12.36
C SER A 108 -6.19 9.29 -13.17
N GLY A 109 -5.38 9.52 -14.20
CA GLY A 109 -4.92 8.44 -15.04
C GLY A 109 -3.96 8.94 -16.12
N PRO A 110 -2.65 8.80 -15.82
CA PRO A 110 -1.62 9.24 -16.75
C PRO A 110 -1.49 8.27 -17.93
N SER A 111 -0.64 8.64 -18.87
CA SER A 111 -0.41 7.82 -20.04
C SER A 111 -0.19 6.36 -19.63
N SER A 112 -0.79 5.46 -20.39
CA SER A 112 -0.66 4.04 -20.12
C SER A 112 -1.37 3.24 -21.20
N GLY A 113 -1.02 1.95 -21.27
CA GLY A 113 -1.61 1.07 -22.26
C GLY A 113 -1.16 1.44 -23.67
N GLY A 1 15.92 3.95 -4.41
CA GLY A 1 17.02 3.62 -3.52
C GLY A 1 18.36 4.02 -4.14
N SER A 2 18.73 5.28 -3.91
CA SER A 2 19.97 5.80 -4.43
C SER A 2 19.94 5.80 -5.96
N SER A 3 20.49 6.86 -6.53
CA SER A 3 20.53 7.00 -7.98
C SER A 3 19.10 7.16 -8.53
N GLY A 4 19.03 7.62 -9.77
CA GLY A 4 17.75 7.82 -10.42
C GLY A 4 17.22 6.52 -11.01
N SER A 5 15.95 6.53 -11.36
CA SER A 5 15.31 5.36 -11.93
C SER A 5 13.88 5.70 -12.36
N SER A 6 13.45 5.05 -13.43
CA SER A 6 12.11 5.28 -13.96
C SER A 6 11.64 4.04 -14.72
N GLY A 7 10.32 3.87 -14.75
CA GLY A 7 9.73 2.74 -15.42
C GLY A 7 9.55 1.54 -14.48
N ASP A 8 8.43 0.86 -14.64
CA ASP A 8 8.12 -0.29 -13.81
C ASP A 8 8.13 0.14 -12.34
N LYS A 9 8.12 -0.86 -11.46
CA LYS A 9 8.12 -0.61 -10.04
C LYS A 9 7.00 0.38 -9.69
N PRO A 10 5.81 -0.19 -9.35
CA PRO A 10 4.66 0.61 -9.00
C PRO A 10 4.82 1.21 -7.60
N LEU A 11 5.40 0.43 -6.71
CA LEU A 11 5.62 0.86 -5.34
C LEU A 11 6.91 1.68 -5.27
N SER A 12 7.78 1.44 -6.24
CA SER A 12 9.05 2.14 -6.30
C SER A 12 8.91 3.55 -5.71
N ASN A 13 9.41 3.69 -4.49
CA ASN A 13 9.34 4.97 -3.81
C ASN A 13 7.98 5.11 -3.13
N MET A 14 7.65 4.11 -2.33
CA MET A 14 6.38 4.11 -1.62
C MET A 14 6.44 3.19 -0.38
N LYS A 15 6.05 3.76 0.74
CA LYS A 15 6.05 3.01 1.99
C LYS A 15 4.70 2.30 2.17
N ILE A 16 4.73 0.99 2.00
CA ILE A 16 3.52 0.20 2.13
C ILE A 16 3.44 -0.36 3.56
N LEU A 17 2.22 -0.35 4.09
CA LEU A 17 2.00 -0.85 5.44
C LEU A 17 0.96 -1.98 5.39
N THR A 18 1.08 -2.89 6.35
CA THR A 18 0.17 -4.01 6.43
C THR A 18 -0.49 -4.07 7.81
N LEU A 19 -1.77 -4.42 7.80
CA LEU A 19 -2.53 -4.52 9.05
C LEU A 19 -3.17 -5.90 9.14
N GLY A 20 -3.64 -6.22 10.33
CA GLY A 20 -4.28 -7.50 10.57
C GLY A 20 -3.37 -8.66 10.12
N LYS A 21 -4.01 -9.79 9.88
CA LYS A 21 -3.28 -10.98 9.44
C LYS A 21 -3.71 -11.35 8.03
N LEU A 22 -2.73 -11.43 7.15
CA LEU A 22 -2.99 -11.78 5.76
C LEU A 22 -2.50 -13.20 5.49
N SER A 23 -2.83 -13.70 4.30
CA SER A 23 -2.43 -15.04 3.91
C SER A 23 -0.90 -15.17 3.99
N ARG A 24 -0.23 -14.14 3.50
CA ARG A 24 1.22 -14.13 3.51
C ARG A 24 1.75 -13.61 4.86
N ASN A 25 3.07 -13.63 4.99
CA ASN A 25 3.70 -13.16 6.21
C ASN A 25 4.34 -11.80 5.96
N LYS A 26 4.45 -11.02 7.03
CA LYS A 26 5.03 -9.70 6.94
C LYS A 26 6.26 -9.76 6.01
N ASP A 27 7.09 -10.74 6.25
CA ASP A 27 8.30 -10.92 5.45
C ASP A 27 7.92 -10.95 3.97
N GLU A 28 7.11 -11.94 3.62
CA GLU A 28 6.67 -12.09 2.24
C GLU A 28 6.23 -10.73 1.67
N VAL A 29 5.30 -10.11 2.37
CA VAL A 29 4.78 -8.82 1.95
C VAL A 29 5.94 -7.81 1.92
N LYS A 30 6.80 -7.91 2.91
CA LYS A 30 7.95 -7.02 3.01
C LYS A 30 8.84 -7.22 1.79
N ALA A 31 8.93 -8.46 1.35
CA ALA A 31 9.75 -8.81 0.20
C ALA A 31 9.08 -8.29 -1.08
N MET A 32 7.77 -8.48 -1.14
CA MET A 32 6.99 -8.05 -2.30
C MET A 32 7.16 -6.54 -2.51
N ILE A 33 6.62 -5.78 -1.57
CA ILE A 33 6.69 -4.33 -1.64
C ILE A 33 8.11 -3.91 -2.01
N GLU A 34 9.06 -4.74 -1.60
CA GLU A 34 10.47 -4.46 -1.87
C GLU A 34 10.80 -4.85 -3.31
N LYS A 35 10.24 -5.96 -3.74
CA LYS A 35 10.47 -6.45 -5.10
C LYS A 35 9.96 -5.40 -6.10
N LEU A 36 8.73 -4.97 -5.87
CA LEU A 36 8.12 -3.98 -6.74
C LEU A 36 9.02 -2.75 -6.83
N GLY A 37 9.60 -2.39 -5.68
CA GLY A 37 10.49 -1.25 -5.62
C GLY A 37 10.19 -0.39 -4.39
N GLY A 38 9.10 -0.74 -3.72
CA GLY A 38 8.69 -0.02 -2.52
C GLY A 38 9.44 -0.53 -1.29
N LYS A 39 8.88 -0.21 -0.13
CA LYS A 39 9.48 -0.64 1.13
C LYS A 39 8.40 -0.70 2.21
N LEU A 40 8.39 -1.82 2.92
CA LEU A 40 7.42 -2.01 3.98
C LEU A 40 7.81 -1.17 5.20
N THR A 41 6.81 -0.59 5.83
CA THR A 41 7.03 0.24 7.00
C THR A 41 6.22 -0.28 8.18
N GLY A 42 6.51 0.28 9.35
CA GLY A 42 5.82 -0.12 10.56
C GLY A 42 4.78 0.93 10.97
N THR A 43 5.20 2.19 10.94
CA THR A 43 4.32 3.28 11.28
C THR A 43 3.37 3.59 10.13
N ALA A 44 2.13 3.93 10.49
CA ALA A 44 1.12 4.25 9.50
C ALA A 44 1.28 5.71 9.07
N ASN A 45 1.58 6.55 10.05
CA ASN A 45 1.76 7.97 9.79
C ASN A 45 2.94 8.16 8.84
N LYS A 46 3.78 7.13 8.75
CA LYS A 46 4.94 7.18 7.89
C LYS A 46 4.80 6.11 6.80
N ALA A 47 3.61 6.04 6.23
CA ALA A 47 3.33 5.08 5.18
C ALA A 47 2.55 5.76 4.07
N SER A 48 2.58 5.14 2.89
CA SER A 48 1.88 5.67 1.74
C SER A 48 0.70 4.76 1.38
N LEU A 49 0.87 3.48 1.67
CA LEU A 49 -0.16 2.51 1.38
C LEU A 49 -0.41 1.66 2.63
N CYS A 50 -1.58 1.00 2.64
CA CYS A 50 -1.95 0.16 3.75
C CYS A 50 -2.69 -1.06 3.20
N ILE A 51 -2.11 -2.22 3.45
CA ILE A 51 -2.71 -3.47 2.98
C ILE A 51 -3.38 -4.18 4.17
N SER A 52 -4.67 -3.94 4.31
CA SER A 52 -5.43 -4.54 5.39
C SER A 52 -6.64 -5.29 4.82
N THR A 53 -7.49 -5.74 5.73
CA THR A 53 -8.69 -6.47 5.34
C THR A 53 -9.94 -5.66 5.67
N LYS A 54 -11.01 -5.96 4.95
CA LYS A 54 -12.27 -5.27 5.16
C LYS A 54 -12.54 -5.16 6.66
N LYS A 55 -12.53 -6.31 7.32
CA LYS A 55 -12.77 -6.35 8.76
C LYS A 55 -11.97 -5.25 9.44
N GLU A 56 -10.65 -5.39 9.38
CA GLU A 56 -9.76 -4.43 9.98
C GLU A 56 -10.32 -3.01 9.81
N VAL A 57 -10.37 -2.58 8.56
CA VAL A 57 -10.87 -1.25 8.25
C VAL A 57 -12.20 -1.03 8.99
N GLU A 58 -13.01 -2.06 8.98
CA GLU A 58 -14.31 -2.00 9.66
C GLU A 58 -14.12 -1.90 11.17
N LYS A 59 -13.01 -2.46 11.63
CA LYS A 59 -12.69 -2.45 13.05
C LYS A 59 -12.33 -1.02 13.48
N MET A 60 -11.67 -0.32 12.56
CA MET A 60 -11.26 1.05 12.83
C MET A 60 -10.36 1.12 14.06
N ASN A 61 -9.78 -0.03 14.41
CA ASN A 61 -8.91 -0.11 15.56
C ASN A 61 -7.75 0.87 15.37
N LYS A 62 -7.02 1.08 16.46
CA LYS A 62 -5.88 1.98 16.43
C LYS A 62 -5.07 1.75 15.16
N LYS A 63 -4.65 0.52 14.98
CA LYS A 63 -3.87 0.14 13.81
C LYS A 63 -4.48 0.79 12.57
N MET A 64 -5.81 0.78 12.53
CA MET A 64 -6.52 1.37 11.41
C MET A 64 -6.67 2.88 11.58
N GLU A 65 -6.67 3.30 12.84
CA GLU A 65 -6.79 4.71 13.15
C GLU A 65 -5.57 5.48 12.68
N GLU A 66 -4.42 4.84 12.81
CA GLU A 66 -3.15 5.44 12.41
C GLU A 66 -3.15 5.66 10.89
N VAL A 67 -3.85 4.79 10.20
CA VAL A 67 -3.93 4.89 8.74
C VAL A 67 -5.00 5.90 8.36
N LYS A 68 -6.02 6.00 9.21
CA LYS A 68 -7.11 6.93 8.97
C LYS A 68 -6.61 8.36 9.16
N GLU A 69 -5.97 8.58 10.30
CA GLU A 69 -5.43 9.89 10.61
C GLU A 69 -4.55 10.40 9.47
N ALA A 70 -3.69 9.51 9.01
CA ALA A 70 -2.78 9.84 7.92
C ALA A 70 -3.52 9.70 6.58
N ASN A 71 -4.81 9.45 6.68
CA ASN A 71 -5.63 9.28 5.50
C ASN A 71 -4.84 8.50 4.45
N ILE A 72 -4.64 7.22 4.74
CA ILE A 72 -3.90 6.35 3.83
C ILE A 72 -4.85 5.29 3.27
N ARG A 73 -5.06 5.36 1.97
CA ARG A 73 -5.94 4.42 1.30
C ARG A 73 -5.55 2.98 1.65
N VAL A 74 -6.52 2.24 2.14
CA VAL A 74 -6.29 0.86 2.53
C VAL A 74 -6.74 -0.07 1.38
N VAL A 75 -5.86 -1.00 1.04
CA VAL A 75 -6.15 -1.95 -0.02
C VAL A 75 -5.98 -3.37 0.50
N SER A 76 -6.28 -4.33 -0.37
CA SER A 76 -6.16 -5.73 0.00
C SER A 76 -4.83 -6.29 -0.50
N GLU A 77 -4.61 -7.56 -0.22
CA GLU A 77 -3.39 -8.22 -0.63
C GLU A 77 -3.42 -8.52 -2.13
N ASP A 78 -4.62 -8.52 -2.67
CA ASP A 78 -4.80 -8.78 -4.09
C ASP A 78 -4.15 -7.65 -4.90
N PHE A 79 -3.97 -6.52 -4.24
CA PHE A 79 -3.35 -5.37 -4.88
C PHE A 79 -1.93 -5.70 -5.35
N LEU A 80 -1.18 -6.32 -4.47
CA LEU A 80 0.19 -6.70 -4.79
C LEU A 80 0.20 -7.68 -5.96
N GLN A 81 -0.76 -8.60 -5.92
CA GLN A 81 -0.88 -9.59 -6.96
C GLN A 81 -1.26 -8.93 -8.30
N ASP A 82 -1.76 -7.71 -8.19
CA ASP A 82 -2.16 -6.96 -9.36
C ASP A 82 -1.04 -6.00 -9.76
N VAL A 83 -0.59 -5.23 -8.78
CA VAL A 83 0.48 -4.27 -9.00
C VAL A 83 1.65 -4.97 -9.69
N SER A 84 1.83 -6.23 -9.33
CA SER A 84 2.91 -7.03 -9.90
C SER A 84 2.46 -7.68 -11.20
N ALA A 85 1.14 -7.83 -11.32
CA ALA A 85 0.56 -8.43 -12.51
C ALA A 85 -0.64 -7.59 -12.97
N SER A 86 -0.34 -6.36 -13.36
CA SER A 86 -1.38 -5.45 -13.82
C SER A 86 -0.75 -4.12 -14.23
N THR A 87 -0.88 -3.80 -15.51
CA THR A 87 -0.34 -2.56 -16.03
C THR A 87 -1.38 -1.45 -15.94
N LYS A 88 -2.05 -1.40 -14.80
CA LYS A 88 -3.07 -0.40 -14.58
C LYS A 88 -2.50 0.70 -13.67
N SER A 89 -3.13 1.87 -13.74
CA SER A 89 -2.70 3.00 -12.93
C SER A 89 -2.91 2.69 -11.45
N LEU A 90 -1.88 2.97 -10.66
CA LEU A 90 -1.94 2.72 -9.23
C LEU A 90 -3.33 3.10 -8.71
N GLN A 91 -3.67 4.36 -8.92
CA GLN A 91 -4.96 4.86 -8.47
C GLN A 91 -6.05 3.82 -8.71
N GLU A 92 -6.22 3.46 -9.97
CA GLU A 92 -7.22 2.47 -10.35
C GLU A 92 -7.01 1.19 -9.55
N LEU A 93 -5.77 0.73 -9.51
CA LEU A 93 -5.44 -0.48 -8.79
C LEU A 93 -5.97 -0.37 -7.35
N PHE A 94 -5.65 0.75 -6.72
CA PHE A 94 -6.08 0.98 -5.36
C PHE A 94 -7.60 0.87 -5.24
N LEU A 95 -8.28 1.63 -6.08
CA LEU A 95 -9.74 1.63 -6.09
C LEU A 95 -10.24 0.22 -6.37
N ALA A 96 -9.62 -0.41 -7.36
CA ALA A 96 -10.00 -1.76 -7.74
C ALA A 96 -9.69 -2.72 -6.59
N HIS A 97 -8.93 -2.22 -5.63
CA HIS A 97 -8.57 -3.01 -4.48
C HIS A 97 -8.56 -2.12 -3.22
N ILE A 98 -9.59 -1.30 -3.12
CA ILE A 98 -9.73 -0.40 -1.99
C ILE A 98 -10.65 -1.04 -0.95
N LEU A 99 -10.13 -1.20 0.25
CA LEU A 99 -10.89 -1.79 1.34
C LEU A 99 -11.47 -0.68 2.22
N SER A 100 -10.87 0.50 2.08
CA SER A 100 -11.31 1.65 2.85
C SER A 100 -12.01 2.66 1.94
N SER A 101 -12.60 3.66 2.56
CA SER A 101 -13.30 4.70 1.81
C SER A 101 -12.48 5.99 1.80
N TRP A 102 -11.44 5.99 2.63
CA TRP A 102 -10.57 7.16 2.73
C TRP A 102 -9.31 6.87 1.90
N GLY A 103 -8.31 7.70 2.11
CA GLY A 103 -7.05 7.55 1.40
C GLY A 103 -6.88 8.64 0.34
N ALA A 104 -7.53 8.42 -0.80
CA ALA A 104 -7.46 9.37 -1.89
C ALA A 104 -6.01 9.55 -2.32
N GLU A 105 -5.83 9.97 -3.56
CA GLU A 105 -4.50 10.19 -4.11
C GLU A 105 -3.62 10.92 -3.09
N VAL A 106 -2.45 10.35 -2.85
CA VAL A 106 -1.52 10.94 -1.91
C VAL A 106 -0.17 10.21 -2.00
N LYS A 107 0.88 10.99 -2.21
CA LYS A 107 2.21 10.43 -2.33
C LYS A 107 3.17 11.21 -1.42
N SER A 108 3.42 10.64 -0.25
CA SER A 108 4.31 11.26 0.71
C SER A 108 5.16 10.20 1.39
N GLY A 109 6.36 10.01 0.86
CA GLY A 109 7.29 9.04 1.41
C GLY A 109 8.67 9.15 0.75
N PRO A 110 9.50 10.05 1.33
CA PRO A 110 10.84 10.27 0.81
C PRO A 110 11.77 9.11 1.19
N SER A 111 12.08 8.30 0.19
CA SER A 111 12.95 7.15 0.41
C SER A 111 14.07 7.15 -0.63
N SER A 112 15.11 7.93 -0.34
CA SER A 112 16.24 8.03 -1.25
C SER A 112 17.43 8.66 -0.53
N GLY A 113 17.21 9.87 -0.03
CA GLY A 113 18.24 10.59 0.68
C GLY A 113 19.54 10.64 -0.14
N GLY A 1 19.43 3.46 -7.43
CA GLY A 1 20.85 3.43 -7.19
C GLY A 1 21.50 2.21 -7.84
N SER A 2 21.30 1.06 -7.21
CA SER A 2 21.86 -0.17 -7.72
C SER A 2 21.43 -1.35 -6.83
N SER A 3 20.82 -2.34 -7.47
CA SER A 3 20.36 -3.51 -6.74
C SER A 3 19.84 -4.56 -7.73
N GLY A 4 20.53 -5.69 -7.77
CA GLY A 4 20.15 -6.77 -8.66
C GLY A 4 19.78 -6.23 -10.05
N SER A 5 18.54 -6.48 -10.43
CA SER A 5 18.05 -6.02 -11.72
C SER A 5 16.55 -6.30 -11.85
N SER A 6 15.81 -5.27 -12.22
CA SER A 6 14.37 -5.39 -12.38
C SER A 6 13.82 -4.17 -13.12
N GLY A 7 12.69 -4.37 -13.77
CA GLY A 7 12.06 -3.29 -14.52
C GLY A 7 10.57 -3.21 -14.18
N ASP A 8 10.30 -2.82 -12.93
CA ASP A 8 8.93 -2.69 -12.48
C ASP A 8 8.93 -2.30 -11.00
N LYS A 9 8.73 -1.02 -10.75
CA LYS A 9 8.71 -0.51 -9.39
C LYS A 9 7.51 0.44 -9.22
N PRO A 10 6.32 -0.17 -9.01
CA PRO A 10 5.10 0.61 -8.83
C PRO A 10 5.06 1.26 -7.45
N LEU A 11 5.91 0.75 -6.57
CA LEU A 11 5.97 1.26 -5.21
C LEU A 11 7.27 2.06 -5.03
N SER A 12 8.18 1.85 -5.98
CA SER A 12 9.46 2.54 -5.94
C SER A 12 9.29 3.94 -5.35
N ASN A 13 9.73 4.09 -4.11
CA ASN A 13 9.63 5.37 -3.43
C ASN A 13 8.26 5.47 -2.75
N MET A 14 7.97 4.46 -1.93
CA MET A 14 6.71 4.43 -1.21
C MET A 14 6.80 3.54 0.02
N LYS A 15 6.11 3.96 1.07
CA LYS A 15 6.10 3.21 2.32
C LYS A 15 4.77 2.45 2.45
N ILE A 16 4.86 1.14 2.31
CA ILE A 16 3.68 0.30 2.42
C ILE A 16 3.57 -0.23 3.85
N LEU A 17 2.34 -0.19 4.36
CA LEU A 17 2.08 -0.66 5.71
C LEU A 17 1.01 -1.76 5.67
N THR A 18 1.13 -2.69 6.61
CA THR A 18 0.19 -3.79 6.68
C THR A 18 -0.48 -3.82 8.05
N LEU A 19 -1.73 -4.28 8.06
CA LEU A 19 -2.49 -4.36 9.29
C LEU A 19 -3.29 -5.67 9.31
N GLY A 20 -3.26 -6.34 10.45
CA GLY A 20 -3.97 -7.60 10.60
C GLY A 20 -3.19 -8.76 9.98
N LYS A 21 -3.93 -9.74 9.49
CA LYS A 21 -3.32 -10.90 8.88
C LYS A 21 -3.76 -10.99 7.41
N LEU A 22 -2.76 -11.12 6.55
CA LEU A 22 -3.02 -11.22 5.12
C LEU A 22 -2.82 -12.66 4.66
N SER A 23 -3.31 -12.94 3.47
CA SER A 23 -3.19 -14.27 2.90
C SER A 23 -1.73 -14.74 2.97
N ARG A 24 -0.84 -13.84 2.59
CA ARG A 24 0.57 -14.16 2.61
C ARG A 24 1.19 -13.80 3.96
N ASN A 25 2.45 -14.16 4.13
CA ASN A 25 3.15 -13.89 5.37
C ASN A 25 3.80 -12.51 5.29
N LYS A 26 3.91 -11.87 6.44
CA LYS A 26 4.52 -10.55 6.52
C LYS A 26 5.73 -10.50 5.60
N ASP A 27 6.61 -11.48 5.77
CA ASP A 27 7.82 -11.55 4.97
C ASP A 27 7.43 -11.52 3.48
N GLU A 28 6.70 -12.53 3.07
CA GLU A 28 6.26 -12.63 1.69
C GLU A 28 5.84 -11.26 1.17
N VAL A 29 5.16 -10.52 2.03
CA VAL A 29 4.70 -9.19 1.67
C VAL A 29 5.87 -8.22 1.70
N LYS A 30 6.55 -8.19 2.83
CA LYS A 30 7.69 -7.31 3.01
C LYS A 30 8.61 -7.43 1.79
N ALA A 31 8.65 -8.63 1.23
CA ALA A 31 9.47 -8.90 0.07
C ALA A 31 8.84 -8.25 -1.17
N MET A 32 7.58 -8.59 -1.39
CA MET A 32 6.85 -8.05 -2.53
C MET A 32 6.92 -6.53 -2.55
N ILE A 33 6.74 -5.93 -1.38
CA ILE A 33 6.78 -4.49 -1.25
C ILE A 33 8.16 -3.99 -1.70
N GLU A 34 9.16 -4.79 -1.40
CA GLU A 34 10.53 -4.44 -1.77
C GLU A 34 10.78 -4.74 -3.25
N LYS A 35 10.34 -5.91 -3.66
CA LYS A 35 10.51 -6.33 -5.05
C LYS A 35 9.80 -5.33 -5.96
N LEU A 36 8.72 -4.76 -5.44
CA LEU A 36 7.95 -3.79 -6.20
C LEU A 36 8.62 -2.42 -6.10
N GLY A 37 9.79 -2.41 -5.47
CA GLY A 37 10.54 -1.18 -5.30
C GLY A 37 10.06 -0.39 -4.08
N GLY A 38 8.94 -0.87 -3.52
CA GLY A 38 8.36 -0.22 -2.36
C GLY A 38 9.17 -0.54 -1.10
N LYS A 39 8.68 -0.04 0.02
CA LYS A 39 9.34 -0.28 1.30
C LYS A 39 8.28 -0.44 2.40
N LEU A 40 8.48 -1.46 3.22
CA LEU A 40 7.57 -1.73 4.31
C LEU A 40 7.97 -0.91 5.53
N THR A 41 6.97 -0.35 6.19
CA THR A 41 7.20 0.46 7.37
C THR A 41 6.33 -0.01 8.53
N GLY A 42 6.64 0.48 9.72
CA GLY A 42 5.89 0.12 10.90
C GLY A 42 4.83 1.17 11.22
N THR A 43 5.23 2.43 11.08
CA THR A 43 4.32 3.54 11.35
C THR A 43 3.36 3.74 10.18
N ALA A 44 2.16 4.19 10.51
CA ALA A 44 1.14 4.43 9.50
C ALA A 44 1.23 5.88 9.03
N ASN A 45 1.43 6.78 9.98
CA ASN A 45 1.52 8.19 9.68
C ASN A 45 2.76 8.43 8.82
N LYS A 46 3.61 7.42 8.75
CA LYS A 46 4.82 7.51 7.96
C LYS A 46 4.78 6.46 6.85
N ALA A 47 3.61 6.32 6.24
CA ALA A 47 3.42 5.38 5.16
C ALA A 47 2.70 6.06 3.99
N SER A 48 2.84 5.46 2.83
CA SER A 48 2.20 6.00 1.63
C SER A 48 0.95 5.20 1.30
N LEU A 49 0.98 3.92 1.66
CA LEU A 49 -0.14 3.04 1.41
C LEU A 49 -0.24 2.02 2.54
N CYS A 50 -1.44 1.44 2.66
CA CYS A 50 -1.68 0.46 3.70
C CYS A 50 -2.32 -0.77 3.05
N ILE A 51 -2.01 -1.92 3.60
CA ILE A 51 -2.55 -3.18 3.09
C ILE A 51 -3.18 -3.97 4.24
N SER A 52 -4.50 -3.84 4.33
CA SER A 52 -5.24 -4.54 5.38
C SER A 52 -6.47 -5.23 4.77
N THR A 53 -7.30 -5.76 5.66
CA THR A 53 -8.51 -6.45 5.23
C THR A 53 -9.73 -5.57 5.46
N LYS A 54 -10.90 -6.14 5.17
CA LYS A 54 -12.15 -5.42 5.34
C LYS A 54 -12.53 -5.41 6.82
N LYS A 55 -12.20 -6.51 7.49
CA LYS A 55 -12.50 -6.64 8.90
C LYS A 55 -11.82 -5.51 9.68
N GLU A 56 -10.50 -5.44 9.52
CA GLU A 56 -9.72 -4.42 10.20
C GLU A 56 -10.35 -3.04 9.97
N VAL A 57 -10.37 -2.63 8.72
CA VAL A 57 -10.94 -1.35 8.35
C VAL A 57 -12.31 -1.20 9.01
N GLU A 58 -13.01 -2.31 9.08
CA GLU A 58 -14.34 -2.33 9.68
C GLU A 58 -14.24 -2.26 11.20
N LYS A 59 -13.11 -2.74 11.71
CA LYS A 59 -12.87 -2.75 13.14
C LYS A 59 -12.46 -1.34 13.59
N MET A 60 -11.66 -0.71 12.76
CA MET A 60 -11.17 0.63 13.05
C MET A 60 -10.39 0.66 14.37
N ASN A 61 -9.37 -0.18 14.42
CA ASN A 61 -8.53 -0.26 15.61
C ASN A 61 -7.51 0.87 15.59
N LYS A 62 -6.84 1.04 16.73
CA LYS A 62 -5.84 2.09 16.84
C LYS A 62 -4.92 2.05 15.62
N LYS A 63 -4.44 0.86 15.31
CA LYS A 63 -3.55 0.67 14.17
C LYS A 63 -4.20 1.26 12.93
N MET A 64 -5.46 0.90 12.73
CA MET A 64 -6.20 1.38 11.57
C MET A 64 -6.47 2.89 11.69
N GLU A 65 -6.57 3.34 12.93
CA GLU A 65 -6.81 4.76 13.18
C GLU A 65 -5.69 5.61 12.57
N GLU A 66 -4.46 5.19 12.85
CA GLU A 66 -3.29 5.89 12.34
C GLU A 66 -3.40 6.06 10.82
N VAL A 67 -3.91 5.02 10.17
CA VAL A 67 -4.07 5.04 8.74
C VAL A 67 -5.17 6.03 8.35
N LYS A 68 -6.21 6.05 9.16
CA LYS A 68 -7.33 6.95 8.92
C LYS A 68 -6.87 8.40 9.10
N GLU A 69 -6.07 8.60 10.14
CA GLU A 69 -5.54 9.93 10.43
C GLU A 69 -4.67 10.43 9.27
N ALA A 70 -3.85 9.52 8.77
CA ALA A 70 -2.97 9.85 7.66
C ALA A 70 -3.72 9.67 6.34
N ASN A 71 -5.02 9.42 6.46
CA ASN A 71 -5.85 9.23 5.29
C ASN A 71 -5.09 8.38 4.26
N ILE A 72 -4.70 7.20 4.70
CA ILE A 72 -3.97 6.29 3.83
C ILE A 72 -4.93 5.22 3.29
N ARG A 73 -5.14 5.27 1.99
CA ARG A 73 -6.03 4.32 1.34
C ARG A 73 -5.64 2.90 1.72
N VAL A 74 -6.59 2.19 2.31
CA VAL A 74 -6.37 0.82 2.72
C VAL A 74 -6.86 -0.13 1.62
N VAL A 75 -5.91 -0.84 1.03
CA VAL A 75 -6.23 -1.78 -0.03
C VAL A 75 -5.89 -3.20 0.42
N SER A 76 -6.30 -4.16 -0.37
CA SER A 76 -6.05 -5.56 -0.06
C SER A 76 -4.60 -5.92 -0.41
N GLU A 77 -4.25 -7.17 -0.13
CA GLU A 77 -2.91 -7.64 -0.42
C GLU A 77 -2.83 -8.15 -1.86
N ASP A 78 -3.97 -8.19 -2.52
CA ASP A 78 -4.04 -8.64 -3.89
C ASP A 78 -3.42 -7.57 -4.80
N PHE A 79 -3.55 -6.33 -4.36
CA PHE A 79 -3.02 -5.21 -5.13
C PHE A 79 -1.57 -5.47 -5.55
N LEU A 80 -0.86 -6.20 -4.70
CA LEU A 80 0.53 -6.53 -4.97
C LEU A 80 0.60 -7.48 -6.17
N GLN A 81 -0.23 -8.50 -6.12
CA GLN A 81 -0.27 -9.48 -7.19
C GLN A 81 -0.67 -8.81 -8.51
N ASP A 82 -1.58 -7.86 -8.40
CA ASP A 82 -2.05 -7.14 -9.57
C ASP A 82 -1.01 -6.07 -9.96
N VAL A 83 -0.85 -5.10 -9.08
CA VAL A 83 0.09 -4.03 -9.31
C VAL A 83 1.37 -4.60 -9.94
N SER A 84 1.74 -5.78 -9.46
CA SER A 84 2.93 -6.44 -9.96
C SER A 84 2.66 -7.05 -11.33
N ALA A 85 1.48 -7.64 -11.46
CA ALA A 85 1.08 -8.26 -12.71
C ALA A 85 -0.34 -7.83 -13.06
N SER A 86 -0.47 -6.57 -13.45
CA SER A 86 -1.76 -6.01 -13.81
C SER A 86 -1.59 -4.92 -14.87
N THR A 87 -2.55 -4.85 -15.77
CA THR A 87 -2.52 -3.86 -16.83
C THR A 87 -3.26 -2.59 -16.40
N LYS A 88 -3.22 -2.34 -15.10
CA LYS A 88 -3.88 -1.17 -14.54
C LYS A 88 -2.89 -0.41 -13.65
N SER A 89 -3.00 0.90 -13.70
CA SER A 89 -2.13 1.75 -12.91
C SER A 89 -2.47 1.60 -11.42
N LEU A 90 -1.50 1.98 -10.59
CA LEU A 90 -1.68 1.89 -9.14
C LEU A 90 -3.00 2.55 -8.76
N GLN A 91 -3.20 3.75 -9.28
CA GLN A 91 -4.41 4.50 -9.00
C GLN A 91 -5.64 3.60 -9.17
N GLU A 92 -5.53 2.68 -10.12
CA GLU A 92 -6.62 1.75 -10.38
C GLU A 92 -6.75 0.74 -9.25
N LEU A 93 -5.72 -0.07 -9.09
CA LEU A 93 -5.71 -1.07 -8.04
C LEU A 93 -6.22 -0.46 -6.74
N PHE A 94 -5.58 0.62 -6.33
CA PHE A 94 -5.97 1.32 -5.11
C PHE A 94 -7.49 1.43 -5.01
N LEU A 95 -8.12 1.50 -6.17
CA LEU A 95 -9.57 1.61 -6.23
C LEU A 95 -10.19 0.23 -6.48
N ALA A 96 -9.51 -0.54 -7.31
CA ALA A 96 -9.97 -1.88 -7.64
C ALA A 96 -9.64 -2.82 -6.48
N HIS A 97 -9.06 -2.25 -5.44
CA HIS A 97 -8.68 -3.03 -4.26
C HIS A 97 -8.78 -2.16 -3.02
N ILE A 98 -9.70 -1.19 -3.08
CA ILE A 98 -9.91 -0.29 -1.97
C ILE A 98 -10.74 -0.99 -0.89
N LEU A 99 -10.20 -1.03 0.31
CA LEU A 99 -10.88 -1.66 1.42
C LEU A 99 -11.47 -0.59 2.34
N SER A 100 -11.02 0.64 2.12
CA SER A 100 -11.50 1.75 2.91
C SER A 100 -12.28 2.73 2.01
N SER A 101 -12.90 3.71 2.66
CA SER A 101 -13.68 4.71 1.95
C SER A 101 -12.90 6.02 1.87
N TRP A 102 -11.68 5.98 2.39
CA TRP A 102 -10.83 7.15 2.39
C TRP A 102 -9.54 6.81 1.64
N GLY A 103 -8.56 7.69 1.76
CA GLY A 103 -7.28 7.48 1.11
C GLY A 103 -7.22 8.22 -0.23
N ALA A 104 -7.73 9.45 -0.22
CA ALA A 104 -7.75 10.27 -1.41
C ALA A 104 -8.89 9.81 -2.32
N GLU A 105 -9.34 10.73 -3.16
CA GLU A 105 -10.43 10.45 -4.09
C GLU A 105 -10.14 11.08 -5.45
N VAL A 106 -10.19 10.25 -6.47
CA VAL A 106 -9.95 10.71 -7.83
C VAL A 106 -10.56 9.74 -8.82
N LYS A 107 -11.15 10.29 -9.88
CA LYS A 107 -11.77 9.47 -10.90
C LYS A 107 -12.25 10.37 -12.04
N SER A 108 -11.43 10.43 -13.08
CA SER A 108 -11.74 11.25 -14.24
C SER A 108 -10.67 11.07 -15.32
N GLY A 109 -10.91 10.10 -16.19
CA GLY A 109 -9.98 9.82 -17.27
C GLY A 109 -9.74 8.31 -17.41
N PRO A 110 -10.32 7.74 -18.49
CA PRO A 110 -10.17 6.31 -18.75
C PRO A 110 -8.78 5.99 -19.29
N SER A 111 -8.17 4.98 -18.69
CA SER A 111 -6.84 4.56 -19.10
C SER A 111 -6.66 3.06 -18.84
N SER A 112 -6.20 2.37 -19.88
CA SER A 112 -6.00 0.94 -19.80
C SER A 112 -7.15 0.28 -19.05
N GLY A 113 -8.17 -0.09 -19.81
CA GLY A 113 -9.35 -0.73 -19.24
C GLY A 113 -9.44 -2.20 -19.67
N GLY A 1 25.76 12.03 -6.88
CA GLY A 1 26.20 11.18 -7.98
C GLY A 1 25.42 9.87 -7.99
N SER A 2 24.55 9.73 -8.98
CA SER A 2 23.73 8.54 -9.11
C SER A 2 23.05 8.52 -10.49
N SER A 3 22.60 7.34 -10.87
CA SER A 3 21.92 7.18 -12.15
C SER A 3 21.49 5.72 -12.34
N GLY A 4 20.28 5.56 -12.82
CA GLY A 4 19.73 4.23 -13.04
C GLY A 4 18.25 4.16 -12.64
N SER A 5 17.69 2.98 -12.80
CA SER A 5 16.29 2.76 -12.46
C SER A 5 15.40 3.66 -13.31
N SER A 6 14.45 3.02 -13.98
CA SER A 6 13.53 3.75 -14.84
C SER A 6 12.26 2.93 -15.06
N GLY A 7 11.12 3.60 -14.94
CA GLY A 7 9.84 2.95 -15.12
C GLY A 7 9.71 1.72 -14.22
N ASP A 8 8.55 1.08 -14.29
CA ASP A 8 8.30 -0.09 -13.49
C ASP A 8 8.27 0.30 -12.01
N LYS A 9 8.15 -0.71 -11.16
CA LYS A 9 8.10 -0.49 -9.73
C LYS A 9 7.00 0.52 -9.41
N PRO A 10 5.80 -0.03 -9.06
CA PRO A 10 4.65 0.81 -8.73
C PRO A 10 4.82 1.42 -7.34
N LEU A 11 5.56 0.73 -6.50
CA LEU A 11 5.80 1.20 -5.14
C LEU A 11 7.20 1.80 -5.05
N SER A 12 7.88 1.78 -6.18
CA SER A 12 9.23 2.33 -6.24
C SER A 12 9.28 3.70 -5.57
N ASN A 13 9.78 3.69 -4.34
CA ASN A 13 9.89 4.91 -3.57
C ASN A 13 8.55 5.19 -2.85
N MET A 14 8.12 4.18 -2.10
CA MET A 14 6.87 4.29 -1.37
C MET A 14 6.83 3.30 -0.21
N LYS A 15 6.43 3.81 0.95
CA LYS A 15 6.35 2.98 2.14
C LYS A 15 4.94 2.38 2.24
N ILE A 16 4.90 1.07 2.44
CA ILE A 16 3.63 0.37 2.55
C ILE A 16 3.51 -0.23 3.96
N LEU A 17 2.28 -0.17 4.48
CA LEU A 17 2.02 -0.70 5.80
C LEU A 17 1.00 -1.83 5.71
N THR A 18 1.09 -2.75 6.65
CA THR A 18 0.19 -3.90 6.67
C THR A 18 -0.53 -3.97 8.02
N LEU A 19 -1.80 -4.35 7.96
CA LEU A 19 -2.61 -4.47 9.17
C LEU A 19 -3.40 -5.78 9.12
N GLY A 20 -3.37 -6.48 10.24
CA GLY A 20 -4.08 -7.75 10.34
C GLY A 20 -3.32 -8.86 9.62
N LYS A 21 -3.94 -10.02 9.58
CA LYS A 21 -3.33 -11.17 8.93
C LYS A 21 -3.78 -11.24 7.48
N LEU A 22 -2.80 -11.37 6.59
CA LEU A 22 -3.09 -11.44 5.17
C LEU A 22 -2.82 -12.86 4.66
N SER A 23 -3.22 -13.10 3.42
CA SER A 23 -3.02 -14.40 2.81
C SER A 23 -1.56 -14.83 2.94
N ARG A 24 -0.67 -13.90 2.61
CA ARG A 24 0.76 -14.17 2.69
C ARG A 24 1.30 -13.76 4.06
N ASN A 25 2.59 -14.00 4.25
CA ASN A 25 3.25 -13.65 5.50
C ASN A 25 3.90 -12.28 5.37
N LYS A 26 3.98 -11.59 6.49
CA LYS A 26 4.58 -10.26 6.51
C LYS A 26 5.81 -10.25 5.61
N ASP A 27 6.80 -11.03 5.99
CA ASP A 27 8.03 -11.12 5.21
C ASP A 27 7.70 -11.18 3.73
N GLU A 28 7.05 -12.27 3.34
CA GLU A 28 6.66 -12.45 1.95
C GLU A 28 6.19 -11.13 1.35
N VAL A 29 5.47 -10.37 2.15
CA VAL A 29 4.95 -9.09 1.72
C VAL A 29 6.08 -8.05 1.76
N LYS A 30 6.73 -7.98 2.90
CA LYS A 30 7.83 -7.03 3.09
C LYS A 30 8.78 -7.14 1.90
N ALA A 31 8.86 -8.35 1.35
CA ALA A 31 9.73 -8.59 0.21
C ALA A 31 9.08 -8.03 -1.06
N MET A 32 7.84 -8.43 -1.27
CA MET A 32 7.10 -7.97 -2.43
C MET A 32 7.09 -6.44 -2.51
N ILE A 33 6.73 -5.83 -1.39
CA ILE A 33 6.68 -4.37 -1.32
C ILE A 33 8.06 -3.80 -1.63
N GLU A 34 9.08 -4.60 -1.36
CA GLU A 34 10.45 -4.19 -1.61
C GLU A 34 10.82 -4.44 -3.07
N LYS A 35 10.68 -5.69 -3.49
CA LYS A 35 10.99 -6.06 -4.86
C LYS A 35 10.29 -5.10 -5.82
N LEU A 36 9.01 -4.89 -5.58
CA LEU A 36 8.23 -3.99 -6.41
C LEU A 36 8.94 -2.64 -6.51
N GLY A 37 9.43 -2.19 -5.37
CA GLY A 37 10.13 -0.91 -5.32
C GLY A 37 9.76 -0.14 -4.06
N GLY A 38 8.72 -0.63 -3.38
CA GLY A 38 8.26 0.01 -2.17
C GLY A 38 9.09 -0.44 -0.96
N LYS A 39 8.52 -0.23 0.22
CA LYS A 39 9.18 -0.61 1.45
C LYS A 39 8.15 -0.75 2.57
N LEU A 40 8.25 -1.86 3.29
CA LEU A 40 7.33 -2.12 4.39
C LEU A 40 7.72 -1.26 5.60
N THR A 41 6.70 -0.71 6.23
CA THR A 41 6.92 0.12 7.41
C THR A 41 6.06 -0.35 8.57
N GLY A 42 6.43 0.12 9.77
CA GLY A 42 5.70 -0.25 10.97
C GLY A 42 4.71 0.83 11.37
N THR A 43 5.14 2.07 11.18
CA THR A 43 4.30 3.22 11.52
C THR A 43 3.36 3.55 10.36
N ALA A 44 2.15 3.99 10.72
CA ALA A 44 1.17 4.35 9.72
C ALA A 44 1.42 5.78 9.25
N ASN A 45 1.48 6.68 10.22
CA ASN A 45 1.71 8.08 9.93
C ASN A 45 2.96 8.22 9.03
N LYS A 46 3.79 7.19 9.08
CA LYS A 46 5.00 7.17 8.27
C LYS A 46 4.89 6.08 7.21
N ALA A 47 3.74 6.07 6.54
CA ALA A 47 3.51 5.08 5.49
C ALA A 47 2.80 5.76 4.32
N SER A 48 2.89 5.11 3.16
CA SER A 48 2.27 5.63 1.96
C SER A 48 1.06 4.77 1.57
N LEU A 49 1.16 3.49 1.90
CA LEU A 49 0.10 2.55 1.59
C LEU A 49 -0.20 1.70 2.84
N CYS A 50 -1.40 1.16 2.85
CA CYS A 50 -1.83 0.32 3.97
C CYS A 50 -2.56 -0.90 3.40
N ILE A 51 -1.96 -2.05 3.64
CA ILE A 51 -2.54 -3.30 3.17
C ILE A 51 -3.21 -4.03 4.33
N SER A 52 -4.51 -3.79 4.46
CA SER A 52 -5.28 -4.40 5.52
C SER A 52 -6.48 -5.16 4.94
N THR A 53 -7.34 -5.63 5.83
CA THR A 53 -8.52 -6.37 5.41
C THR A 53 -9.79 -5.60 5.79
N LYS A 54 -10.85 -5.86 5.04
CA LYS A 54 -12.11 -5.20 5.28
C LYS A 54 -12.40 -5.21 6.78
N LYS A 55 -12.43 -6.41 7.35
CA LYS A 55 -12.69 -6.56 8.77
C LYS A 55 -11.96 -5.47 9.54
N GLU A 56 -10.65 -5.53 9.50
CA GLU A 56 -9.82 -4.55 10.19
C GLU A 56 -10.42 -3.16 10.04
N VAL A 57 -10.51 -2.71 8.79
CA VAL A 57 -11.05 -1.39 8.50
C VAL A 57 -12.39 -1.24 9.22
N GLU A 58 -13.14 -2.33 9.28
CA GLU A 58 -14.43 -2.33 9.93
C GLU A 58 -14.26 -2.24 11.46
N LYS A 59 -13.12 -2.74 11.92
CA LYS A 59 -12.82 -2.73 13.34
C LYS A 59 -12.35 -1.33 13.74
N MET A 60 -11.61 -0.70 12.83
CA MET A 60 -11.10 0.64 13.08
C MET A 60 -10.25 0.67 14.34
N ASN A 61 -9.24 -0.20 14.37
CA ASN A 61 -8.35 -0.29 15.51
C ASN A 61 -7.39 0.90 15.48
N LYS A 62 -6.68 1.07 16.58
CA LYS A 62 -5.72 2.16 16.71
C LYS A 62 -4.81 2.17 15.47
N LYS A 63 -4.37 0.98 15.09
CA LYS A 63 -3.50 0.83 13.94
C LYS A 63 -4.17 1.45 12.71
N MET A 64 -5.41 1.02 12.48
CA MET A 64 -6.17 1.52 11.35
C MET A 64 -6.53 2.99 11.53
N GLU A 65 -6.40 3.44 12.77
CA GLU A 65 -6.70 4.83 13.09
C GLU A 65 -5.55 5.74 12.70
N GLU A 66 -4.35 5.21 12.85
CA GLU A 66 -3.14 5.96 12.51
C GLU A 66 -3.09 6.23 11.01
N VAL A 67 -3.79 5.39 10.26
CA VAL A 67 -3.83 5.51 8.82
C VAL A 67 -5.06 6.33 8.42
N LYS A 68 -6.09 6.22 9.24
CA LYS A 68 -7.33 6.95 9.00
C LYS A 68 -7.08 8.45 9.10
N GLU A 69 -6.02 8.78 9.85
CA GLU A 69 -5.67 10.18 10.05
C GLU A 69 -4.81 10.67 8.88
N ALA A 70 -3.86 9.84 8.50
CA ALA A 70 -2.97 10.18 7.40
C ALA A 70 -3.65 9.85 6.07
N ASN A 71 -4.87 9.34 6.18
CA ASN A 71 -5.64 8.98 5.00
C ASN A 71 -4.76 8.14 4.06
N ILE A 72 -4.43 6.95 4.53
CA ILE A 72 -3.60 6.04 3.74
C ILE A 72 -4.49 4.99 3.07
N ARG A 73 -4.80 5.24 1.81
CA ARG A 73 -5.63 4.32 1.04
C ARG A 73 -5.37 2.88 1.47
N VAL A 74 -6.36 2.31 2.14
CA VAL A 74 -6.25 0.95 2.62
C VAL A 74 -6.72 -0.01 1.52
N VAL A 75 -5.79 -0.81 1.03
CA VAL A 75 -6.08 -1.77 -0.02
C VAL A 75 -5.83 -3.18 0.49
N SER A 76 -6.21 -4.15 -0.32
CA SER A 76 -6.01 -5.55 0.03
C SER A 76 -4.65 -6.04 -0.45
N GLU A 77 -4.39 -7.32 -0.23
CA GLU A 77 -3.14 -7.92 -0.64
C GLU A 77 -3.16 -8.24 -2.13
N ASP A 78 -4.35 -8.56 -2.61
CA ASP A 78 -4.53 -8.89 -4.02
C ASP A 78 -3.95 -7.77 -4.88
N PHE A 79 -3.87 -6.59 -4.28
CA PHE A 79 -3.35 -5.42 -4.97
C PHE A 79 -1.91 -5.67 -5.45
N LEU A 80 -1.11 -6.21 -4.54
CA LEU A 80 0.28 -6.49 -4.85
C LEU A 80 0.34 -7.43 -6.05
N GLN A 81 -0.51 -8.45 -6.02
CA GLN A 81 -0.55 -9.41 -7.10
C GLN A 81 -0.87 -8.72 -8.43
N ASP A 82 -1.64 -7.65 -8.33
CA ASP A 82 -2.02 -6.89 -9.51
C ASP A 82 -0.91 -5.87 -9.83
N VAL A 83 -0.61 -5.05 -8.84
CA VAL A 83 0.43 -4.04 -9.00
C VAL A 83 1.72 -4.70 -9.47
N SER A 84 1.82 -6.00 -9.19
CA SER A 84 3.01 -6.75 -9.58
C SER A 84 2.76 -7.44 -10.93
N ALA A 85 1.49 -7.69 -11.21
CA ALA A 85 1.12 -8.34 -12.46
C ALA A 85 -0.23 -7.79 -12.92
N SER A 86 -0.22 -6.54 -13.34
CA SER A 86 -1.44 -5.89 -13.81
C SER A 86 -1.09 -4.63 -14.60
N THR A 87 -1.61 -4.56 -15.82
CA THR A 87 -1.36 -3.42 -16.67
C THR A 87 -2.42 -2.33 -16.45
N LYS A 88 -2.79 -2.17 -15.19
CA LYS A 88 -3.79 -1.18 -14.83
C LYS A 88 -3.12 -0.05 -14.05
N SER A 89 -3.72 1.13 -14.14
CA SER A 89 -3.20 2.30 -13.46
C SER A 89 -3.26 2.09 -11.95
N LEU A 90 -2.23 2.58 -11.27
CA LEU A 90 -2.15 2.46 -9.83
C LEU A 90 -3.46 2.94 -9.20
N GLN A 91 -3.89 4.11 -9.64
CA GLN A 91 -5.12 4.70 -9.14
C GLN A 91 -6.27 3.69 -9.26
N GLU A 92 -6.28 2.98 -10.38
CA GLU A 92 -7.31 1.99 -10.63
C GLU A 92 -7.19 0.83 -9.63
N LEU A 93 -6.06 0.17 -9.68
CA LEU A 93 -5.80 -0.95 -8.79
C LEU A 93 -6.28 -0.59 -7.38
N PHE A 94 -5.91 0.60 -6.95
CA PHE A 94 -6.29 1.07 -5.63
C PHE A 94 -7.81 1.00 -5.44
N LEU A 95 -8.52 1.63 -6.37
CA LEU A 95 -9.97 1.64 -6.31
C LEU A 95 -10.51 0.24 -6.57
N ALA A 96 -9.72 -0.53 -7.33
CA ALA A 96 -10.10 -1.88 -7.66
C ALA A 96 -9.67 -2.81 -6.54
N HIS A 97 -9.07 -2.22 -5.51
CA HIS A 97 -8.61 -2.99 -4.36
C HIS A 97 -8.63 -2.10 -3.11
N ILE A 98 -9.64 -1.25 -3.05
CA ILE A 98 -9.79 -0.35 -1.92
C ILE A 98 -10.64 -1.03 -0.84
N LEU A 99 -10.10 -1.04 0.37
CA LEU A 99 -10.78 -1.65 1.49
C LEU A 99 -11.37 -0.55 2.38
N SER A 100 -10.85 0.65 2.20
CA SER A 100 -11.30 1.79 2.98
C SER A 100 -11.99 2.80 2.07
N SER A 101 -12.61 3.79 2.70
CA SER A 101 -13.30 4.83 1.96
C SER A 101 -12.37 6.02 1.72
N TRP A 102 -11.43 6.19 2.65
CA TRP A 102 -10.48 7.27 2.55
C TRP A 102 -9.36 6.84 1.59
N GLY A 103 -8.29 7.63 1.58
CA GLY A 103 -7.17 7.35 0.71
C GLY A 103 -7.15 8.28 -0.50
N ALA A 104 -6.91 9.54 -0.23
CA ALA A 104 -6.86 10.54 -1.29
C ALA A 104 -5.92 11.67 -0.88
N GLU A 105 -5.08 12.07 -1.83
CA GLU A 105 -4.13 13.13 -1.58
C GLU A 105 -3.49 12.97 -0.20
N VAL A 106 -2.38 12.26 -0.16
CA VAL A 106 -1.68 12.03 1.08
C VAL A 106 -0.65 13.14 1.30
N LYS A 107 -0.86 14.23 0.60
CA LYS A 107 0.03 15.38 0.71
C LYS A 107 1.45 14.94 0.34
N SER A 108 1.60 14.49 -0.90
CA SER A 108 2.90 14.04 -1.38
C SER A 108 3.44 15.01 -2.43
N GLY A 109 4.71 15.35 -2.29
CA GLY A 109 5.35 16.26 -3.21
C GLY A 109 6.88 16.20 -3.08
N PRO A 110 7.40 17.00 -2.11
CA PRO A 110 8.83 17.05 -1.87
C PRO A 110 9.30 15.79 -1.13
N SER A 111 10.57 15.46 -1.34
CA SER A 111 11.15 14.30 -0.70
C SER A 111 12.68 14.33 -0.83
N SER A 112 13.13 14.32 -2.07
CA SER A 112 14.56 14.35 -2.35
C SER A 112 15.20 15.56 -1.66
N GLY A 113 14.68 16.74 -1.98
CA GLY A 113 15.18 17.97 -1.41
C GLY A 113 15.90 18.82 -2.46
N GLY A 1 27.78 10.80 -5.05
CA GLY A 1 27.34 9.60 -5.74
C GLY A 1 25.81 9.51 -5.77
N SER A 2 25.30 9.09 -6.91
CA SER A 2 23.87 8.95 -7.10
C SER A 2 23.57 8.22 -8.40
N SER A 3 22.51 7.42 -8.38
CA SER A 3 22.11 6.67 -9.55
C SER A 3 20.68 6.15 -9.38
N GLY A 4 20.13 5.66 -10.47
CA GLY A 4 18.77 5.14 -10.46
C GLY A 4 18.68 3.80 -11.21
N SER A 5 17.52 3.18 -11.13
CA SER A 5 17.30 1.91 -11.80
C SER A 5 15.96 1.94 -12.54
N SER A 6 15.73 0.90 -13.32
CA SER A 6 14.49 0.78 -14.08
C SER A 6 13.87 -0.59 -13.87
N GLY A 7 12.63 -0.73 -14.32
CA GLY A 7 11.91 -1.99 -14.19
C GLY A 7 10.50 -1.74 -13.66
N ASP A 8 9.87 -2.85 -13.26
CA ASP A 8 8.52 -2.77 -12.73
C ASP A 8 8.58 -2.41 -11.23
N LYS A 9 8.42 -1.12 -10.97
CA LYS A 9 8.45 -0.64 -9.60
C LYS A 9 7.30 0.35 -9.38
N PRO A 10 6.09 -0.22 -9.13
CA PRO A 10 4.91 0.58 -8.90
C PRO A 10 4.94 1.22 -7.51
N LEU A 11 5.77 0.65 -6.65
CA LEU A 11 5.90 1.15 -5.30
C LEU A 11 7.27 1.81 -5.13
N SER A 12 8.05 1.78 -6.20
CA SER A 12 9.38 2.37 -6.19
C SER A 12 9.34 3.73 -5.51
N ASN A 13 9.70 3.74 -4.24
CA ASN A 13 9.71 4.96 -3.46
C ASN A 13 8.33 5.17 -2.82
N MET A 14 7.89 4.14 -2.12
CA MET A 14 6.60 4.20 -1.46
C MET A 14 6.55 3.23 -0.26
N LYS A 15 6.23 3.79 0.89
CA LYS A 15 6.14 2.99 2.11
C LYS A 15 4.74 2.38 2.20
N ILE A 16 4.72 1.05 2.18
CA ILE A 16 3.46 0.32 2.27
C ILE A 16 3.27 -0.18 3.70
N LEU A 17 2.04 -0.08 4.17
CA LEU A 17 1.71 -0.52 5.52
C LEU A 17 0.79 -1.74 5.44
N THR A 18 0.74 -2.47 6.54
CA THR A 18 -0.11 -3.66 6.61
C THR A 18 -0.75 -3.77 7.98
N LEU A 19 -1.91 -4.41 8.01
CA LEU A 19 -2.64 -4.60 9.25
C LEU A 19 -3.18 -6.03 9.32
N GLY A 20 -3.78 -6.35 10.45
CA GLY A 20 -4.33 -7.68 10.66
C GLY A 20 -3.38 -8.77 10.14
N LYS A 21 -3.77 -9.37 9.03
CA LYS A 21 -2.97 -10.42 8.43
C LYS A 21 -3.64 -10.90 7.14
N LEU A 22 -2.83 -11.05 6.10
CA LEU A 22 -3.33 -11.50 4.82
C LEU A 22 -3.09 -13.00 4.68
N SER A 23 -3.23 -13.48 3.45
CA SER A 23 -3.03 -14.89 3.17
C SER A 23 -1.53 -15.21 3.19
N ARG A 24 -0.73 -14.17 3.04
CA ARG A 24 0.72 -14.32 3.04
C ARG A 24 1.30 -13.89 4.38
N ASN A 25 2.61 -13.95 4.47
CA ASN A 25 3.30 -13.56 5.69
C ASN A 25 3.88 -12.16 5.53
N LYS A 26 4.00 -11.47 6.65
CA LYS A 26 4.53 -10.11 6.64
C LYS A 26 5.77 -10.06 5.75
N ASP A 27 6.63 -11.06 5.91
CA ASP A 27 7.85 -11.15 5.13
C ASP A 27 7.50 -11.25 3.64
N GLU A 28 6.84 -12.34 3.30
CA GLU A 28 6.44 -12.58 1.92
C GLU A 28 5.93 -11.28 1.29
N VAL A 29 5.27 -10.48 2.11
CA VAL A 29 4.73 -9.21 1.64
C VAL A 29 5.85 -8.17 1.62
N LYS A 30 6.50 -8.01 2.77
CA LYS A 30 7.59 -7.06 2.90
C LYS A 30 8.54 -7.22 1.71
N ALA A 31 8.69 -8.47 1.28
CA ALA A 31 9.57 -8.77 0.17
C ALA A 31 8.96 -8.20 -1.12
N MET A 32 7.69 -8.49 -1.32
CA MET A 32 6.99 -8.01 -2.49
C MET A 32 7.02 -6.49 -2.58
N ILE A 33 6.59 -5.86 -1.49
CA ILE A 33 6.57 -4.40 -1.43
C ILE A 33 7.96 -3.86 -1.78
N GLU A 34 8.97 -4.64 -1.42
CA GLU A 34 10.35 -4.26 -1.68
C GLU A 34 10.72 -4.56 -3.14
N LYS A 35 10.32 -5.75 -3.58
CA LYS A 35 10.61 -6.17 -4.95
C LYS A 35 9.86 -5.26 -5.91
N LEU A 36 8.75 -4.72 -5.44
CA LEU A 36 7.94 -3.83 -6.26
C LEU A 36 8.54 -2.42 -6.22
N GLY A 37 9.69 -2.32 -5.56
CA GLY A 37 10.37 -1.04 -5.44
C GLY A 37 9.92 -0.30 -4.19
N GLY A 38 8.82 -0.76 -3.62
CA GLY A 38 8.28 -0.15 -2.42
C GLY A 38 9.09 -0.56 -1.17
N LYS A 39 8.47 -0.38 -0.02
CA LYS A 39 9.12 -0.72 1.23
C LYS A 39 8.05 -0.82 2.34
N LEU A 40 8.08 -1.95 3.03
CA LEU A 40 7.13 -2.17 4.11
C LEU A 40 7.54 -1.33 5.33
N THR A 41 6.53 -0.93 6.09
CA THR A 41 6.77 -0.13 7.27
C THR A 41 5.86 -0.60 8.43
N GLY A 42 6.19 -0.12 9.62
CA GLY A 42 5.43 -0.48 10.80
C GLY A 42 4.37 0.58 11.11
N THR A 43 4.79 1.83 11.02
CA THR A 43 3.89 2.94 11.29
C THR A 43 2.97 3.18 10.10
N ALA A 44 1.92 3.97 10.34
CA ALA A 44 0.96 4.28 9.30
C ALA A 44 1.24 5.68 8.76
N ASN A 45 1.40 6.61 9.68
CA ASN A 45 1.67 7.99 9.30
C ASN A 45 2.95 8.05 8.46
N LYS A 46 3.87 7.16 8.79
CA LYS A 46 5.14 7.08 8.07
C LYS A 46 5.00 6.08 6.92
N ALA A 47 3.83 6.08 6.31
CA ALA A 47 3.57 5.18 5.20
C ALA A 47 2.90 5.95 4.06
N SER A 48 2.91 5.35 2.89
CA SER A 48 2.31 5.96 1.72
C SER A 48 1.04 5.22 1.33
N LEU A 49 0.98 3.96 1.73
CA LEU A 49 -0.17 3.13 1.43
C LEU A 49 -0.38 2.12 2.57
N CYS A 50 -1.59 1.58 2.62
CA CYS A 50 -1.93 0.61 3.65
C CYS A 50 -2.48 -0.63 2.97
N ILE A 51 -2.19 -1.78 3.56
CA ILE A 51 -2.65 -3.05 3.03
C ILE A 51 -3.24 -3.90 4.15
N SER A 52 -4.55 -3.80 4.29
CA SER A 52 -5.26 -4.55 5.33
C SER A 52 -6.44 -5.28 4.73
N THR A 53 -7.26 -5.85 5.60
CA THR A 53 -8.44 -6.59 5.18
C THR A 53 -9.71 -5.87 5.63
N LYS A 54 -10.83 -6.33 5.09
CA LYS A 54 -12.12 -5.74 5.43
C LYS A 54 -12.29 -5.73 6.95
N LYS A 55 -12.15 -6.91 7.53
CA LYS A 55 -12.28 -7.05 8.97
C LYS A 55 -11.49 -5.94 9.67
N GLU A 56 -10.23 -5.82 9.28
CA GLU A 56 -9.37 -4.81 9.86
C GLU A 56 -10.02 -3.43 9.74
N VAL A 57 -10.16 -2.97 8.51
CA VAL A 57 -10.76 -1.67 8.25
C VAL A 57 -12.04 -1.54 9.09
N GLU A 58 -12.64 -2.68 9.38
CA GLU A 58 -13.86 -2.69 10.16
C GLU A 58 -13.55 -2.46 11.64
N LYS A 59 -12.45 -3.06 12.08
CA LYS A 59 -12.03 -2.93 13.46
C LYS A 59 -11.80 -1.46 13.78
N MET A 60 -11.03 -0.81 12.92
CA MET A 60 -10.72 0.59 13.08
C MET A 60 -9.94 0.83 14.38
N ASN A 61 -9.04 -0.11 14.67
CA ASN A 61 -8.24 -0.02 15.87
C ASN A 61 -7.33 1.21 15.78
N LYS A 62 -6.40 1.30 16.71
CA LYS A 62 -5.45 2.41 16.75
C LYS A 62 -4.62 2.41 15.47
N LYS A 63 -4.21 1.21 15.06
CA LYS A 63 -3.41 1.05 13.87
C LYS A 63 -4.16 1.67 12.68
N MET A 64 -5.33 1.11 12.41
CA MET A 64 -6.15 1.57 11.31
C MET A 64 -6.52 3.05 11.49
N GLU A 65 -6.37 3.52 12.72
CA GLU A 65 -6.68 4.89 13.05
C GLU A 65 -5.53 5.81 12.63
N GLU A 66 -4.33 5.25 12.68
CA GLU A 66 -3.15 6.02 12.30
C GLU A 66 -3.14 6.29 10.79
N VAL A 67 -3.86 5.45 10.07
CA VAL A 67 -3.95 5.60 8.62
C VAL A 67 -5.19 6.42 8.28
N LYS A 68 -6.17 6.38 9.17
CA LYS A 68 -7.40 7.11 8.96
C LYS A 68 -7.14 8.61 9.17
N GLU A 69 -6.04 8.89 9.87
CA GLU A 69 -5.67 10.27 10.14
C GLU A 69 -4.87 10.83 8.96
N ALA A 70 -3.95 10.02 8.47
CA ALA A 70 -3.12 10.43 7.35
C ALA A 70 -3.86 10.16 6.04
N ASN A 71 -5.04 9.58 6.17
CA ASN A 71 -5.85 9.25 5.01
C ASN A 71 -5.04 8.37 4.05
N ILE A 72 -4.68 7.19 4.54
CA ILE A 72 -3.91 6.26 3.74
C ILE A 72 -4.83 5.15 3.24
N ARG A 73 -5.15 5.24 1.96
CA ARG A 73 -6.03 4.25 1.33
C ARG A 73 -5.66 2.84 1.81
N VAL A 74 -6.69 2.09 2.18
CA VAL A 74 -6.50 0.73 2.66
C VAL A 74 -6.96 -0.26 1.58
N VAL A 75 -6.01 -1.04 1.09
CA VAL A 75 -6.31 -2.03 0.08
C VAL A 75 -6.00 -3.43 0.61
N SER A 76 -6.39 -4.43 -0.16
CA SER A 76 -6.16 -5.81 0.22
C SER A 76 -4.79 -6.27 -0.26
N GLU A 77 -4.41 -7.46 0.17
CA GLU A 77 -3.13 -8.02 -0.22
C GLU A 77 -3.11 -8.33 -1.72
N ASP A 78 -4.30 -8.57 -2.25
CA ASP A 78 -4.44 -8.88 -3.67
C ASP A 78 -3.80 -7.75 -4.49
N PHE A 79 -3.87 -6.55 -3.94
CA PHE A 79 -3.32 -5.39 -4.60
C PHE A 79 -1.92 -5.69 -5.17
N LEU A 80 -1.08 -6.22 -4.31
CA LEU A 80 0.27 -6.56 -4.69
C LEU A 80 0.23 -7.56 -5.86
N GLN A 81 -0.68 -8.51 -5.73
CA GLN A 81 -0.83 -9.53 -6.76
C GLN A 81 -1.25 -8.89 -8.08
N ASP A 82 -1.78 -7.68 -7.98
CA ASP A 82 -2.22 -6.96 -9.16
C ASP A 82 -1.12 -5.98 -9.58
N VAL A 83 -0.70 -5.16 -8.63
CA VAL A 83 0.34 -4.18 -8.90
C VAL A 83 1.56 -4.88 -9.48
N SER A 84 1.74 -6.13 -9.07
CA SER A 84 2.87 -6.91 -9.54
C SER A 84 2.50 -7.61 -10.85
N ALA A 85 1.20 -7.82 -11.03
CA ALA A 85 0.71 -8.48 -12.24
C ALA A 85 -0.49 -7.70 -12.78
N SER A 86 -0.22 -6.47 -13.19
CA SER A 86 -1.26 -5.60 -13.73
C SER A 86 -0.66 -4.28 -14.18
N THR A 87 -0.84 -4.00 -15.47
CA THR A 87 -0.32 -2.76 -16.05
C THR A 87 -1.36 -1.65 -15.94
N LYS A 88 -2.02 -1.60 -14.79
CA LYS A 88 -3.04 -0.59 -14.54
C LYS A 88 -2.45 0.51 -13.67
N SER A 89 -3.08 1.67 -13.74
CA SER A 89 -2.64 2.81 -12.96
C SER A 89 -2.92 2.58 -11.47
N LEU A 90 -1.92 2.85 -10.65
CA LEU A 90 -2.03 2.68 -9.22
C LEU A 90 -3.42 3.13 -8.77
N GLN A 91 -3.69 4.41 -9.02
CA GLN A 91 -4.97 4.98 -8.65
C GLN A 91 -6.10 4.00 -8.94
N GLU A 92 -5.97 3.30 -10.06
CA GLU A 92 -6.97 2.33 -10.47
C GLU A 92 -6.85 1.06 -9.63
N LEU A 93 -5.62 0.56 -9.55
CA LEU A 93 -5.35 -0.65 -8.79
C LEU A 93 -5.92 -0.49 -7.38
N PHE A 94 -5.56 0.63 -6.76
CA PHE A 94 -6.03 0.91 -5.41
C PHE A 94 -7.56 0.80 -5.32
N LEU A 95 -8.22 1.54 -6.19
CA LEU A 95 -9.68 1.53 -6.22
C LEU A 95 -10.16 0.14 -6.62
N ALA A 96 -9.33 -0.56 -7.38
CA ALA A 96 -9.65 -1.90 -7.83
C ALA A 96 -9.49 -2.88 -6.67
N HIS A 97 -8.92 -2.38 -5.59
CA HIS A 97 -8.69 -3.20 -4.42
C HIS A 97 -8.74 -2.33 -3.17
N ILE A 98 -9.64 -1.36 -3.20
CA ILE A 98 -9.80 -0.45 -2.07
C ILE A 98 -10.79 -1.05 -1.07
N LEU A 99 -10.32 -1.23 0.15
CA LEU A 99 -11.15 -1.79 1.20
C LEU A 99 -11.78 -0.66 2.02
N SER A 100 -11.08 0.48 2.03
CA SER A 100 -11.54 1.63 2.76
C SER A 100 -12.22 2.62 1.81
N SER A 101 -12.92 3.58 2.39
CA SER A 101 -13.60 4.58 1.60
C SER A 101 -12.74 5.85 1.50
N TRP A 102 -11.77 5.93 2.38
CA TRP A 102 -10.87 7.08 2.40
C TRP A 102 -9.65 6.74 1.54
N GLY A 103 -8.61 7.53 1.70
CA GLY A 103 -7.39 7.33 0.94
C GLY A 103 -7.42 8.13 -0.36
N ALA A 104 -7.55 9.44 -0.22
CA ALA A 104 -7.59 10.32 -1.36
C ALA A 104 -6.75 11.57 -1.08
N GLU A 105 -6.01 12.00 -2.09
CA GLU A 105 -5.17 13.17 -1.95
C GLU A 105 -5.94 14.31 -1.29
N VAL A 106 -5.36 14.84 -0.23
CA VAL A 106 -5.98 15.93 0.51
C VAL A 106 -4.99 16.50 1.53
N LYS A 107 -3.72 16.50 1.13
CA LYS A 107 -2.66 17.00 1.99
C LYS A 107 -1.96 18.17 1.31
N SER A 108 -1.90 19.29 2.01
CA SER A 108 -1.26 20.48 1.48
C SER A 108 -1.97 20.94 0.20
N GLY A 109 -1.51 20.38 -0.93
CA GLY A 109 -2.09 20.72 -2.21
C GLY A 109 -1.47 19.89 -3.33
N PRO A 110 -0.34 20.41 -3.88
CA PRO A 110 0.36 19.73 -4.95
C PRO A 110 1.14 18.53 -4.42
N SER A 111 0.85 17.37 -4.98
CA SER A 111 1.51 16.15 -4.57
C SER A 111 2.87 16.02 -5.28
N SER A 112 3.84 15.52 -4.54
CA SER A 112 5.18 15.34 -5.08
C SER A 112 5.26 14.04 -5.88
N GLY A 113 5.08 12.94 -5.15
CA GLY A 113 5.13 11.62 -5.77
C GLY A 113 4.38 11.62 -7.11
N GLY A 1 27.17 -11.54 -11.13
CA GLY A 1 26.66 -10.86 -12.30
C GLY A 1 26.72 -9.34 -12.13
N SER A 2 25.85 -8.66 -12.86
CA SER A 2 25.79 -7.21 -12.80
C SER A 2 24.34 -6.74 -12.92
N SER A 3 23.91 -5.99 -11.92
CA SER A 3 22.55 -5.47 -11.91
C SER A 3 22.40 -4.35 -12.93
N GLY A 4 21.30 -4.40 -13.68
CA GLY A 4 21.04 -3.40 -14.70
C GLY A 4 20.02 -3.90 -15.71
N SER A 5 19.55 -2.98 -16.54
CA SER A 5 18.57 -3.32 -17.56
C SER A 5 17.30 -3.87 -16.90
N SER A 6 16.51 -2.96 -16.35
CA SER A 6 15.29 -3.34 -15.69
C SER A 6 14.60 -2.10 -15.10
N GLY A 7 13.28 -2.13 -15.10
CA GLY A 7 12.51 -1.02 -14.57
C GLY A 7 11.03 -1.39 -14.45
N ASP A 8 10.70 -2.06 -13.37
CA ASP A 8 9.32 -2.48 -13.12
C ASP A 8 9.03 -2.42 -11.62
N LYS A 9 8.89 -1.21 -11.12
CA LYS A 9 8.61 -1.00 -9.71
C LYS A 9 7.47 0.01 -9.56
N PRO A 10 6.26 -0.54 -9.29
CA PRO A 10 5.09 0.30 -9.11
C PRO A 10 5.11 1.02 -7.77
N LEU A 11 5.74 0.37 -6.80
CA LEU A 11 5.84 0.93 -5.46
C LEU A 11 7.23 1.52 -5.27
N SER A 12 7.90 1.76 -6.39
CA SER A 12 9.24 2.32 -6.36
C SER A 12 9.21 3.70 -5.71
N ASN A 13 9.72 3.77 -4.50
CA ASN A 13 9.76 5.02 -3.76
C ASN A 13 8.41 5.24 -3.06
N MET A 14 8.03 4.26 -2.27
CA MET A 14 6.76 4.33 -1.55
C MET A 14 6.72 3.29 -0.43
N LYS A 15 6.41 3.77 0.76
CA LYS A 15 6.32 2.90 1.92
C LYS A 15 4.90 2.35 2.04
N ILE A 16 4.82 1.03 2.15
CA ILE A 16 3.54 0.36 2.28
C ILE A 16 3.38 -0.15 3.70
N LEU A 17 2.15 0.00 4.21
CA LEU A 17 1.85 -0.45 5.55
C LEU A 17 0.98 -1.70 5.49
N THR A 18 0.96 -2.43 6.60
CA THR A 18 0.17 -3.65 6.68
C THR A 18 -0.46 -3.80 8.06
N LEU A 19 -1.65 -4.36 8.08
CA LEU A 19 -2.37 -4.56 9.33
C LEU A 19 -2.93 -5.98 9.37
N GLY A 20 -3.52 -6.32 10.50
CA GLY A 20 -4.11 -7.64 10.68
C GLY A 20 -3.17 -8.72 10.13
N LYS A 21 -3.59 -9.34 9.05
CA LYS A 21 -2.81 -10.40 8.43
C LYS A 21 -3.51 -10.86 7.15
N LEU A 22 -2.72 -11.01 6.10
CA LEU A 22 -3.25 -11.45 4.82
C LEU A 22 -3.07 -12.96 4.69
N SER A 23 -3.24 -13.44 3.47
CA SER A 23 -3.10 -14.86 3.19
C SER A 23 -1.62 -15.24 3.14
N ARG A 24 -0.80 -14.24 2.87
CA ARG A 24 0.64 -14.45 2.80
C ARG A 24 1.31 -14.08 4.13
N ASN A 25 2.61 -14.30 4.18
CA ASN A 25 3.37 -14.00 5.38
C ASN A 25 3.94 -12.59 5.27
N LYS A 26 4.09 -11.96 6.42
CA LYS A 26 4.62 -10.61 6.47
C LYS A 26 5.82 -10.50 5.53
N ASP A 27 6.73 -11.44 5.68
CA ASP A 27 7.93 -11.47 4.85
C ASP A 27 7.52 -11.47 3.37
N GLU A 28 6.84 -12.54 2.99
CA GLU A 28 6.39 -12.67 1.61
C GLU A 28 5.90 -11.34 1.08
N VAL A 29 5.20 -10.61 1.94
CA VAL A 29 4.67 -9.31 1.57
C VAL A 29 5.79 -8.28 1.58
N LYS A 30 6.47 -8.20 2.73
CA LYS A 30 7.57 -7.26 2.89
C LYS A 30 8.49 -7.35 1.66
N ALA A 31 8.60 -8.57 1.14
CA ALA A 31 9.44 -8.81 -0.02
C ALA A 31 8.83 -8.11 -1.24
N MET A 32 7.57 -8.43 -1.49
CA MET A 32 6.86 -7.85 -2.61
C MET A 32 6.96 -6.32 -2.60
N ILE A 33 6.43 -5.74 -1.54
CA ILE A 33 6.46 -4.29 -1.39
C ILE A 33 7.87 -3.78 -1.70
N GLU A 34 8.85 -4.56 -1.28
CA GLU A 34 10.24 -4.20 -1.50
C GLU A 34 10.64 -4.47 -2.95
N LYS A 35 9.99 -5.47 -3.53
CA LYS A 35 10.26 -5.85 -4.91
C LYS A 35 9.59 -4.84 -5.85
N LEU A 36 8.36 -4.49 -5.51
CA LEU A 36 7.61 -3.54 -6.31
C LEU A 36 8.36 -2.20 -6.34
N GLY A 37 9.29 -2.06 -5.43
CA GLY A 37 10.09 -0.85 -5.35
C GLY A 37 9.78 -0.07 -4.07
N GLY A 38 8.75 -0.53 -3.37
CA GLY A 38 8.34 0.11 -2.13
C GLY A 38 9.13 -0.43 -0.95
N LYS A 39 8.56 -0.28 0.23
CA LYS A 39 9.19 -0.75 1.45
C LYS A 39 8.16 -0.87 2.56
N LEU A 40 8.19 -2.00 3.25
CA LEU A 40 7.24 -2.25 4.33
C LEU A 40 7.66 -1.41 5.55
N THR A 41 6.67 -0.75 6.13
CA THR A 41 6.92 0.09 7.29
C THR A 41 6.02 -0.35 8.45
N GLY A 42 6.34 0.17 9.63
CA GLY A 42 5.59 -0.17 10.83
C GLY A 42 4.54 0.91 11.12
N THR A 43 4.97 2.16 11.02
CA THR A 43 4.08 3.28 11.28
C THR A 43 3.16 3.51 10.08
N ALA A 44 1.96 4.00 10.39
CA ALA A 44 0.98 4.27 9.35
C ALA A 44 1.14 5.71 8.86
N ASN A 45 1.42 6.60 9.81
CA ASN A 45 1.60 7.99 9.49
C ASN A 45 2.86 8.16 8.64
N LYS A 46 3.70 7.14 8.67
CA LYS A 46 4.94 7.16 7.90
C LYS A 46 4.86 6.12 6.78
N ALA A 47 3.68 6.03 6.19
CA ALA A 47 3.45 5.09 5.11
C ALA A 47 2.69 5.77 3.98
N SER A 48 2.81 5.19 2.79
CA SER A 48 2.13 5.74 1.63
C SER A 48 0.92 4.88 1.26
N LEU A 49 1.02 3.60 1.60
CA LEU A 49 -0.05 2.67 1.32
C LEU A 49 -0.36 1.84 2.57
N CYS A 50 -1.54 1.27 2.59
CA CYS A 50 -1.96 0.45 3.72
C CYS A 50 -2.60 -0.83 3.19
N ILE A 51 -2.00 -1.95 3.56
CA ILE A 51 -2.50 -3.24 3.12
C ILE A 51 -3.12 -3.98 4.31
N SER A 52 -4.43 -3.85 4.43
CA SER A 52 -5.15 -4.48 5.52
C SER A 52 -6.35 -5.26 4.96
N THR A 53 -7.18 -5.74 5.88
CA THR A 53 -8.36 -6.50 5.49
C THR A 53 -9.62 -5.70 5.82
N LYS A 54 -10.69 -6.04 5.10
CA LYS A 54 -11.96 -5.37 5.30
C LYS A 54 -12.27 -5.29 6.80
N LYS A 55 -12.29 -6.46 7.42
CA LYS A 55 -12.56 -6.55 8.85
C LYS A 55 -11.78 -5.45 9.58
N GLU A 56 -10.49 -5.40 9.30
CA GLU A 56 -9.62 -4.42 9.92
C GLU A 56 -10.20 -3.02 9.74
N VAL A 57 -10.28 -2.60 8.48
CA VAL A 57 -10.80 -1.28 8.15
C VAL A 57 -12.09 -1.05 8.94
N GLU A 58 -12.77 -2.15 9.25
CA GLU A 58 -14.01 -2.08 10.00
C GLU A 58 -13.73 -1.89 11.50
N LYS A 59 -12.67 -2.55 11.95
CA LYS A 59 -12.29 -2.46 13.35
C LYS A 59 -12.07 -0.99 13.72
N MET A 60 -11.23 -0.33 12.92
CA MET A 60 -10.92 1.06 13.15
C MET A 60 -10.24 1.25 14.51
N ASN A 61 -9.30 0.37 14.79
CA ASN A 61 -8.57 0.43 16.05
C ASN A 61 -7.49 1.51 15.95
N LYS A 62 -6.66 1.56 16.99
CA LYS A 62 -5.59 2.53 17.04
C LYS A 62 -4.74 2.42 15.77
N LYS A 63 -4.33 1.19 15.48
CA LYS A 63 -3.52 0.93 14.30
C LYS A 63 -4.24 1.48 13.07
N MET A 64 -5.43 0.95 12.83
CA MET A 64 -6.22 1.38 11.69
C MET A 64 -6.46 2.89 11.72
N GLU A 65 -6.59 3.42 12.94
CA GLU A 65 -6.81 4.83 13.11
C GLU A 65 -5.68 5.64 12.47
N GLU A 66 -4.47 5.26 12.80
CA GLU A 66 -3.29 5.93 12.27
C GLU A 66 -3.41 6.08 10.75
N VAL A 67 -3.98 5.06 10.13
CA VAL A 67 -4.17 5.06 8.69
C VAL A 67 -5.26 6.07 8.33
N LYS A 68 -6.37 5.96 9.02
CA LYS A 68 -7.50 6.86 8.78
C LYS A 68 -7.06 8.30 9.04
N GLU A 69 -6.18 8.46 10.01
CA GLU A 69 -5.69 9.77 10.37
C GLU A 69 -4.85 10.35 9.22
N ALA A 70 -4.00 9.51 8.67
CA ALA A 70 -3.15 9.92 7.56
C ALA A 70 -3.90 9.73 6.24
N ASN A 71 -5.19 9.46 6.37
CA ASN A 71 -6.03 9.25 5.21
C ASN A 71 -5.25 8.45 4.16
N ILE A 72 -4.89 7.23 4.55
CA ILE A 72 -4.14 6.35 3.66
C ILE A 72 -5.07 5.26 3.13
N ARG A 73 -5.24 5.27 1.81
CA ARG A 73 -6.10 4.29 1.16
C ARG A 73 -5.67 2.87 1.54
N VAL A 74 -6.60 2.14 2.13
CA VAL A 74 -6.31 0.77 2.54
C VAL A 74 -6.74 -0.18 1.43
N VAL A 75 -5.82 -1.06 1.07
CA VAL A 75 -6.08 -2.03 0.02
C VAL A 75 -5.81 -3.44 0.55
N SER A 76 -6.19 -4.42 -0.25
CA SER A 76 -5.99 -5.81 0.13
C SER A 76 -4.63 -6.31 -0.38
N GLU A 77 -4.23 -7.47 0.12
CA GLU A 77 -2.96 -8.07 -0.28
C GLU A 77 -2.97 -8.36 -1.78
N ASP A 78 -4.16 -8.50 -2.33
CA ASP A 78 -4.32 -8.79 -3.75
C ASP A 78 -3.63 -7.69 -4.56
N PHE A 79 -3.90 -6.46 -4.18
CA PHE A 79 -3.31 -5.31 -4.85
C PHE A 79 -1.87 -5.60 -5.26
N LEU A 80 -1.15 -6.29 -4.37
CA LEU A 80 0.23 -6.62 -4.63
C LEU A 80 0.30 -7.57 -5.83
N GLN A 81 -0.50 -8.63 -5.76
CA GLN A 81 -0.53 -9.61 -6.82
C GLN A 81 -0.91 -8.94 -8.16
N ASP A 82 -1.62 -7.83 -8.04
CA ASP A 82 -2.05 -7.09 -9.21
C ASP A 82 -0.96 -6.11 -9.62
N VAL A 83 -0.58 -5.26 -8.68
CA VAL A 83 0.45 -4.27 -8.92
C VAL A 83 1.67 -4.95 -9.54
N SER A 84 1.93 -6.16 -9.08
CA SER A 84 3.06 -6.93 -9.58
C SER A 84 2.72 -7.54 -10.94
N ALA A 85 1.44 -7.88 -11.09
CA ALA A 85 0.97 -8.48 -12.33
C ALA A 85 -0.26 -7.72 -12.81
N SER A 86 -0.05 -6.48 -13.21
CA SER A 86 -1.14 -5.64 -13.68
C SER A 86 -0.59 -4.30 -14.18
N THR A 87 -0.93 -3.98 -15.42
CA THR A 87 -0.48 -2.73 -16.02
C THR A 87 -1.55 -1.65 -15.85
N LYS A 88 -2.08 -1.56 -14.65
CA LYS A 88 -3.11 -0.58 -14.34
C LYS A 88 -2.51 0.51 -13.45
N SER A 89 -3.06 1.71 -13.59
CA SER A 89 -2.59 2.85 -12.80
C SER A 89 -2.86 2.60 -11.32
N LEU A 90 -1.86 2.90 -10.51
CA LEU A 90 -1.97 2.72 -9.08
C LEU A 90 -3.37 3.14 -8.63
N GLN A 91 -3.67 4.42 -8.83
CA GLN A 91 -4.97 4.95 -8.45
C GLN A 91 -6.07 3.92 -8.73
N GLU A 92 -6.10 3.46 -9.97
CA GLU A 92 -7.09 2.47 -10.37
C GLU A 92 -6.93 1.18 -9.57
N LEU A 93 -5.72 0.63 -9.63
CA LEU A 93 -5.42 -0.59 -8.91
C LEU A 93 -6.02 -0.51 -7.50
N PHE A 94 -5.75 0.61 -6.84
CA PHE A 94 -6.26 0.82 -5.50
C PHE A 94 -7.78 0.64 -5.44
N LEU A 95 -8.46 1.40 -6.29
CA LEU A 95 -9.90 1.33 -6.35
C LEU A 95 -10.33 -0.10 -6.66
N ALA A 96 -9.47 -0.80 -7.38
CA ALA A 96 -9.74 -2.18 -7.75
C ALA A 96 -9.53 -3.08 -6.53
N HIS A 97 -8.77 -2.57 -5.58
CA HIS A 97 -8.47 -3.31 -4.37
C HIS A 97 -8.51 -2.37 -3.17
N ILE A 98 -9.57 -1.58 -3.11
CA ILE A 98 -9.73 -0.63 -2.02
C ILE A 98 -10.63 -1.24 -0.95
N LEU A 99 -10.08 -1.33 0.26
CA LEU A 99 -10.82 -1.90 1.37
C LEU A 99 -11.45 -0.77 2.19
N SER A 100 -10.83 0.41 2.08
CA SER A 100 -11.31 1.57 2.80
C SER A 100 -12.03 2.52 1.84
N SER A 101 -12.74 3.47 2.42
CA SER A 101 -13.48 4.45 1.64
C SER A 101 -12.73 5.79 1.63
N TRP A 102 -11.59 5.79 2.30
CA TRP A 102 -10.77 6.99 2.38
C TRP A 102 -9.50 6.75 1.58
N GLY A 103 -8.51 7.61 1.82
CA GLY A 103 -7.24 7.51 1.12
C GLY A 103 -7.22 8.38 -0.13
N ALA A 104 -7.33 9.68 0.10
CA ALA A 104 -7.33 10.64 -1.00
C ALA A 104 -6.49 11.85 -0.61
N GLU A 105 -6.53 12.86 -1.48
CA GLU A 105 -5.77 14.08 -1.23
C GLU A 105 -6.01 14.58 0.18
N VAL A 106 -4.92 14.92 0.85
CA VAL A 106 -5.00 15.41 2.22
C VAL A 106 -3.61 15.89 2.67
N LYS A 107 -3.59 16.53 3.82
CA LYS A 107 -2.34 17.04 4.37
C LYS A 107 -1.51 15.87 4.91
N SER A 108 -0.69 15.32 4.02
CA SER A 108 0.16 14.20 4.39
C SER A 108 1.02 13.78 3.19
N GLY A 109 1.77 12.71 3.38
CA GLY A 109 2.63 12.20 2.34
C GLY A 109 3.68 13.24 1.93
N PRO A 110 4.83 13.20 2.66
CA PRO A 110 5.92 14.13 2.38
C PRO A 110 6.66 13.73 1.10
N SER A 111 7.55 14.62 0.68
CA SER A 111 8.33 14.39 -0.52
C SER A 111 7.44 13.82 -1.63
N SER A 112 6.80 14.72 -2.35
CA SER A 112 5.92 14.31 -3.43
C SER A 112 6.08 15.27 -4.63
N GLY A 113 7.14 15.05 -5.39
CA GLY A 113 7.42 15.88 -6.55
C GLY A 113 7.48 15.04 -7.82
N GLY A 1 29.13 7.44 -10.56
CA GLY A 1 27.84 7.82 -10.03
C GLY A 1 26.72 6.97 -10.62
N SER A 2 25.63 6.88 -9.87
CA SER A 2 24.49 6.09 -10.30
C SER A 2 23.75 6.81 -11.43
N SER A 3 23.00 6.04 -12.21
CA SER A 3 22.24 6.60 -13.31
C SER A 3 21.53 5.47 -14.07
N GLY A 4 20.22 5.61 -14.16
CA GLY A 4 19.42 4.62 -14.87
C GLY A 4 17.93 4.78 -14.52
N SER A 5 17.11 4.02 -15.25
CA SER A 5 15.68 4.07 -15.03
C SER A 5 14.97 3.08 -15.96
N SER A 6 13.72 2.79 -15.63
CA SER A 6 12.94 1.85 -16.43
C SER A 6 11.47 1.91 -15.99
N GLY A 7 10.63 1.28 -16.80
CA GLY A 7 9.21 1.25 -16.50
C GLY A 7 8.85 0.06 -15.61
N ASP A 8 9.22 0.19 -14.34
CA ASP A 8 8.94 -0.87 -13.38
C ASP A 8 9.01 -0.28 -11.96
N LYS A 9 8.71 -1.13 -10.99
CA LYS A 9 8.73 -0.71 -9.60
C LYS A 9 7.66 0.35 -9.37
N PRO A 10 6.42 -0.15 -9.10
CA PRO A 10 5.30 0.75 -8.86
C PRO A 10 5.39 1.38 -7.47
N LEU A 11 5.93 0.61 -6.54
CA LEU A 11 6.09 1.10 -5.17
C LEU A 11 7.39 1.87 -5.06
N SER A 12 8.24 1.72 -6.06
CA SER A 12 9.52 2.41 -6.08
C SER A 12 9.35 3.83 -5.56
N ASN A 13 9.65 3.99 -4.28
CA ASN A 13 9.54 5.30 -3.65
C ASN A 13 8.16 5.43 -3.00
N MET A 14 7.79 4.40 -2.25
CA MET A 14 6.51 4.39 -1.56
C MET A 14 6.52 3.40 -0.40
N LYS A 15 6.06 3.87 0.75
CA LYS A 15 6.01 3.05 1.93
C LYS A 15 4.63 2.37 2.02
N ILE A 16 4.67 1.07 2.23
CA ILE A 16 3.44 0.29 2.32
C ILE A 16 3.30 -0.25 3.74
N LEU A 17 2.15 0.01 4.34
CA LEU A 17 1.88 -0.44 5.69
C LEU A 17 0.94 -1.65 5.64
N THR A 18 0.93 -2.41 6.74
CA THR A 18 0.10 -3.58 6.83
C THR A 18 -0.55 -3.68 8.22
N LEU A 19 -1.74 -4.24 8.24
CA LEU A 19 -2.47 -4.40 9.49
C LEU A 19 -3.00 -5.83 9.59
N GLY A 20 -3.61 -6.12 10.74
CA GLY A 20 -4.16 -7.45 10.97
C GLY A 20 -3.24 -8.53 10.40
N LYS A 21 -3.86 -9.48 9.72
CA LYS A 21 -3.11 -10.57 9.11
C LYS A 21 -3.64 -10.83 7.70
N LEU A 22 -2.70 -11.09 6.80
CA LEU A 22 -3.06 -11.35 5.41
C LEU A 22 -2.86 -12.84 5.11
N SER A 23 -3.25 -13.23 3.91
CA SER A 23 -3.10 -14.62 3.49
C SER A 23 -1.63 -15.02 3.51
N ARG A 24 -0.79 -14.13 2.99
CA ARG A 24 0.63 -14.39 2.94
C ARG A 24 1.29 -13.98 4.26
N ASN A 25 2.56 -14.31 4.37
CA ASN A 25 3.32 -13.98 5.57
C ASN A 25 3.90 -12.57 5.44
N LYS A 26 3.99 -11.90 6.57
CA LYS A 26 4.53 -10.54 6.59
C LYS A 26 5.76 -10.48 5.68
N ASP A 27 6.67 -11.42 5.88
CA ASP A 27 7.88 -11.47 5.09
C ASP A 27 7.51 -11.50 3.60
N GLU A 28 6.83 -12.56 3.21
CA GLU A 28 6.42 -12.72 1.83
C GLU A 28 5.96 -11.37 1.25
N VAL A 29 5.21 -10.65 2.07
CA VAL A 29 4.70 -9.35 1.66
C VAL A 29 5.85 -8.33 1.69
N LYS A 30 6.47 -8.22 2.85
CA LYS A 30 7.57 -7.29 3.03
C LYS A 30 8.51 -7.37 1.82
N ALA A 31 8.60 -8.58 1.28
CA ALA A 31 9.46 -8.82 0.12
C ALA A 31 8.79 -8.22 -1.12
N MET A 32 7.53 -8.54 -1.29
CA MET A 32 6.77 -8.05 -2.43
C MET A 32 6.81 -6.53 -2.49
N ILE A 33 6.74 -5.92 -1.31
CA ILE A 33 6.78 -4.46 -1.22
C ILE A 33 8.17 -3.96 -1.59
N GLU A 34 9.16 -4.81 -1.31
CA GLU A 34 10.54 -4.45 -1.61
C GLU A 34 10.85 -4.74 -3.08
N LYS A 35 10.49 -5.94 -3.51
CA LYS A 35 10.73 -6.34 -4.88
C LYS A 35 10.02 -5.38 -5.83
N LEU A 36 8.86 -4.92 -5.39
CA LEU A 36 8.06 -3.99 -6.18
C LEU A 36 8.74 -2.61 -6.17
N GLY A 37 9.82 -2.53 -5.40
CA GLY A 37 10.56 -1.28 -5.29
C GLY A 37 10.11 -0.48 -4.08
N GLY A 38 9.01 -0.93 -3.49
CA GLY A 38 8.46 -0.27 -2.32
C GLY A 38 9.26 -0.60 -1.06
N LYS A 39 8.69 -0.26 0.08
CA LYS A 39 9.35 -0.51 1.35
C LYS A 39 8.29 -0.60 2.46
N LEU A 40 8.29 -1.73 3.15
CA LEU A 40 7.33 -1.95 4.22
C LEU A 40 7.75 -1.13 5.45
N THR A 41 6.75 -0.54 6.09
CA THR A 41 7.00 0.26 7.27
C THR A 41 6.21 -0.28 8.47
N GLY A 42 6.53 0.27 9.64
CA GLY A 42 5.86 -0.15 10.86
C GLY A 42 4.74 0.82 11.23
N THR A 43 5.06 2.10 11.19
CA THR A 43 4.10 3.13 11.52
C THR A 43 3.18 3.40 10.32
N ALA A 44 2.03 4.00 10.62
CA ALA A 44 1.06 4.32 9.59
C ALA A 44 1.30 5.74 9.09
N ASN A 45 1.52 6.64 10.04
CA ASN A 45 1.77 8.03 9.71
C ASN A 45 3.03 8.14 8.85
N LYS A 46 3.80 7.05 8.84
CA LYS A 46 5.03 7.01 8.06
C LYS A 46 4.89 5.96 6.96
N ALA A 47 3.72 5.95 6.33
CA ALA A 47 3.45 5.02 5.26
C ALA A 47 2.75 5.74 4.11
N SER A 48 2.94 5.20 2.91
CA SER A 48 2.33 5.79 1.73
C SER A 48 1.00 5.10 1.43
N LEU A 49 0.95 3.82 1.75
CA LEU A 49 -0.25 3.03 1.52
C LEU A 49 -0.41 2.01 2.65
N CYS A 50 -1.66 1.62 2.87
CA CYS A 50 -1.96 0.66 3.92
C CYS A 50 -2.52 -0.60 3.27
N ILE A 51 -2.05 -1.74 3.74
CA ILE A 51 -2.49 -3.02 3.22
C ILE A 51 -3.08 -3.86 4.35
N SER A 52 -4.40 -3.80 4.47
CA SER A 52 -5.09 -4.54 5.51
C SER A 52 -6.31 -5.25 4.91
N THR A 53 -7.12 -5.81 5.79
CA THR A 53 -8.31 -6.52 5.38
C THR A 53 -9.56 -5.71 5.71
N LYS A 54 -10.67 -6.11 5.10
CA LYS A 54 -11.93 -5.42 5.32
C LYS A 54 -12.23 -5.39 6.83
N LYS A 55 -12.23 -6.57 7.43
CA LYS A 55 -12.50 -6.68 8.85
C LYS A 55 -11.81 -5.53 9.59
N GLU A 56 -10.49 -5.55 9.56
CA GLU A 56 -9.72 -4.52 10.23
C GLU A 56 -10.37 -3.16 10.02
N VAL A 57 -10.45 -2.75 8.76
CA VAL A 57 -11.06 -1.47 8.42
C VAL A 57 -12.40 -1.34 9.13
N GLU A 58 -13.11 -2.45 9.18
CA GLU A 58 -14.42 -2.48 9.83
C GLU A 58 -14.26 -2.40 11.35
N LYS A 59 -13.10 -2.83 11.82
CA LYS A 59 -12.82 -2.80 13.25
C LYS A 59 -12.31 -1.42 13.63
N MET A 60 -11.53 -0.83 12.74
CA MET A 60 -10.98 0.49 12.98
C MET A 60 -10.13 0.51 14.25
N ASN A 61 -9.14 -0.37 14.27
CA ASN A 61 -8.26 -0.46 15.42
C ASN A 61 -7.32 0.76 15.43
N LYS A 62 -6.56 0.87 16.52
CA LYS A 62 -5.63 1.97 16.67
C LYS A 62 -4.75 2.06 15.43
N LYS A 63 -4.19 0.93 15.04
CA LYS A 63 -3.33 0.86 13.88
C LYS A 63 -4.07 1.46 12.67
N MET A 64 -5.29 1.00 12.48
CA MET A 64 -6.11 1.48 11.38
C MET A 64 -6.58 2.91 11.63
N GLU A 65 -6.46 3.33 12.88
CA GLU A 65 -6.87 4.67 13.27
C GLU A 65 -5.76 5.67 12.97
N GLU A 66 -4.58 5.14 12.69
CA GLU A 66 -3.43 5.97 12.39
C GLU A 66 -3.38 6.29 10.89
N VAL A 67 -3.86 5.34 10.10
CA VAL A 67 -3.89 5.50 8.66
C VAL A 67 -5.07 6.39 8.26
N LYS A 68 -6.13 6.29 9.04
CA LYS A 68 -7.33 7.07 8.79
C LYS A 68 -7.01 8.56 8.97
N GLU A 69 -6.04 8.82 9.83
CA GLU A 69 -5.62 10.18 10.10
C GLU A 69 -4.73 10.71 8.97
N ALA A 70 -3.87 9.83 8.48
CA ALA A 70 -2.97 10.19 7.40
C ALA A 70 -3.68 10.00 6.05
N ASN A 71 -4.97 9.73 6.14
CA ASN A 71 -5.78 9.53 4.94
C ASN A 71 -5.06 8.54 4.02
N ILE A 72 -4.65 7.43 4.60
CA ILE A 72 -3.95 6.39 3.85
C ILE A 72 -4.96 5.33 3.40
N ARG A 73 -5.21 5.32 2.10
CA ARG A 73 -6.15 4.36 1.53
C ARG A 73 -5.75 2.93 1.91
N VAL A 74 -6.70 2.24 2.51
CA VAL A 74 -6.45 0.86 2.93
C VAL A 74 -6.89 -0.09 1.81
N VAL A 75 -5.91 -0.80 1.26
CA VAL A 75 -6.18 -1.75 0.20
C VAL A 75 -5.83 -3.16 0.66
N SER A 76 -6.17 -4.13 -0.17
CA SER A 76 -5.89 -5.52 0.15
C SER A 76 -4.53 -5.92 -0.41
N GLU A 77 -4.24 -7.21 -0.29
CA GLU A 77 -2.98 -7.73 -0.78
C GLU A 77 -3.03 -7.93 -2.30
N ASP A 78 -4.24 -8.18 -2.78
CA ASP A 78 -4.44 -8.39 -4.21
C ASP A 78 -3.72 -7.28 -4.99
N PHE A 79 -3.87 -6.07 -4.49
CA PHE A 79 -3.25 -4.92 -5.13
C PHE A 79 -1.80 -5.24 -5.52
N LEU A 80 -1.14 -6.00 -4.66
CA LEU A 80 0.24 -6.38 -4.90
C LEU A 80 0.31 -7.31 -6.10
N GLN A 81 -0.61 -8.26 -6.13
CA GLN A 81 -0.67 -9.22 -7.22
C GLN A 81 -1.03 -8.51 -8.53
N ASP A 82 -1.69 -7.37 -8.39
CA ASP A 82 -2.10 -6.60 -9.54
C ASP A 82 -0.99 -5.61 -9.91
N VAL A 83 -0.64 -4.77 -8.96
CA VAL A 83 0.41 -3.79 -9.17
C VAL A 83 1.65 -4.48 -9.75
N SER A 84 1.76 -5.76 -9.44
CA SER A 84 2.89 -6.54 -9.92
C SER A 84 2.54 -7.18 -11.27
N ALA A 85 1.28 -7.57 -11.39
CA ALA A 85 0.80 -8.20 -12.60
C ALA A 85 -0.45 -7.47 -13.10
N SER A 86 -0.25 -6.21 -13.47
CA SER A 86 -1.35 -5.40 -13.96
C SER A 86 -0.87 -4.53 -15.13
N THR A 87 -1.84 -4.09 -15.92
CA THR A 87 -1.54 -3.26 -17.08
C THR A 87 -2.23 -1.90 -16.95
N LYS A 88 -2.66 -1.60 -15.73
CA LYS A 88 -3.34 -0.34 -15.46
C LYS A 88 -2.48 0.50 -14.51
N SER A 89 -3.08 1.58 -14.03
CA SER A 89 -2.37 2.47 -13.12
C SER A 89 -2.78 2.16 -11.68
N LEU A 90 -1.83 2.37 -10.77
CA LEU A 90 -2.07 2.13 -9.37
C LEU A 90 -3.48 2.58 -9.00
N GLN A 91 -3.79 3.82 -9.40
CA GLN A 91 -5.11 4.38 -9.12
C GLN A 91 -6.18 3.30 -9.24
N GLU A 92 -6.01 2.45 -10.24
CA GLU A 92 -6.96 1.37 -10.47
C GLU A 92 -6.87 0.33 -9.35
N LEU A 93 -5.75 -0.36 -9.32
CA LEU A 93 -5.52 -1.38 -8.32
C LEU A 93 -6.10 -0.91 -6.98
N PHE A 94 -5.67 0.28 -6.57
CA PHE A 94 -6.13 0.86 -5.33
C PHE A 94 -7.66 0.76 -5.20
N LEU A 95 -8.33 1.32 -6.20
CA LEU A 95 -9.79 1.31 -6.23
C LEU A 95 -10.27 -0.12 -6.44
N ALA A 96 -9.52 -0.86 -7.24
CA ALA A 96 -9.86 -2.24 -7.54
C ALA A 96 -9.46 -3.12 -6.35
N HIS A 97 -8.93 -2.47 -5.32
CA HIS A 97 -8.50 -3.19 -4.13
C HIS A 97 -8.64 -2.28 -2.90
N ILE A 98 -9.61 -1.37 -2.99
CA ILE A 98 -9.87 -0.44 -1.91
C ILE A 98 -10.75 -1.11 -0.85
N LEU A 99 -10.22 -1.15 0.37
CA LEU A 99 -10.95 -1.77 1.47
C LEU A 99 -11.63 -0.67 2.31
N SER A 100 -11.07 0.53 2.19
CA SER A 100 -11.61 1.67 2.93
C SER A 100 -12.35 2.61 1.97
N SER A 101 -12.98 3.61 2.55
CA SER A 101 -13.72 4.59 1.77
C SER A 101 -12.92 5.89 1.66
N TRP A 102 -11.89 5.98 2.49
CA TRP A 102 -11.05 7.17 2.50
C TRP A 102 -9.76 6.84 1.74
N GLY A 103 -8.77 7.69 1.91
CA GLY A 103 -7.49 7.51 1.25
C GLY A 103 -7.49 8.17 -0.13
N ALA A 104 -7.75 9.47 -0.13
CA ALA A 104 -7.79 10.23 -1.37
C ALA A 104 -6.53 11.09 -1.46
N GLU A 105 -5.71 10.79 -2.46
CA GLU A 105 -4.49 11.54 -2.67
C GLU A 105 -3.85 11.16 -4.01
N VAL A 106 -2.94 12.01 -4.46
CA VAL A 106 -2.27 11.78 -5.72
C VAL A 106 -0.83 12.30 -5.63
N LYS A 107 -0.05 11.63 -4.80
CA LYS A 107 1.33 12.02 -4.60
C LYS A 107 2.18 10.76 -4.38
N SER A 108 3.49 10.97 -4.30
CA SER A 108 4.41 9.87 -4.10
C SER A 108 5.64 10.35 -3.32
N GLY A 109 5.71 9.94 -2.06
CA GLY A 109 6.81 10.33 -1.21
C GLY A 109 6.35 10.55 0.23
N PRO A 110 7.35 10.61 1.16
CA PRO A 110 7.05 10.83 2.56
C PRO A 110 6.65 12.27 2.83
N SER A 111 7.34 13.19 2.15
CA SER A 111 7.05 14.60 2.31
C SER A 111 7.43 15.05 3.73
N SER A 112 8.72 15.31 3.91
CA SER A 112 9.21 15.74 5.20
C SER A 112 10.04 17.03 5.05
N GLY A 113 9.33 18.14 4.93
CA GLY A 113 9.99 19.43 4.77
C GLY A 113 11.13 19.34 3.76
N GLY A 1 29.79 8.53 -6.36
CA GLY A 1 29.45 7.42 -7.23
C GLY A 1 27.96 7.10 -7.16
N SER A 2 27.48 6.44 -8.20
CA SER A 2 26.07 6.07 -8.27
C SER A 2 25.92 4.70 -8.93
N SER A 3 24.79 4.06 -8.66
CA SER A 3 24.52 2.75 -9.22
C SER A 3 23.41 2.85 -10.27
N GLY A 4 22.24 3.28 -9.81
CA GLY A 4 21.10 3.42 -10.69
C GLY A 4 20.33 2.10 -10.83
N SER A 5 19.12 2.20 -11.33
CA SER A 5 18.29 1.03 -11.52
C SER A 5 17.07 1.38 -12.38
N SER A 6 16.33 0.35 -12.76
CA SER A 6 15.15 0.54 -13.58
C SER A 6 14.35 -0.77 -13.66
N GLY A 7 13.04 -0.62 -13.82
CA GLY A 7 12.17 -1.77 -13.91
C GLY A 7 10.78 -1.46 -13.34
N ASP A 8 9.90 -2.45 -13.40
CA ASP A 8 8.56 -2.29 -12.90
C ASP A 8 8.61 -2.04 -11.39
N LYS A 9 8.47 -0.78 -11.02
CA LYS A 9 8.50 -0.39 -9.63
C LYS A 9 7.37 0.60 -9.36
N PRO A 10 6.15 0.05 -9.15
CA PRO A 10 4.98 0.88 -8.88
C PRO A 10 5.01 1.41 -7.45
N LEU A 11 5.84 0.78 -6.63
CA LEU A 11 5.97 1.18 -5.24
C LEU A 11 7.28 1.94 -5.05
N SER A 12 8.18 1.75 -6.01
CA SER A 12 9.48 2.41 -5.96
C SER A 12 9.34 3.80 -5.34
N ASN A 13 9.81 3.91 -4.11
CA ASN A 13 9.73 5.17 -3.39
C ASN A 13 8.35 5.32 -2.76
N MET A 14 7.99 4.32 -1.97
CA MET A 14 6.69 4.32 -1.30
C MET A 14 6.70 3.37 -0.10
N LYS A 15 6.35 3.91 1.05
CA LYS A 15 6.30 3.13 2.27
C LYS A 15 4.92 2.48 2.41
N ILE A 16 4.90 1.16 2.26
CA ILE A 16 3.65 0.43 2.37
C ILE A 16 3.51 -0.13 3.78
N LEU A 17 2.30 -0.05 4.31
CA LEU A 17 2.02 -0.53 5.65
C LEU A 17 1.04 -1.70 5.56
N THR A 18 1.04 -2.50 6.63
CA THR A 18 0.15 -3.65 6.69
C THR A 18 -0.56 -3.70 8.04
N LEU A 19 -1.89 -3.79 7.97
CA LEU A 19 -2.70 -3.85 9.17
C LEU A 19 -3.36 -5.22 9.27
N GLY A 20 -3.01 -5.93 10.32
CA GLY A 20 -3.56 -7.26 10.55
C GLY A 20 -2.63 -8.34 9.99
N LYS A 21 -3.12 -9.01 8.96
CA LYS A 21 -2.35 -10.07 8.32
C LYS A 21 -3.12 -10.60 7.11
N LEU A 22 -2.38 -10.85 6.03
CA LEU A 22 -2.99 -11.35 4.81
C LEU A 22 -2.76 -12.87 4.73
N SER A 23 -3.12 -13.42 3.59
CA SER A 23 -2.96 -14.84 3.37
C SER A 23 -1.48 -15.22 3.39
N ARG A 24 -0.64 -14.21 3.22
CA ARG A 24 0.80 -14.42 3.22
C ARG A 24 1.40 -13.96 4.55
N ASN A 25 2.73 -14.06 4.63
CA ASN A 25 3.43 -13.65 5.83
C ASN A 25 3.99 -12.24 5.64
N LYS A 26 4.12 -11.53 6.75
CA LYS A 26 4.64 -10.18 6.72
C LYS A 26 5.84 -10.13 5.77
N ASP A 27 6.76 -11.05 5.98
CA ASP A 27 7.96 -11.12 5.16
C ASP A 27 7.56 -11.23 3.68
N GLU A 28 6.93 -12.34 3.36
CA GLU A 28 6.47 -12.58 2.00
C GLU A 28 5.95 -11.29 1.38
N VAL A 29 5.27 -10.51 2.22
CA VAL A 29 4.70 -9.26 1.77
C VAL A 29 5.80 -8.19 1.70
N LYS A 30 6.48 -8.02 2.82
CA LYS A 30 7.56 -7.05 2.91
C LYS A 30 8.49 -7.24 1.70
N ALA A 31 8.60 -8.47 1.26
CA ALA A 31 9.46 -8.80 0.13
C ALA A 31 8.86 -8.20 -1.14
N MET A 32 7.58 -8.50 -1.35
CA MET A 32 6.88 -8.00 -2.52
C MET A 32 6.98 -6.47 -2.61
N ILE A 33 6.57 -5.82 -1.53
CA ILE A 33 6.61 -4.38 -1.48
C ILE A 33 8.01 -3.89 -1.85
N GLU A 34 9.00 -4.70 -1.51
CA GLU A 34 10.38 -4.37 -1.80
C GLU A 34 10.71 -4.71 -3.25
N LYS A 35 10.37 -5.92 -3.63
CA LYS A 35 10.63 -6.39 -5.00
C LYS A 35 9.95 -5.43 -5.98
N LEU A 36 8.85 -4.85 -5.54
CA LEU A 36 8.10 -3.92 -6.37
C LEU A 36 8.76 -2.54 -6.30
N GLY A 37 9.90 -2.49 -5.61
CA GLY A 37 10.62 -1.25 -5.47
C GLY A 37 10.16 -0.47 -4.23
N GLY A 38 9.00 -0.87 -3.73
CA GLY A 38 8.43 -0.23 -2.55
C GLY A 38 9.23 -0.60 -1.30
N LYS A 39 8.61 -0.35 -0.15
CA LYS A 39 9.23 -0.65 1.13
C LYS A 39 8.16 -0.74 2.21
N LEU A 40 8.23 -1.81 2.98
CA LEU A 40 7.27 -2.02 4.05
C LEU A 40 7.70 -1.20 5.28
N THR A 41 6.70 -0.86 6.09
CA THR A 41 6.96 -0.07 7.29
C THR A 41 6.14 -0.62 8.46
N GLY A 42 6.47 -0.13 9.65
CA GLY A 42 5.79 -0.56 10.84
C GLY A 42 4.68 0.43 11.23
N THR A 43 5.00 1.70 11.08
CA THR A 43 4.04 2.76 11.40
C THR A 43 3.09 2.99 10.23
N ALA A 44 1.99 3.66 10.53
CA ALA A 44 1.00 3.95 9.51
C ALA A 44 1.19 5.39 9.01
N ASN A 45 1.18 6.32 9.97
CA ASN A 45 1.35 7.72 9.63
C ASN A 45 2.61 7.89 8.77
N LYS A 46 3.55 6.99 8.98
CA LYS A 46 4.80 7.03 8.23
C LYS A 46 4.74 6.02 7.09
N ALA A 47 3.58 5.97 6.45
CA ALA A 47 3.37 5.06 5.33
C ALA A 47 2.57 5.77 4.24
N SER A 48 2.80 5.35 3.01
CA SER A 48 2.12 5.93 1.87
C SER A 48 0.93 5.05 1.48
N LEU A 49 1.02 3.79 1.86
CA LEU A 49 -0.04 2.85 1.54
C LEU A 49 -0.34 1.99 2.78
N CYS A 50 -1.44 1.26 2.70
CA CYS A 50 -1.84 0.39 3.81
C CYS A 50 -2.50 -0.86 3.22
N ILE A 51 -1.96 -2.01 3.61
CA ILE A 51 -2.48 -3.27 3.14
C ILE A 51 -3.15 -4.01 4.30
N SER A 52 -4.46 -3.85 4.39
CA SER A 52 -5.23 -4.49 5.44
C SER A 52 -6.40 -5.26 4.84
N THR A 53 -7.28 -5.73 5.72
CA THR A 53 -8.44 -6.48 5.29
C THR A 53 -9.72 -5.72 5.62
N LYS A 54 -10.84 -6.25 5.15
CA LYS A 54 -12.12 -5.63 5.39
C LYS A 54 -12.41 -5.63 6.89
N LYS A 55 -12.12 -6.75 7.52
CA LYS A 55 -12.34 -6.89 8.95
C LYS A 55 -11.67 -5.73 9.68
N GLU A 56 -10.38 -5.57 9.40
CA GLU A 56 -9.61 -4.50 10.02
C GLU A 56 -10.33 -3.16 9.85
N VAL A 57 -10.43 -2.74 8.61
CA VAL A 57 -11.10 -1.47 8.31
C VAL A 57 -12.46 -1.44 9.00
N GLU A 58 -12.96 -2.62 9.31
CA GLU A 58 -14.26 -2.74 9.96
C GLU A 58 -14.09 -2.59 11.48
N LYS A 59 -12.94 -3.02 11.96
CA LYS A 59 -12.64 -2.95 13.38
C LYS A 59 -12.37 -1.50 13.76
N MET A 60 -11.71 -0.79 12.85
CA MET A 60 -11.39 0.61 13.08
C MET A 60 -10.63 0.78 14.40
N ASN A 61 -9.56 0.01 14.54
CA ASN A 61 -8.74 0.08 15.75
C ASN A 61 -7.70 1.18 15.60
N LYS A 62 -7.10 1.54 16.72
CA LYS A 62 -6.09 2.59 16.73
C LYS A 62 -5.20 2.45 15.49
N LYS A 63 -4.91 1.19 15.15
CA LYS A 63 -4.09 0.91 13.99
C LYS A 63 -4.69 1.58 12.76
N MET A 64 -5.90 1.15 12.42
CA MET A 64 -6.60 1.70 11.27
C MET A 64 -6.76 3.22 11.40
N GLU A 65 -6.69 3.68 12.64
CA GLU A 65 -6.83 5.10 12.91
C GLU A 65 -5.54 5.85 12.52
N GLU A 66 -4.43 5.13 12.59
CA GLU A 66 -3.15 5.71 12.25
C GLU A 66 -3.05 5.94 10.74
N VAL A 67 -3.83 5.16 10.01
CA VAL A 67 -3.85 5.27 8.55
C VAL A 67 -5.02 6.16 8.13
N LYS A 68 -6.05 6.16 8.96
CA LYS A 68 -7.24 6.96 8.69
C LYS A 68 -6.93 8.43 8.95
N GLU A 69 -5.89 8.65 9.74
CA GLU A 69 -5.48 10.01 10.08
C GLU A 69 -4.64 10.61 8.94
N ALA A 70 -3.69 9.82 8.48
CA ALA A 70 -2.82 10.25 7.39
C ALA A 70 -3.50 9.99 6.05
N ASN A 71 -4.78 9.65 6.13
CA ASN A 71 -5.56 9.37 4.92
C ASN A 71 -4.73 8.49 3.98
N ILE A 72 -4.46 7.29 4.44
CA ILE A 72 -3.68 6.34 3.64
C ILE A 72 -4.60 5.24 3.13
N ARG A 73 -4.97 5.36 1.87
CA ARG A 73 -5.84 4.38 1.24
C ARG A 73 -5.43 2.96 1.64
N VAL A 74 -6.40 2.21 2.13
CA VAL A 74 -6.15 0.84 2.57
C VAL A 74 -6.63 -0.12 1.48
N VAL A 75 -5.73 -1.00 1.07
CA VAL A 75 -6.06 -1.98 0.04
C VAL A 75 -5.78 -3.38 0.58
N SER A 76 -6.16 -4.37 -0.22
CA SER A 76 -5.96 -5.76 0.16
C SER A 76 -4.60 -6.25 -0.35
N GLU A 77 -4.28 -7.48 0.02
CA GLU A 77 -3.02 -8.09 -0.39
C GLU A 77 -3.03 -8.35 -1.89
N ASP A 78 -4.21 -8.64 -2.41
CA ASP A 78 -4.37 -8.91 -3.83
C ASP A 78 -3.70 -7.80 -4.63
N PHE A 79 -3.88 -6.58 -4.15
CA PHE A 79 -3.31 -5.42 -4.82
C PHE A 79 -1.93 -5.75 -5.39
N LEU A 80 -1.07 -6.25 -4.52
CA LEU A 80 0.28 -6.60 -4.93
C LEU A 80 0.22 -7.59 -6.11
N GLN A 81 -0.62 -8.60 -5.94
CA GLN A 81 -0.78 -9.60 -6.98
C GLN A 81 -1.23 -8.95 -8.29
N ASP A 82 -1.79 -7.75 -8.16
CA ASP A 82 -2.26 -7.02 -9.31
C ASP A 82 -1.15 -6.06 -9.78
N VAL A 83 -0.75 -5.18 -8.88
CA VAL A 83 0.28 -4.22 -9.18
C VAL A 83 1.46 -4.93 -9.84
N SER A 84 1.72 -6.15 -9.39
CA SER A 84 2.81 -6.94 -9.92
C SER A 84 2.39 -7.58 -11.25
N ALA A 85 1.10 -7.88 -11.33
CA ALA A 85 0.56 -8.50 -12.54
C ALA A 85 -0.71 -7.75 -12.95
N SER A 86 -0.51 -6.52 -13.41
CA SER A 86 -1.62 -5.70 -13.84
C SER A 86 -1.10 -4.35 -14.35
N THR A 87 -1.32 -4.10 -15.63
CA THR A 87 -0.88 -2.87 -16.25
C THR A 87 -1.96 -1.79 -16.11
N LYS A 88 -2.49 -1.69 -14.90
CA LYS A 88 -3.53 -0.72 -14.62
C LYS A 88 -2.93 0.45 -13.83
N SER A 89 -3.66 1.56 -13.83
CA SER A 89 -3.20 2.74 -13.12
C SER A 89 -3.13 2.47 -11.62
N LEU A 90 -2.06 2.95 -11.01
CA LEU A 90 -1.86 2.76 -9.58
C LEU A 90 -3.15 3.12 -8.84
N GLN A 91 -3.59 4.35 -9.06
CA GLN A 91 -4.80 4.85 -8.42
C GLN A 91 -5.95 3.85 -8.63
N GLU A 92 -6.12 3.44 -9.87
CA GLU A 92 -7.17 2.49 -10.21
C GLU A 92 -7.00 1.21 -9.42
N LEU A 93 -5.78 0.68 -9.47
CA LEU A 93 -5.47 -0.56 -8.77
C LEU A 93 -6.01 -0.48 -7.34
N PHE A 94 -5.69 0.64 -6.69
CA PHE A 94 -6.13 0.86 -5.32
C PHE A 94 -7.65 0.73 -5.21
N LEU A 95 -8.34 1.48 -6.06
CA LEU A 95 -9.79 1.46 -6.06
C LEU A 95 -10.28 0.05 -6.39
N ALA A 96 -9.52 -0.62 -7.25
CA ALA A 96 -9.86 -1.97 -7.66
C ALA A 96 -9.58 -2.93 -6.49
N HIS A 97 -8.95 -2.40 -5.46
CA HIS A 97 -8.63 -3.19 -4.29
C HIS A 97 -8.63 -2.30 -3.05
N ILE A 98 -9.60 -1.41 -2.99
CA ILE A 98 -9.72 -0.49 -1.87
C ILE A 98 -10.65 -1.10 -0.83
N LEU A 99 -10.12 -1.25 0.38
CA LEU A 99 -10.88 -1.81 1.47
C LEU A 99 -11.45 -0.68 2.33
N SER A 100 -10.85 0.50 2.18
CA SER A 100 -11.29 1.66 2.93
C SER A 100 -12.02 2.63 2.00
N SER A 101 -12.71 3.57 2.62
CA SER A 101 -13.46 4.58 1.87
C SER A 101 -12.67 5.89 1.81
N TRP A 102 -11.54 5.89 2.50
CA TRP A 102 -10.68 7.07 2.54
C TRP A 102 -9.48 6.80 1.63
N GLY A 103 -8.45 7.62 1.83
CA GLY A 103 -7.24 7.47 1.04
C GLY A 103 -7.32 8.30 -0.24
N ALA A 104 -7.50 9.60 -0.07
CA ALA A 104 -7.60 10.51 -1.20
C ALA A 104 -8.81 10.10 -2.06
N GLU A 105 -9.31 11.09 -2.80
CA GLU A 105 -10.45 10.86 -3.67
C GLU A 105 -10.00 10.74 -5.13
N VAL A 106 -10.75 9.95 -5.88
CA VAL A 106 -10.44 9.76 -7.29
C VAL A 106 -10.66 11.07 -8.05
N LYS A 107 -9.63 11.49 -8.76
CA LYS A 107 -9.69 12.72 -9.52
C LYS A 107 -9.73 12.38 -11.01
N SER A 108 -10.87 11.83 -11.43
CA SER A 108 -11.06 11.46 -12.82
C SER A 108 -10.27 10.19 -13.13
N GLY A 109 -8.96 10.28 -12.94
CA GLY A 109 -8.09 9.15 -13.19
C GLY A 109 -7.83 8.98 -14.69
N PRO A 110 -6.63 8.44 -15.01
CA PRO A 110 -6.25 8.22 -16.40
C PRO A 110 -6.99 7.02 -16.98
N SER A 111 -8.23 7.23 -17.34
CA SER A 111 -9.05 6.17 -17.91
C SER A 111 -8.53 5.80 -19.29
N SER A 112 -8.58 4.51 -19.58
CA SER A 112 -8.13 4.01 -20.88
C SER A 112 -8.74 2.64 -21.15
N GLY A 113 -8.43 1.70 -20.28
CA GLY A 113 -8.94 0.34 -20.42
C GLY A 113 -8.30 -0.59 -19.40
N GLY A 1 25.11 0.88 -5.02
CA GLY A 1 26.03 -0.18 -4.65
C GLY A 1 25.28 -1.51 -4.45
N SER A 2 24.87 -2.09 -5.58
CA SER A 2 24.15 -3.34 -5.53
C SER A 2 23.86 -3.82 -6.96
N SER A 3 23.84 -5.14 -7.12
CA SER A 3 23.57 -5.74 -8.42
C SER A 3 22.09 -6.10 -8.54
N GLY A 4 21.58 -5.97 -9.75
CA GLY A 4 20.18 -6.27 -10.01
C GLY A 4 19.60 -5.31 -11.05
N SER A 5 18.71 -5.85 -11.87
CA SER A 5 18.07 -5.05 -12.91
C SER A 5 16.63 -5.53 -13.12
N SER A 6 15.74 -4.57 -13.31
CA SER A 6 14.33 -4.89 -13.53
C SER A 6 13.57 -3.62 -13.91
N GLY A 7 12.43 -3.83 -14.55
CA GLY A 7 11.60 -2.72 -14.97
C GLY A 7 10.15 -2.91 -14.52
N ASP A 8 9.98 -2.91 -13.20
CA ASP A 8 8.66 -3.08 -12.62
C ASP A 8 8.71 -2.70 -11.15
N LYS A 9 8.52 -1.40 -10.90
CA LYS A 9 8.54 -0.90 -9.54
C LYS A 9 7.40 0.11 -9.36
N PRO A 10 6.18 -0.45 -9.10
CA PRO A 10 5.01 0.39 -8.91
C PRO A 10 5.03 1.07 -7.54
N LEU A 11 5.81 0.48 -6.64
CA LEU A 11 5.93 1.02 -5.30
C LEU A 11 7.33 1.63 -5.11
N SER A 12 8.09 1.60 -6.20
CA SER A 12 9.44 2.15 -6.18
C SER A 12 9.44 3.51 -5.48
N ASN A 13 9.85 3.50 -4.22
CA ASN A 13 9.89 4.72 -3.44
C ASN A 13 8.53 4.96 -2.78
N MET A 14 8.07 3.95 -2.06
CA MET A 14 6.80 4.04 -1.39
C MET A 14 6.75 3.12 -0.17
N LYS A 15 6.35 3.69 0.96
CA LYS A 15 6.27 2.93 2.20
C LYS A 15 4.88 2.30 2.30
N ILE A 16 4.86 0.97 2.18
CA ILE A 16 3.61 0.24 2.26
C ILE A 16 3.43 -0.30 3.69
N LEU A 17 2.22 -0.13 4.19
CA LEU A 17 1.90 -0.58 5.53
C LEU A 17 0.87 -1.72 5.46
N THR A 18 0.82 -2.50 6.52
CA THR A 18 -0.11 -3.62 6.59
C THR A 18 -0.74 -3.70 7.97
N LEU A 19 -2.05 -3.89 7.97
CA LEU A 19 -2.79 -4.00 9.22
C LEU A 19 -3.37 -5.40 9.36
N GLY A 20 -3.24 -5.95 10.56
CA GLY A 20 -3.75 -7.28 10.83
C GLY A 20 -2.82 -8.35 10.24
N LYS A 21 -3.22 -8.83 9.07
CA LYS A 21 -2.45 -9.84 8.37
C LYS A 21 -3.19 -10.27 7.10
N LEU A 22 -2.42 -10.45 6.03
CA LEU A 22 -2.99 -10.85 4.76
C LEU A 22 -2.98 -12.38 4.65
N SER A 23 -3.17 -12.85 3.44
CA SER A 23 -3.18 -14.29 3.19
C SER A 23 -1.76 -14.84 3.24
N ARG A 24 -0.81 -13.97 2.95
CA ARG A 24 0.59 -14.36 2.96
C ARG A 24 1.25 -13.96 4.29
N ASN A 25 2.54 -14.24 4.39
CA ASN A 25 3.29 -13.92 5.59
C ASN A 25 3.92 -12.53 5.44
N LYS A 26 4.04 -11.85 6.56
CA LYS A 26 4.62 -10.52 6.57
C LYS A 26 5.83 -10.49 5.64
N ASP A 27 6.81 -11.33 5.96
CA ASP A 27 8.02 -11.41 5.15
C ASP A 27 7.64 -11.49 3.67
N GLU A 28 6.96 -12.57 3.33
CA GLU A 28 6.53 -12.77 1.94
C GLU A 28 6.07 -11.44 1.33
N VAL A 29 5.30 -10.70 2.12
CA VAL A 29 4.79 -9.42 1.66
C VAL A 29 5.92 -8.40 1.65
N LYS A 30 6.54 -8.25 2.81
CA LYS A 30 7.65 -7.31 2.95
C LYS A 30 8.58 -7.43 1.75
N ALA A 31 8.69 -8.66 1.26
CA ALA A 31 9.54 -8.94 0.11
C ALA A 31 8.92 -8.32 -1.15
N MET A 32 7.67 -8.69 -1.40
CA MET A 32 6.96 -8.18 -2.55
C MET A 32 6.98 -6.64 -2.58
N ILE A 33 6.63 -6.05 -1.45
CA ILE A 33 6.62 -4.60 -1.34
C ILE A 33 7.99 -4.04 -1.71
N GLU A 34 9.01 -4.81 -1.36
CA GLU A 34 10.38 -4.41 -1.65
C GLU A 34 10.71 -4.70 -3.11
N LYS A 35 10.35 -5.90 -3.55
CA LYS A 35 10.61 -6.31 -4.92
C LYS A 35 9.86 -5.39 -5.87
N LEU A 36 8.73 -4.88 -5.38
CA LEU A 36 7.91 -3.98 -6.18
C LEU A 36 8.51 -2.58 -6.15
N GLY A 37 9.64 -2.46 -5.45
CA GLY A 37 10.32 -1.19 -5.33
C GLY A 37 9.87 -0.45 -4.07
N GLY A 38 8.78 -0.91 -3.50
CA GLY A 38 8.24 -0.31 -2.30
C GLY A 38 9.08 -0.70 -1.07
N LYS A 39 8.51 -0.44 0.11
CA LYS A 39 9.19 -0.76 1.35
C LYS A 39 8.15 -0.87 2.47
N LEU A 40 8.17 -2.03 3.13
CA LEU A 40 7.24 -2.28 4.22
C LEU A 40 7.68 -1.49 5.45
N THR A 41 6.70 -0.90 6.12
CA THR A 41 6.97 -0.11 7.31
C THR A 41 6.13 -0.61 8.49
N GLY A 42 6.45 -0.11 9.66
CA GLY A 42 5.74 -0.50 10.87
C GLY A 42 4.65 0.52 11.21
N THR A 43 5.03 1.79 11.15
CA THR A 43 4.10 2.87 11.45
C THR A 43 3.10 3.04 10.31
N ALA A 44 2.07 3.83 10.58
CA ALA A 44 1.03 4.09 9.59
C ALA A 44 1.18 5.52 9.05
N ASN A 45 1.32 6.45 9.99
CA ASN A 45 1.46 7.84 9.62
C ASN A 45 2.74 8.03 8.82
N LYS A 46 3.59 7.01 8.87
CA LYS A 46 4.84 7.04 8.14
C LYS A 46 4.80 6.03 7.00
N ALA A 47 3.63 5.95 6.37
CA ALA A 47 3.43 5.03 5.26
C ALA A 47 2.76 5.77 4.11
N SER A 48 3.01 5.28 2.91
CA SER A 48 2.44 5.89 1.71
C SER A 48 1.10 5.22 1.38
N LEU A 49 1.03 3.94 1.70
CA LEU A 49 -0.17 3.17 1.44
C LEU A 49 -0.38 2.14 2.56
N CYS A 50 -1.60 1.66 2.66
CA CYS A 50 -1.94 0.67 3.68
C CYS A 50 -2.50 -0.57 2.98
N ILE A 51 -2.10 -1.72 3.50
CA ILE A 51 -2.55 -3.00 2.93
C ILE A 51 -3.09 -3.88 4.05
N SER A 52 -4.39 -3.78 4.26
CA SER A 52 -5.05 -4.56 5.29
C SER A 52 -6.24 -5.32 4.70
N THR A 53 -7.01 -5.93 5.58
CA THR A 53 -8.18 -6.69 5.16
C THR A 53 -9.47 -6.00 5.61
N LYS A 54 -10.56 -6.33 4.94
CA LYS A 54 -11.84 -5.75 5.26
C LYS A 54 -12.04 -5.76 6.77
N LYS A 55 -11.99 -6.95 7.34
CA LYS A 55 -12.16 -7.12 8.78
C LYS A 55 -11.43 -5.98 9.50
N GLU A 56 -10.12 -5.95 9.32
CA GLU A 56 -9.31 -4.92 9.95
C GLU A 56 -10.00 -3.56 9.85
N VAL A 57 -10.11 -3.08 8.61
CA VAL A 57 -10.75 -1.79 8.37
C VAL A 57 -12.03 -1.69 9.20
N GLU A 58 -12.79 -2.78 9.19
CA GLU A 58 -14.03 -2.83 9.93
C GLU A 58 -13.78 -2.56 11.41
N LYS A 59 -12.67 -3.09 11.90
CA LYS A 59 -12.30 -2.91 13.29
C LYS A 59 -12.04 -1.43 13.56
N MET A 60 -11.25 -0.83 12.68
CA MET A 60 -10.91 0.58 12.81
C MET A 60 -10.08 0.82 14.08
N ASN A 61 -9.24 -0.15 14.40
CA ASN A 61 -8.40 -0.04 15.57
C ASN A 61 -7.46 1.15 15.42
N LYS A 62 -6.58 1.31 16.40
CA LYS A 62 -5.62 2.41 16.39
C LYS A 62 -4.77 2.32 15.11
N LYS A 63 -4.30 1.10 14.85
CA LYS A 63 -3.48 0.86 13.67
C LYS A 63 -4.21 1.39 12.43
N MET A 64 -5.53 1.32 12.48
CA MET A 64 -6.35 1.78 11.38
C MET A 64 -6.75 3.24 11.56
N GLU A 65 -6.51 3.74 12.76
CA GLU A 65 -6.84 5.13 13.07
C GLU A 65 -5.72 6.06 12.61
N GLU A 66 -4.50 5.55 12.72
CA GLU A 66 -3.33 6.33 12.32
C GLU A 66 -3.36 6.57 10.81
N VAL A 67 -4.01 5.66 10.10
CA VAL A 67 -4.10 5.77 8.66
C VAL A 67 -5.36 6.57 8.29
N LYS A 68 -6.34 6.51 9.18
CA LYS A 68 -7.58 7.22 8.96
C LYS A 68 -7.34 8.72 9.11
N GLU A 69 -6.25 9.05 9.80
CA GLU A 69 -5.90 10.44 10.02
C GLU A 69 -5.05 10.96 8.85
N ALA A 70 -4.19 10.09 8.36
CA ALA A 70 -3.31 10.44 7.25
C ALA A 70 -4.05 10.19 5.93
N ASN A 71 -5.33 9.88 6.05
CA ASN A 71 -6.15 9.61 4.87
C ASN A 71 -5.39 8.66 3.94
N ILE A 72 -4.95 7.55 4.51
CA ILE A 72 -4.21 6.56 3.75
C ILE A 72 -5.17 5.45 3.31
N ARG A 73 -5.36 5.37 2.00
CA ARG A 73 -6.25 4.37 1.44
C ARG A 73 -5.79 2.97 1.84
N VAL A 74 -6.74 2.16 2.27
CA VAL A 74 -6.45 0.80 2.69
C VAL A 74 -6.87 -0.17 1.58
N VAL A 75 -5.91 -0.96 1.12
CA VAL A 75 -6.17 -1.93 0.08
C VAL A 75 -5.87 -3.34 0.60
N SER A 76 -6.20 -4.32 -0.22
CA SER A 76 -5.98 -5.70 0.16
C SER A 76 -4.63 -6.18 -0.39
N GLU A 77 -4.28 -7.40 -0.02
CA GLU A 77 -3.02 -7.98 -0.45
C GLU A 77 -3.00 -8.12 -1.98
N ASP A 78 -4.15 -8.52 -2.52
CA ASP A 78 -4.28 -8.68 -3.95
C ASP A 78 -3.56 -7.54 -4.67
N PHE A 79 -3.74 -6.34 -4.13
CA PHE A 79 -3.12 -5.17 -4.70
C PHE A 79 -1.71 -5.48 -5.21
N LEU A 80 -0.95 -6.14 -4.35
CA LEU A 80 0.42 -6.50 -4.70
C LEU A 80 0.40 -7.47 -5.88
N GLN A 81 -0.49 -8.46 -5.79
CA GLN A 81 -0.62 -9.45 -6.84
C GLN A 81 -0.97 -8.77 -8.16
N ASP A 82 -1.69 -7.67 -8.05
CA ASP A 82 -2.11 -6.92 -9.23
C ASP A 82 -0.98 -5.95 -9.63
N VAL A 83 -0.67 -5.06 -8.72
CA VAL A 83 0.39 -4.07 -8.96
C VAL A 83 1.59 -4.77 -9.59
N SER A 84 1.79 -6.01 -9.19
CA SER A 84 2.91 -6.80 -9.71
C SER A 84 2.55 -7.37 -11.08
N ALA A 85 1.30 -7.78 -11.20
CA ALA A 85 0.81 -8.36 -12.45
C ALA A 85 -0.51 -7.69 -12.84
N SER A 86 -0.40 -6.43 -13.23
CA SER A 86 -1.58 -5.67 -13.62
C SER A 86 -1.17 -4.33 -14.24
N THR A 87 -1.59 -4.14 -15.49
CA THR A 87 -1.27 -2.91 -16.19
C THR A 87 -2.30 -1.83 -15.89
N LYS A 88 -2.65 -1.72 -14.62
CA LYS A 88 -3.62 -0.74 -14.19
C LYS A 88 -2.92 0.34 -13.36
N SER A 89 -3.38 1.57 -13.54
CA SER A 89 -2.81 2.70 -12.83
C SER A 89 -3.05 2.55 -11.33
N LEU A 90 -2.07 2.95 -10.55
CA LEU A 90 -2.16 2.86 -9.11
C LEU A 90 -3.56 3.32 -8.66
N GLN A 91 -3.87 4.57 -8.99
CA GLN A 91 -5.17 5.12 -8.64
C GLN A 91 -6.28 4.11 -8.91
N GLU A 92 -6.12 3.37 -10.01
CA GLU A 92 -7.09 2.38 -10.38
C GLU A 92 -6.92 1.11 -9.52
N LEU A 93 -5.69 0.63 -9.46
CA LEU A 93 -5.38 -0.55 -8.68
C LEU A 93 -5.94 -0.38 -7.27
N PHE A 94 -5.63 0.76 -6.68
CA PHE A 94 -6.09 1.06 -5.33
C PHE A 94 -7.61 0.89 -5.22
N LEU A 95 -8.31 1.57 -6.11
CA LEU A 95 -9.77 1.50 -6.12
C LEU A 95 -10.20 0.10 -6.51
N ALA A 96 -9.37 -0.55 -7.31
CA ALA A 96 -9.65 -1.90 -7.76
C ALA A 96 -9.36 -2.88 -6.62
N HIS A 97 -8.84 -2.36 -5.53
CA HIS A 97 -8.52 -3.17 -4.38
C HIS A 97 -8.61 -2.32 -3.11
N ILE A 98 -9.57 -1.41 -3.11
CA ILE A 98 -9.77 -0.53 -1.97
C ILE A 98 -10.67 -1.23 -0.95
N LEU A 99 -10.13 -1.39 0.25
CA LEU A 99 -10.88 -2.03 1.32
C LEU A 99 -11.57 -0.97 2.17
N SER A 100 -10.98 0.22 2.18
CA SER A 100 -11.52 1.33 2.94
C SER A 100 -12.32 2.25 2.03
N SER A 101 -13.02 3.19 2.66
CA SER A 101 -13.84 4.14 1.91
C SER A 101 -13.15 5.50 1.89
N TRP A 102 -11.97 5.55 2.49
CA TRP A 102 -11.21 6.79 2.53
C TRP A 102 -9.93 6.59 1.73
N GLY A 103 -9.00 7.52 1.92
CA GLY A 103 -7.73 7.47 1.21
C GLY A 103 -7.85 8.12 -0.17
N ALA A 104 -8.06 9.43 -0.15
CA ALA A 104 -8.18 10.18 -1.39
C ALA A 104 -7.02 11.17 -1.50
N GLU A 105 -6.29 11.05 -2.59
CA GLU A 105 -5.15 11.93 -2.83
C GLU A 105 -4.66 11.79 -4.28
N VAL A 106 -4.11 12.87 -4.79
CA VAL A 106 -3.60 12.88 -6.16
C VAL A 106 -2.08 13.10 -6.13
N LYS A 107 -1.39 12.20 -5.45
CA LYS A 107 0.06 12.29 -5.34
C LYS A 107 0.68 10.95 -5.75
N SER A 108 0.48 10.61 -7.02
CA SER A 108 1.02 9.36 -7.55
C SER A 108 1.66 9.61 -8.91
N GLY A 109 2.98 9.72 -8.91
CA GLY A 109 3.71 9.95 -10.13
C GLY A 109 4.75 8.85 -10.36
N PRO A 110 4.27 7.73 -10.97
CA PRO A 110 5.14 6.60 -11.25
C PRO A 110 6.04 6.89 -12.45
N SER A 111 6.96 5.96 -12.70
CA SER A 111 7.89 6.11 -13.81
C SER A 111 8.39 4.74 -14.25
N SER A 112 9.04 4.72 -15.40
CA SER A 112 9.58 3.49 -15.94
C SER A 112 10.60 3.80 -17.04
N GLY A 113 11.85 3.43 -16.76
CA GLY A 113 12.92 3.66 -17.70
C GLY A 113 13.82 4.82 -17.24
N GLY A 1 28.36 9.75 -8.90
CA GLY A 1 27.68 8.78 -8.05
C GLY A 1 27.56 7.43 -8.75
N SER A 2 26.47 6.73 -8.45
CA SER A 2 26.23 5.43 -9.04
C SER A 2 24.88 4.88 -8.59
N SER A 3 24.01 4.64 -9.56
CA SER A 3 22.67 4.13 -9.26
C SER A 3 21.95 3.79 -10.57
N GLY A 4 20.94 2.94 -10.44
CA GLY A 4 20.17 2.52 -11.60
C GLY A 4 19.40 1.23 -11.29
N SER A 5 19.18 0.45 -12.35
CA SER A 5 18.46 -0.81 -12.21
C SER A 5 16.99 -0.53 -11.89
N SER A 6 16.12 -1.01 -12.78
CA SER A 6 14.69 -0.82 -12.61
C SER A 6 13.94 -1.63 -13.65
N GLY A 7 12.75 -2.08 -13.26
CA GLY A 7 11.91 -2.86 -14.16
C GLY A 7 10.52 -3.08 -13.55
N ASP A 8 9.54 -2.44 -14.16
CA ASP A 8 8.16 -2.54 -13.69
C ASP A 8 8.14 -2.44 -12.17
N LYS A 9 8.06 -1.21 -11.69
CA LYS A 9 8.04 -0.95 -10.26
C LYS A 9 6.86 -0.03 -9.94
N PRO A 10 5.75 -0.65 -9.46
CA PRO A 10 4.55 0.10 -9.12
C PRO A 10 4.75 0.85 -7.80
N LEU A 11 5.32 0.14 -6.83
CA LEU A 11 5.56 0.71 -5.53
C LEU A 11 6.95 1.35 -5.49
N SER A 12 7.58 1.37 -6.66
CA SER A 12 8.91 1.95 -6.79
C SER A 12 8.96 3.31 -6.10
N ASN A 13 9.50 3.31 -4.90
CA ASN A 13 9.63 4.53 -4.13
C ASN A 13 8.29 4.82 -3.43
N MET A 14 7.85 3.82 -2.67
CA MET A 14 6.59 3.95 -1.93
C MET A 14 6.59 3.03 -0.70
N LYS A 15 6.21 3.62 0.42
CA LYS A 15 6.16 2.87 1.67
C LYS A 15 4.76 2.25 1.82
N ILE A 16 4.76 0.94 2.07
CA ILE A 16 3.52 0.22 2.24
C ILE A 16 3.44 -0.33 3.67
N LEU A 17 2.26 -0.18 4.26
CA LEU A 17 2.05 -0.66 5.61
C LEU A 17 1.00 -1.78 5.60
N THR A 18 1.12 -2.66 6.57
CA THR A 18 0.19 -3.78 6.68
C THR A 18 -0.49 -3.78 8.05
N LEU A 19 -1.77 -4.11 8.03
CA LEU A 19 -2.55 -4.15 9.25
C LEU A 19 -3.28 -5.49 9.35
N GLY A 20 -3.18 -6.11 10.51
CA GLY A 20 -3.83 -7.38 10.74
C GLY A 20 -3.02 -8.53 10.10
N LYS A 21 -3.67 -9.68 10.02
CA LYS A 21 -3.04 -10.85 9.43
C LYS A 21 -3.50 -11.01 7.98
N LEU A 22 -2.54 -11.23 7.11
CA LEU A 22 -2.83 -11.41 5.69
C LEU A 22 -2.52 -12.86 5.28
N SER A 23 -3.02 -13.22 4.11
CA SER A 23 -2.79 -14.56 3.60
C SER A 23 -1.32 -14.93 3.69
N ARG A 24 -0.48 -14.02 3.19
CA ARG A 24 0.96 -14.23 3.22
C ARG A 24 1.54 -13.75 4.54
N ASN A 25 2.84 -13.97 4.69
CA ASN A 25 3.54 -13.56 5.90
C ASN A 25 4.15 -12.18 5.69
N LYS A 26 4.34 -11.48 6.80
CA LYS A 26 4.91 -10.14 6.76
C LYS A 26 6.09 -10.13 5.78
N ASP A 27 7.08 -10.95 6.09
CA ASP A 27 8.26 -11.04 5.24
C ASP A 27 7.83 -11.18 3.78
N GLU A 28 7.17 -12.29 3.49
CA GLU A 28 6.70 -12.55 2.14
C GLU A 28 6.17 -11.26 1.50
N VAL A 29 5.49 -10.47 2.32
CA VAL A 29 4.94 -9.21 1.85
C VAL A 29 6.05 -8.17 1.75
N LYS A 30 6.75 -7.98 2.86
CA LYS A 30 7.84 -7.03 2.91
C LYS A 30 8.73 -7.22 1.68
N ALA A 31 8.76 -8.45 1.19
CA ALA A 31 9.57 -8.78 0.02
C ALA A 31 8.89 -8.20 -1.23
N MET A 32 7.62 -8.54 -1.38
CA MET A 32 6.86 -8.07 -2.52
C MET A 32 6.90 -6.55 -2.63
N ILE A 33 6.52 -5.90 -1.53
CA ILE A 33 6.51 -4.44 -1.49
C ILE A 33 7.90 -3.92 -1.85
N GLU A 34 8.90 -4.76 -1.60
CA GLU A 34 10.27 -4.39 -1.89
C GLU A 34 10.60 -4.68 -3.36
N LYS A 35 10.46 -5.94 -3.74
CA LYS A 35 10.74 -6.35 -5.10
C LYS A 35 10.03 -5.39 -6.07
N LEU A 36 8.74 -5.19 -5.81
CA LEU A 36 7.94 -4.31 -6.64
C LEU A 36 8.67 -2.99 -6.82
N GLY A 37 9.24 -2.49 -5.73
CA GLY A 37 9.96 -1.24 -5.76
C GLY A 37 9.66 -0.39 -4.52
N GLY A 38 8.66 -0.83 -3.78
CA GLY A 38 8.26 -0.13 -2.57
C GLY A 38 9.08 -0.60 -1.36
N LYS A 39 8.52 -0.38 -0.18
CA LYS A 39 9.18 -0.78 1.05
C LYS A 39 8.15 -0.85 2.18
N LEU A 40 8.23 -1.92 2.94
CA LEU A 40 7.33 -2.12 4.06
C LEU A 40 7.71 -1.18 5.20
N THR A 41 6.69 -0.72 5.92
CA THR A 41 6.91 0.19 7.03
C THR A 41 6.12 -0.28 8.26
N GLY A 42 6.46 0.30 9.40
CA GLY A 42 5.80 -0.04 10.64
C GLY A 42 4.79 1.03 11.05
N THR A 43 5.19 2.27 10.82
CA THR A 43 4.34 3.41 11.16
C THR A 43 3.38 3.71 10.01
N ALA A 44 2.19 4.16 10.39
CA ALA A 44 1.17 4.50 9.41
C ALA A 44 1.40 5.92 8.91
N ASN A 45 1.63 6.81 9.86
CA ASN A 45 1.86 8.22 9.54
C ASN A 45 3.10 8.33 8.65
N LYS A 46 3.87 7.25 8.61
CA LYS A 46 5.08 7.22 7.81
C LYS A 46 4.96 6.12 6.76
N ALA A 47 3.79 6.06 6.13
CA ALA A 47 3.54 5.05 5.10
C ALA A 47 2.88 5.72 3.90
N SER A 48 3.06 5.09 2.74
CA SER A 48 2.48 5.61 1.51
C SER A 48 1.17 4.89 1.21
N LEU A 49 1.09 3.65 1.66
CA LEU A 49 -0.10 2.85 1.44
C LEU A 49 -0.25 1.84 2.59
N CYS A 50 -1.48 1.38 2.77
CA CYS A 50 -1.76 0.41 3.82
C CYS A 50 -2.42 -0.82 3.18
N ILE A 51 -2.10 -1.97 3.75
CA ILE A 51 -2.65 -3.22 3.24
C ILE A 51 -3.27 -4.00 4.40
N SER A 52 -4.58 -3.83 4.56
CA SER A 52 -5.30 -4.51 5.62
C SER A 52 -6.51 -5.26 5.03
N THR A 53 -7.33 -5.77 5.93
CA THR A 53 -8.51 -6.50 5.53
C THR A 53 -9.77 -5.68 5.81
N LYS A 54 -10.85 -6.07 5.14
CA LYS A 54 -12.12 -5.38 5.32
C LYS A 54 -12.53 -5.43 6.78
N LYS A 55 -12.31 -6.59 7.39
CA LYS A 55 -12.64 -6.78 8.79
C LYS A 55 -11.99 -5.67 9.62
N GLU A 56 -10.69 -5.52 9.43
CA GLU A 56 -9.93 -4.51 10.15
C GLU A 56 -10.57 -3.13 9.95
N VAL A 57 -10.60 -2.71 8.70
CA VAL A 57 -11.17 -1.42 8.36
C VAL A 57 -12.53 -1.28 9.03
N GLU A 58 -13.25 -2.39 9.08
CA GLU A 58 -14.57 -2.41 9.70
C GLU A 58 -14.44 -2.38 11.22
N LYS A 59 -13.31 -2.88 11.70
CA LYS A 59 -13.06 -2.92 13.14
C LYS A 59 -12.60 -1.53 13.60
N MET A 60 -11.93 -0.84 12.71
CA MET A 60 -11.43 0.49 13.01
C MET A 60 -10.63 0.49 14.31
N ASN A 61 -9.58 -0.32 14.32
CA ASN A 61 -8.72 -0.43 15.49
C ASN A 61 -7.69 0.70 15.47
N LYS A 62 -7.02 0.86 16.59
CA LYS A 62 -6.01 1.91 16.71
C LYS A 62 -5.10 1.88 15.49
N LYS A 63 -4.66 0.68 15.15
CA LYS A 63 -3.79 0.49 14.00
C LYS A 63 -4.42 1.15 12.78
N MET A 64 -5.69 0.84 12.56
CA MET A 64 -6.42 1.39 11.44
C MET A 64 -6.60 2.91 11.59
N GLU A 65 -6.71 3.33 12.83
CA GLU A 65 -6.89 4.74 13.14
C GLU A 65 -5.74 5.55 12.54
N GLU A 66 -4.53 5.11 12.83
CA GLU A 66 -3.34 5.79 12.33
C GLU A 66 -3.44 5.98 10.82
N VAL A 67 -4.03 4.99 10.17
CA VAL A 67 -4.19 5.04 8.72
C VAL A 67 -5.31 6.02 8.37
N LYS A 68 -6.36 5.99 9.18
CA LYS A 68 -7.49 6.87 8.97
C LYS A 68 -7.06 8.33 9.19
N GLU A 69 -6.23 8.52 10.21
CA GLU A 69 -5.74 9.85 10.53
C GLU A 69 -4.85 10.37 9.40
N ALA A 70 -4.01 9.48 8.89
CA ALA A 70 -3.11 9.83 7.81
C ALA A 70 -3.82 9.66 6.46
N ASN A 71 -5.12 9.44 6.55
CA ASN A 71 -5.93 9.26 5.36
C ASN A 71 -5.16 8.40 4.36
N ILE A 72 -4.73 7.23 4.82
CA ILE A 72 -3.98 6.32 3.98
C ILE A 72 -4.93 5.24 3.45
N ARG A 73 -5.15 5.29 2.14
CA ARG A 73 -6.04 4.34 1.49
C ARG A 73 -5.63 2.91 1.87
N VAL A 74 -6.62 2.15 2.34
CA VAL A 74 -6.38 0.78 2.74
C VAL A 74 -6.85 -0.16 1.63
N VAL A 75 -5.88 -0.86 1.05
CA VAL A 75 -6.18 -1.79 -0.02
C VAL A 75 -5.92 -3.22 0.46
N SER A 76 -6.37 -4.18 -0.34
CA SER A 76 -6.20 -5.57 -0.01
C SER A 76 -4.79 -6.03 -0.41
N GLU A 77 -4.48 -7.26 -0.02
CA GLU A 77 -3.18 -7.83 -0.34
C GLU A 77 -3.10 -8.20 -1.82
N ASP A 78 -4.27 -8.44 -2.41
CA ASP A 78 -4.34 -8.79 -3.81
C ASP A 78 -3.60 -7.75 -4.63
N PHE A 79 -3.72 -6.50 -4.22
CA PHE A 79 -3.06 -5.42 -4.91
C PHE A 79 -1.63 -5.79 -5.29
N LEU A 80 -0.89 -6.24 -4.29
CA LEU A 80 0.50 -6.63 -4.50
C LEU A 80 0.57 -7.57 -5.71
N GLN A 81 -0.44 -8.42 -5.82
CA GLN A 81 -0.49 -9.36 -6.92
C GLN A 81 -0.91 -8.66 -8.21
N ASP A 82 -1.63 -7.56 -8.04
CA ASP A 82 -2.09 -6.79 -9.18
C ASP A 82 -0.97 -5.87 -9.65
N VAL A 83 -0.46 -5.07 -8.74
CA VAL A 83 0.61 -4.14 -9.05
C VAL A 83 1.78 -4.91 -9.69
N SER A 84 2.06 -6.07 -9.11
CA SER A 84 3.13 -6.92 -9.60
C SER A 84 2.67 -7.71 -10.82
N ALA A 85 1.35 -7.77 -10.98
CA ALA A 85 0.76 -8.49 -12.10
C ALA A 85 -0.37 -7.65 -12.69
N SER A 86 0.00 -6.47 -13.16
CA SER A 86 -0.96 -5.56 -13.77
C SER A 86 -0.27 -4.27 -14.21
N THR A 87 -0.58 -3.85 -15.42
CA THR A 87 0.00 -2.64 -15.96
C THR A 87 -1.03 -1.50 -15.96
N LYS A 88 -1.85 -1.50 -14.93
CA LYS A 88 -2.89 -0.48 -14.80
C LYS A 88 -2.35 0.67 -13.94
N SER A 89 -3.13 1.74 -13.88
CA SER A 89 -2.75 2.91 -13.11
C SER A 89 -2.90 2.62 -11.61
N LEU A 90 -1.95 3.13 -10.84
CA LEU A 90 -1.97 2.93 -9.41
C LEU A 90 -3.34 3.34 -8.85
N GLN A 91 -3.69 4.59 -9.10
CA GLN A 91 -4.97 5.11 -8.64
C GLN A 91 -6.06 4.05 -8.78
N GLU A 92 -6.13 3.47 -9.97
CA GLU A 92 -7.11 2.45 -10.25
C GLU A 92 -6.94 1.27 -9.28
N LEU A 93 -5.81 0.60 -9.41
CA LEU A 93 -5.52 -0.55 -8.56
C LEU A 93 -6.03 -0.26 -7.15
N PHE A 94 -5.58 0.86 -6.61
CA PHE A 94 -5.97 1.26 -5.27
C PHE A 94 -7.50 1.24 -5.12
N LEU A 95 -8.16 1.85 -6.08
CA LEU A 95 -9.61 1.92 -6.07
C LEU A 95 -10.18 0.50 -6.23
N ALA A 96 -9.79 -0.13 -7.33
CA ALA A 96 -10.25 -1.47 -7.63
C ALA A 96 -9.85 -2.41 -6.49
N HIS A 97 -8.93 -1.92 -5.66
CA HIS A 97 -8.45 -2.69 -4.53
C HIS A 97 -8.54 -1.84 -3.26
N ILE A 98 -9.58 -1.03 -3.20
CA ILE A 98 -9.79 -0.17 -2.05
C ILE A 98 -10.65 -0.90 -1.01
N LEU A 99 -10.12 -1.01 0.18
CA LEU A 99 -10.81 -1.68 1.27
C LEU A 99 -11.48 -0.63 2.16
N SER A 100 -10.96 0.59 2.09
CA SER A 100 -11.49 1.68 2.88
C SER A 100 -12.20 2.69 1.98
N SER A 101 -12.84 3.66 2.62
CA SER A 101 -13.57 4.68 1.89
C SER A 101 -12.73 5.96 1.82
N TRP A 102 -11.71 6.00 2.65
CA TRP A 102 -10.82 7.15 2.71
C TRP A 102 -9.57 6.84 1.87
N GLY A 103 -8.54 7.65 2.08
CA GLY A 103 -7.29 7.46 1.36
C GLY A 103 -7.26 8.33 0.09
N ALA A 104 -7.27 9.63 0.32
CA ALA A 104 -7.24 10.59 -0.78
C ALA A 104 -6.36 11.78 -0.40
N GLU A 105 -6.38 12.79 -1.26
CA GLU A 105 -5.61 13.99 -1.01
C GLU A 105 -6.05 14.67 0.27
N VAL A 106 -5.08 15.20 1.01
CA VAL A 106 -5.36 15.87 2.26
C VAL A 106 -4.07 16.45 2.82
N LYS A 107 -4.24 17.47 3.66
CA LYS A 107 -3.09 18.13 4.27
C LYS A 107 -2.60 17.31 5.47
N SER A 108 -1.42 17.65 5.95
CA SER A 108 -0.85 16.95 7.08
C SER A 108 -0.34 15.57 6.65
N GLY A 109 0.98 15.48 6.53
CA GLY A 109 1.60 14.22 6.13
C GLY A 109 3.04 14.13 6.64
N PRO A 110 3.77 13.10 6.12
CA PRO A 110 5.15 12.89 6.53
C PRO A 110 6.07 13.92 5.86
N SER A 111 7.35 13.82 6.19
CA SER A 111 8.34 14.72 5.63
C SER A 111 9.74 14.32 6.09
N SER A 112 10.35 13.41 5.35
CA SER A 112 11.68 12.94 5.68
C SER A 112 11.66 12.22 7.02
N GLY A 113 12.35 11.09 7.07
CA GLY A 113 12.42 10.30 8.28
C GLY A 113 11.55 9.04 8.17
N GLY A 1 20.82 7.87 -0.96
CA GLY A 1 22.13 7.77 -1.55
C GLY A 1 22.05 7.43 -3.04
N SER A 2 23.21 7.22 -3.64
CA SER A 2 23.28 6.88 -5.05
C SER A 2 22.65 5.51 -5.30
N SER A 3 21.83 5.45 -6.33
CA SER A 3 21.16 4.20 -6.68
C SER A 3 21.07 4.06 -8.20
N GLY A 4 20.81 2.85 -8.64
CA GLY A 4 20.71 2.56 -10.05
C GLY A 4 19.57 1.58 -10.34
N SER A 5 19.63 0.97 -11.52
CA SER A 5 18.62 0.01 -11.92
C SER A 5 17.26 0.70 -12.05
N SER A 6 16.45 0.17 -12.96
CA SER A 6 15.13 0.73 -13.20
C SER A 6 14.33 -0.21 -14.11
N GLY A 7 13.26 -0.75 -13.55
CA GLY A 7 12.41 -1.66 -14.30
C GLY A 7 10.94 -1.49 -13.89
N ASP A 8 10.33 -2.60 -13.53
CA ASP A 8 8.93 -2.58 -13.12
C ASP A 8 8.85 -2.38 -11.62
N LYS A 9 8.86 -1.12 -11.22
CA LYS A 9 8.78 -0.78 -9.80
C LYS A 9 7.66 0.23 -9.58
N PRO A 10 6.45 -0.32 -9.27
CA PRO A 10 5.29 0.52 -9.03
C PRO A 10 5.37 1.20 -7.67
N LEU A 11 5.65 0.39 -6.67
CA LEU A 11 5.76 0.90 -5.30
C LEU A 11 7.13 1.54 -5.12
N SER A 12 7.93 1.49 -6.17
CA SER A 12 9.27 2.06 -6.13
C SER A 12 9.20 3.49 -5.58
N ASN A 13 9.70 3.64 -4.37
CA ASN A 13 9.71 4.94 -3.71
C ASN A 13 8.36 5.17 -3.04
N MET A 14 8.00 4.23 -2.18
CA MET A 14 6.74 4.32 -1.45
C MET A 14 6.70 3.34 -0.28
N LYS A 15 6.37 3.87 0.89
CA LYS A 15 6.30 3.05 2.09
C LYS A 15 4.90 2.46 2.21
N ILE A 16 4.83 1.15 2.23
CA ILE A 16 3.57 0.44 2.36
C ILE A 16 3.42 -0.11 3.77
N LEU A 17 2.21 0.04 4.31
CA LEU A 17 1.93 -0.44 5.65
C LEU A 17 1.03 -1.67 5.57
N THR A 18 0.98 -2.41 6.67
CA THR A 18 0.17 -3.61 6.74
C THR A 18 -0.51 -3.72 8.11
N LEU A 19 -1.69 -4.32 8.10
CA LEU A 19 -2.45 -4.49 9.33
C LEU A 19 -3.18 -5.83 9.28
N GLY A 20 -3.29 -6.46 10.45
CA GLY A 20 -3.96 -7.74 10.55
C GLY A 20 -3.13 -8.85 9.92
N LYS A 21 -3.83 -9.84 9.38
CA LYS A 21 -3.17 -10.97 8.74
C LYS A 21 -3.65 -11.08 7.30
N LEU A 22 -2.69 -11.10 6.38
CA LEU A 22 -3.00 -11.20 4.97
C LEU A 22 -2.80 -12.64 4.51
N SER A 23 -3.27 -12.93 3.31
CA SER A 23 -3.16 -14.26 2.76
C SER A 23 -1.71 -14.76 2.88
N ARG A 24 -0.78 -13.88 2.51
CA ARG A 24 0.63 -14.22 2.58
C ARG A 24 1.20 -13.85 3.95
N ASN A 25 2.45 -14.19 4.14
CA ASN A 25 3.13 -13.90 5.41
C ASN A 25 3.77 -12.52 5.32
N LYS A 26 3.87 -11.88 6.49
CA LYS A 26 4.46 -10.55 6.56
C LYS A 26 5.68 -10.49 5.65
N ASP A 27 6.65 -11.33 5.97
CA ASP A 27 7.88 -11.37 5.19
C ASP A 27 7.54 -11.38 3.69
N GLU A 28 6.89 -12.45 3.28
CA GLU A 28 6.49 -12.59 1.89
C GLU A 28 6.01 -11.25 1.33
N VAL A 29 5.26 -10.53 2.16
CA VAL A 29 4.74 -9.24 1.77
C VAL A 29 5.87 -8.21 1.80
N LYS A 30 6.53 -8.14 2.94
CA LYS A 30 7.63 -7.20 3.12
C LYS A 30 8.59 -7.31 1.93
N ALA A 31 8.65 -8.51 1.37
CA ALA A 31 9.51 -8.77 0.23
C ALA A 31 8.87 -8.15 -1.02
N MET A 32 7.60 -8.42 -1.19
CA MET A 32 6.86 -7.91 -2.34
C MET A 32 6.97 -6.39 -2.42
N ILE A 33 6.36 -5.72 -1.46
CA ILE A 33 6.39 -4.27 -1.40
C ILE A 33 7.78 -3.77 -1.79
N GLU A 34 8.77 -4.59 -1.46
CA GLU A 34 10.15 -4.25 -1.76
C GLU A 34 10.48 -4.60 -3.22
N LYS A 35 10.05 -5.80 -3.61
CA LYS A 35 10.30 -6.26 -4.96
C LYS A 35 9.69 -5.27 -5.96
N LEU A 36 8.59 -4.68 -5.55
CA LEU A 36 7.90 -3.71 -6.40
C LEU A 36 8.64 -2.38 -6.34
N GLY A 37 9.59 -2.31 -5.41
CA GLY A 37 10.38 -1.09 -5.25
C GLY A 37 10.01 -0.38 -3.95
N GLY A 38 8.80 -0.65 -3.48
CA GLY A 38 8.31 -0.04 -2.26
C GLY A 38 9.14 -0.50 -1.05
N LYS A 39 8.56 -0.30 0.12
CA LYS A 39 9.23 -0.69 1.36
C LYS A 39 8.20 -0.78 2.48
N LEU A 40 8.24 -1.90 3.19
CA LEU A 40 7.31 -2.12 4.28
C LEU A 40 7.74 -1.27 5.48
N THR A 41 6.75 -0.65 6.11
CA THR A 41 7.00 0.20 7.26
C THR A 41 6.18 -0.27 8.46
N GLY A 42 6.49 0.31 9.61
CA GLY A 42 5.79 -0.05 10.83
C GLY A 42 4.74 1.01 11.20
N THR A 43 5.14 2.26 11.00
CA THR A 43 4.25 3.37 11.31
C THR A 43 3.26 3.59 10.16
N ALA A 44 2.05 4.00 10.53
CA ALA A 44 1.01 4.24 9.55
C ALA A 44 1.11 5.68 9.05
N ASN A 45 1.29 6.59 10.00
CA ASN A 45 1.40 8.00 9.67
C ASN A 45 2.69 8.23 8.89
N LYS A 46 3.52 7.21 8.87
CA LYS A 46 4.79 7.28 8.16
C LYS A 46 4.79 6.28 7.01
N ALA A 47 3.63 6.14 6.38
CA ALA A 47 3.49 5.22 5.27
C ALA A 47 2.76 5.92 4.12
N SER A 48 2.98 5.41 2.92
CA SER A 48 2.35 5.98 1.74
C SER A 48 1.06 5.23 1.43
N LEU A 49 1.05 3.96 1.79
CA LEU A 49 -0.13 3.12 1.56
C LEU A 49 -0.28 2.13 2.72
N CYS A 50 -1.50 1.61 2.85
CA CYS A 50 -1.78 0.66 3.91
C CYS A 50 -2.41 -0.58 3.28
N ILE A 51 -1.94 -1.74 3.72
CA ILE A 51 -2.43 -2.99 3.21
C ILE A 51 -3.04 -3.81 4.36
N SER A 52 -4.36 -3.66 4.51
CA SER A 52 -5.07 -4.36 5.56
C SER A 52 -6.25 -5.13 4.96
N THR A 53 -7.08 -5.67 5.85
CA THR A 53 -8.24 -6.43 5.42
C THR A 53 -9.52 -5.67 5.75
N LYS A 54 -10.62 -6.19 5.23
CA LYS A 54 -11.92 -5.57 5.45
C LYS A 54 -12.22 -5.55 6.96
N LYS A 55 -12.03 -6.70 7.58
CA LYS A 55 -12.27 -6.84 9.00
C LYS A 55 -11.62 -5.66 9.74
N GLU A 56 -10.30 -5.64 9.71
CA GLU A 56 -9.55 -4.58 10.36
C GLU A 56 -10.24 -3.24 10.15
N VAL A 57 -10.31 -2.82 8.89
CA VAL A 57 -10.95 -1.56 8.55
C VAL A 57 -12.30 -1.48 9.24
N GLU A 58 -13.02 -2.60 9.22
CA GLU A 58 -14.33 -2.65 9.84
C GLU A 58 -14.21 -2.55 11.35
N LYS A 59 -13.05 -2.96 11.85
CA LYS A 59 -12.80 -2.91 13.28
C LYS A 59 -12.36 -1.51 13.68
N MET A 60 -11.70 -0.83 12.74
CA MET A 60 -11.23 0.52 12.98
C MET A 60 -10.42 0.60 14.28
N ASN A 61 -9.38 -0.22 14.33
CA ASN A 61 -8.52 -0.26 15.50
C ASN A 61 -7.48 0.86 15.39
N LYS A 62 -6.80 1.10 16.50
CA LYS A 62 -5.78 2.12 16.54
C LYS A 62 -4.90 2.02 15.30
N LYS A 63 -4.34 0.82 15.11
CA LYS A 63 -3.48 0.57 13.97
C LYS A 63 -4.14 1.12 12.70
N MET A 64 -5.47 1.07 12.69
CA MET A 64 -6.23 1.55 11.55
C MET A 64 -6.54 3.05 11.71
N GLU A 65 -6.56 3.49 12.96
CA GLU A 65 -6.84 4.89 13.25
C GLU A 65 -5.70 5.77 12.74
N GLU A 66 -4.49 5.27 12.89
CA GLU A 66 -3.31 6.00 12.46
C GLU A 66 -3.32 6.17 10.95
N VAL A 67 -3.91 5.19 10.29
CA VAL A 67 -3.99 5.21 8.83
C VAL A 67 -5.15 6.11 8.40
N LYS A 68 -6.17 6.16 9.25
CA LYS A 68 -7.34 6.98 8.97
C LYS A 68 -6.98 8.45 9.16
N GLU A 69 -6.32 8.73 10.27
CA GLU A 69 -5.91 10.08 10.59
C GLU A 69 -5.08 10.67 9.45
N ALA A 70 -4.15 9.86 8.97
CA ALA A 70 -3.28 10.27 7.88
C ALA A 70 -4.01 10.08 6.55
N ASN A 71 -5.26 9.69 6.64
CA ASN A 71 -6.07 9.46 5.47
C ASN A 71 -5.28 8.63 4.45
N ILE A 72 -4.81 7.49 4.91
CA ILE A 72 -4.03 6.60 4.06
C ILE A 72 -4.94 5.50 3.52
N ARG A 73 -5.17 5.55 2.22
CA ARG A 73 -6.01 4.56 1.57
C ARG A 73 -5.60 3.15 1.98
N VAL A 74 -6.58 2.41 2.49
CA VAL A 74 -6.33 1.05 2.93
C VAL A 74 -6.78 0.07 1.85
N VAL A 75 -5.80 -0.63 1.28
CA VAL A 75 -6.08 -1.60 0.24
C VAL A 75 -5.76 -3.00 0.74
N SER A 76 -6.05 -3.98 -0.11
CA SER A 76 -5.80 -5.37 0.24
C SER A 76 -4.47 -5.82 -0.34
N GLU A 77 -4.19 -7.10 -0.19
CA GLU A 77 -2.96 -7.67 -0.70
C GLU A 77 -3.03 -7.84 -2.22
N ASP A 78 -4.22 -8.17 -2.68
CA ASP A 78 -4.44 -8.36 -4.11
C ASP A 78 -3.70 -7.27 -4.88
N PHE A 79 -3.91 -6.04 -4.46
CA PHE A 79 -3.27 -4.90 -5.10
C PHE A 79 -1.84 -5.24 -5.50
N LEU A 80 -1.18 -5.99 -4.64
CA LEU A 80 0.20 -6.39 -4.88
C LEU A 80 0.25 -7.34 -6.07
N GLN A 81 -0.58 -8.38 -6.00
CA GLN A 81 -0.65 -9.35 -7.07
C GLN A 81 -1.00 -8.67 -8.39
N ASP A 82 -1.66 -7.54 -8.28
CA ASP A 82 -2.07 -6.79 -9.46
C ASP A 82 -0.92 -5.89 -9.91
N VAL A 83 -0.49 -5.03 -9.00
CA VAL A 83 0.61 -4.11 -9.28
C VAL A 83 1.75 -4.88 -9.95
N SER A 84 1.92 -6.11 -9.50
CA SER A 84 2.97 -6.97 -10.04
C SER A 84 2.53 -7.56 -11.39
N ALA A 85 1.25 -7.89 -11.45
CA ALA A 85 0.68 -8.46 -12.66
C ALA A 85 -0.60 -7.71 -13.03
N SER A 86 -0.41 -6.48 -13.49
CA SER A 86 -1.53 -5.65 -13.88
C SER A 86 -1.12 -4.69 -14.99
N THR A 87 -1.94 -4.64 -16.03
CA THR A 87 -1.67 -3.76 -17.16
C THR A 87 -2.33 -2.40 -16.96
N LYS A 88 -2.86 -2.21 -15.75
CA LYS A 88 -3.52 -0.96 -15.42
C LYS A 88 -2.55 -0.05 -14.65
N SER A 89 -3.11 0.97 -14.04
CA SER A 89 -2.31 1.91 -13.27
C SER A 89 -2.62 1.78 -11.78
N LEU A 90 -1.62 2.07 -10.96
CA LEU A 90 -1.78 1.99 -9.52
C LEU A 90 -3.16 2.50 -9.13
N GLN A 91 -3.44 3.74 -9.53
CA GLN A 91 -4.72 4.36 -9.24
C GLN A 91 -5.84 3.32 -9.29
N GLU A 92 -5.74 2.45 -10.28
CA GLU A 92 -6.74 1.40 -10.47
C GLU A 92 -6.66 0.39 -9.31
N LEU A 93 -5.56 -0.35 -9.29
CA LEU A 93 -5.35 -1.35 -8.27
C LEU A 93 -5.92 -0.83 -6.94
N PHE A 94 -5.46 0.34 -6.56
CA PHE A 94 -5.91 0.96 -5.32
C PHE A 94 -7.43 0.90 -5.20
N LEU A 95 -8.10 1.47 -6.19
CA LEU A 95 -9.55 1.48 -6.20
C LEU A 95 -10.07 0.05 -6.43
N ALA A 96 -9.32 -0.69 -7.22
CA ALA A 96 -9.69 -2.06 -7.52
C ALA A 96 -9.34 -2.95 -6.32
N HIS A 97 -8.82 -2.32 -5.29
CA HIS A 97 -8.44 -3.04 -4.07
C HIS A 97 -8.54 -2.10 -2.87
N ILE A 98 -9.47 -1.16 -2.97
CA ILE A 98 -9.68 -0.20 -1.89
C ILE A 98 -10.59 -0.82 -0.84
N LEU A 99 -10.08 -0.87 0.38
CA LEU A 99 -10.83 -1.43 1.50
C LEU A 99 -11.45 -0.29 2.32
N SER A 100 -10.89 0.90 2.13
CA SER A 100 -11.37 2.06 2.84
C SER A 100 -12.01 3.05 1.87
N SER A 101 -12.80 3.96 2.42
CA SER A 101 -13.48 4.96 1.62
C SER A 101 -12.62 6.22 1.53
N TRP A 102 -11.70 6.35 2.47
CA TRP A 102 -10.82 7.50 2.51
C TRP A 102 -9.56 7.16 1.71
N GLY A 103 -8.52 7.95 1.94
CA GLY A 103 -7.26 7.74 1.25
C GLY A 103 -7.21 8.54 -0.06
N ALA A 104 -7.21 9.86 0.09
CA ALA A 104 -7.17 10.74 -1.06
C ALA A 104 -6.18 11.88 -0.79
N GLU A 105 -6.19 12.85 -1.69
CA GLU A 105 -5.31 13.99 -1.56
C GLU A 105 -5.43 14.61 -0.17
N VAL A 106 -4.28 14.81 0.47
CA VAL A 106 -4.26 15.38 1.80
C VAL A 106 -2.80 15.64 2.21
N LYS A 107 -2.66 16.32 3.33
CA LYS A 107 -1.33 16.64 3.84
C LYS A 107 -0.41 15.43 3.65
N SER A 108 -0.77 14.35 4.35
CA SER A 108 0.00 13.12 4.27
C SER A 108 1.49 13.45 4.23
N GLY A 109 2.03 13.77 5.40
CA GLY A 109 3.43 14.10 5.52
C GLY A 109 3.91 14.93 4.32
N PRO A 110 5.18 14.68 3.92
CA PRO A 110 5.77 15.39 2.79
C PRO A 110 5.21 14.87 1.47
N SER A 111 5.33 13.56 1.29
CA SER A 111 4.84 12.93 0.07
C SER A 111 5.65 13.41 -1.13
N SER A 112 6.02 12.47 -1.98
CA SER A 112 6.79 12.78 -3.17
C SER A 112 8.12 13.43 -2.78
N GLY A 113 9.11 13.23 -3.64
CA GLY A 113 10.43 13.79 -3.39
C GLY A 113 11.14 14.12 -4.70
#